data_1I39
# 
_entry.id   1I39 
# 
_audit_conform.dict_name       mmcif_pdbx.dic 
_audit_conform.dict_version    5.399 
_audit_conform.dict_location   http://mmcif.pdb.org/dictionaries/ascii/mmcif_pdbx.dic 
# 
loop_
_database_2.database_id 
_database_2.database_code 
_database_2.pdbx_database_accession 
_database_2.pdbx_DOI 
PDB   1I39         pdb_00001i39 10.2210/pdb1i39/pdb 
RCSB  RCSB012848   ?            ?                   
WWPDB D_1000012848 ?            ?                   
# 
loop_
_pdbx_audit_revision_history.ordinal 
_pdbx_audit_revision_history.data_content_type 
_pdbx_audit_revision_history.major_revision 
_pdbx_audit_revision_history.minor_revision 
_pdbx_audit_revision_history.revision_date 
1 'Structure model' 1 0 2001-04-11 
2 'Structure model' 1 1 2008-04-27 
3 'Structure model' 1 2 2011-07-13 
4 'Structure model' 1 3 2024-04-03 
5 'Structure model' 1 4 2024-11-20 
# 
_pdbx_audit_revision_details.ordinal             1 
_pdbx_audit_revision_details.revision_ordinal    1 
_pdbx_audit_revision_details.data_content_type   'Structure model' 
_pdbx_audit_revision_details.provider            repository 
_pdbx_audit_revision_details.type                'Initial release' 
_pdbx_audit_revision_details.description         ? 
_pdbx_audit_revision_details.details             ? 
# 
loop_
_pdbx_audit_revision_group.ordinal 
_pdbx_audit_revision_group.revision_ordinal 
_pdbx_audit_revision_group.data_content_type 
_pdbx_audit_revision_group.group 
1 2 'Structure model' 'Version format compliance' 
2 3 'Structure model' 'Version format compliance' 
3 4 'Structure model' 'Data collection'           
4 4 'Structure model' 'Database references'       
5 4 'Structure model' 'Refinement description'    
6 5 'Structure model' 'Structure summary'         
# 
loop_
_pdbx_audit_revision_category.ordinal 
_pdbx_audit_revision_category.revision_ordinal 
_pdbx_audit_revision_category.data_content_type 
_pdbx_audit_revision_category.category 
1 4 'Structure model' chem_comp_atom                
2 4 'Structure model' chem_comp_bond                
3 4 'Structure model' database_2                    
4 4 'Structure model' pdbx_initial_refinement_model 
5 5 'Structure model' pdbx_entry_details            
6 5 'Structure model' pdbx_modification_feature     
# 
loop_
_pdbx_audit_revision_item.ordinal 
_pdbx_audit_revision_item.revision_ordinal 
_pdbx_audit_revision_item.data_content_type 
_pdbx_audit_revision_item.item 
1 4 'Structure model' '_database_2.pdbx_DOI'                
2 4 'Structure model' '_database_2.pdbx_database_accession' 
# 
_pdbx_database_status.status_code                     REL 
_pdbx_database_status.entry_id                        1I39 
_pdbx_database_status.recvd_initial_deposition_date   2001-02-13 
_pdbx_database_status.deposit_site                    RCSB 
_pdbx_database_status.process_site                    RCSB 
_pdbx_database_status.status_code_sf                  REL 
_pdbx_database_status.SG_entry                        . 
_pdbx_database_status.pdb_format_compatible           Y 
_pdbx_database_status.status_code_mr                  ? 
_pdbx_database_status.status_code_cs                  ? 
_pdbx_database_status.status_code_nmr_data            ? 
_pdbx_database_status.methods_development_category    ? 
# 
loop_
_audit_author.name 
_audit_author.pdbx_ordinal 
'Chapados, B.R.' 1 
'Chai, Q.'       2 
'Hosfield, D.J.' 3 
'Qiu, J.'        4 
'Shen, B.'       5 
'Tainer, J.A.'   6 
# 
_citation.id                        primary 
_citation.title                     
'Structural biochemistry of a type 2 RNase H: RNA primer recognition and removal during DNA replication.' 
_citation.journal_abbrev            J.Mol.Biol. 
_citation.journal_volume            307 
_citation.page_first                541 
_citation.page_last                 556 
_citation.year                      2001 
_citation.journal_id_ASTM           JMOBAK 
_citation.country                   UK 
_citation.journal_id_ISSN           0022-2836 
_citation.journal_id_CSD            0070 
_citation.book_publisher            ? 
_citation.pdbx_database_id_PubMed   11254381 
_citation.pdbx_database_id_DOI      10.1006/jmbi.2001.4494 
# 
loop_
_citation_author.citation_id 
_citation_author.name 
_citation_author.ordinal 
_citation_author.identifier_ORCID 
primary 'Chapados, B.R.' 1 ? 
primary 'Chai, Q.'       2 ? 
primary 'Hosfield, D.J.' 3 ? 
primary 'Qiu, J.'        4 ? 
primary 'Shen, B.'       5 ? 
primary 'Tainer, J.A.'   6 ? 
# 
loop_
_entity.id 
_entity.type 
_entity.src_method 
_entity.pdbx_description 
_entity.formula_weight 
_entity.pdbx_number_of_molecules 
_entity.pdbx_ec 
_entity.pdbx_mutation 
_entity.pdbx_fragment 
_entity.details 
1 polymer man 'RIBONUCLEASE HII' 25393.240 1   3.1.26.4 ? ? ? 
2 water   nat water              18.015    145 ?        ? ? ? 
# 
_entity_name_com.entity_id   1 
_entity_name_com.name        'RNASE HII' 
# 
_entity_poly.entity_id                      1 
_entity_poly.type                           'polypeptide(L)' 
_entity_poly.nstd_linkage                   no 
_entity_poly.nstd_monomer                   no 
_entity_poly.pdbx_seq_one_letter_code       
;MGSSHHHHHHSSGLVPRGSHMKAGIDEAGKGCVIGPLVVAGVACSDEDRLRKLGVKDSKKLSQGRREELAEEIRKICRTE
VLKVSPENLDERMAAKTINEILKECYAEIILRLKPEIAYVDSPDVIPERLSRELEEITGLRVVAEHKADEKYPLVAAASI
IAKVEREREIERLKEKFGDFGSGYASDPRTREVLKEWIASGRIPSCVRMRWKTVSNLRQKTLDDF
;
_entity_poly.pdbx_seq_one_letter_code_can   
;MGSSHHHHHHSSGLVPRGSHMKAGIDEAGKGCVIGPLVVAGVACSDEDRLRKLGVKDSKKLSQGRREELAEEIRKICRTE
VLKVSPENLDERMAAKTINEILKECYAEIILRLKPEIAYVDSPDVIPERLSRELEEITGLRVVAEHKADEKYPLVAAASI
IAKVEREREIERLKEKFGDFGSGYASDPRTREVLKEWIASGRIPSCVRMRWKTVSNLRQKTLDDF
;
_entity_poly.pdbx_strand_id                 A 
_entity_poly.pdbx_target_identifier         ? 
# 
_pdbx_entity_nonpoly.entity_id   2 
_pdbx_entity_nonpoly.name        water 
_pdbx_entity_nonpoly.comp_id     HOH 
# 
loop_
_entity_poly_seq.entity_id 
_entity_poly_seq.num 
_entity_poly_seq.mon_id 
_entity_poly_seq.hetero 
1 1   MET n 
1 2   GLY n 
1 3   SER n 
1 4   SER n 
1 5   HIS n 
1 6   HIS n 
1 7   HIS n 
1 8   HIS n 
1 9   HIS n 
1 10  HIS n 
1 11  SER n 
1 12  SER n 
1 13  GLY n 
1 14  LEU n 
1 15  VAL n 
1 16  PRO n 
1 17  ARG n 
1 18  GLY n 
1 19  SER n 
1 20  HIS n 
1 21  MET n 
1 22  LYS n 
1 23  ALA n 
1 24  GLY n 
1 25  ILE n 
1 26  ASP n 
1 27  GLU n 
1 28  ALA n 
1 29  GLY n 
1 30  LYS n 
1 31  GLY n 
1 32  CYS n 
1 33  VAL n 
1 34  ILE n 
1 35  GLY n 
1 36  PRO n 
1 37  LEU n 
1 38  VAL n 
1 39  VAL n 
1 40  ALA n 
1 41  GLY n 
1 42  VAL n 
1 43  ALA n 
1 44  CYS n 
1 45  SER n 
1 46  ASP n 
1 47  GLU n 
1 48  ASP n 
1 49  ARG n 
1 50  LEU n 
1 51  ARG n 
1 52  LYS n 
1 53  LEU n 
1 54  GLY n 
1 55  VAL n 
1 56  LYS n 
1 57  ASP n 
1 58  SER n 
1 59  LYS n 
1 60  LYS n 
1 61  LEU n 
1 62  SER n 
1 63  GLN n 
1 64  GLY n 
1 65  ARG n 
1 66  ARG n 
1 67  GLU n 
1 68  GLU n 
1 69  LEU n 
1 70  ALA n 
1 71  GLU n 
1 72  GLU n 
1 73  ILE n 
1 74  ARG n 
1 75  LYS n 
1 76  ILE n 
1 77  CYS n 
1 78  ARG n 
1 79  THR n 
1 80  GLU n 
1 81  VAL n 
1 82  LEU n 
1 83  LYS n 
1 84  VAL n 
1 85  SER n 
1 86  PRO n 
1 87  GLU n 
1 88  ASN n 
1 89  LEU n 
1 90  ASP n 
1 91  GLU n 
1 92  ARG n 
1 93  MET n 
1 94  ALA n 
1 95  ALA n 
1 96  LYS n 
1 97  THR n 
1 98  ILE n 
1 99  ASN n 
1 100 GLU n 
1 101 ILE n 
1 102 LEU n 
1 103 LYS n 
1 104 GLU n 
1 105 CYS n 
1 106 TYR n 
1 107 ALA n 
1 108 GLU n 
1 109 ILE n 
1 110 ILE n 
1 111 LEU n 
1 112 ARG n 
1 113 LEU n 
1 114 LYS n 
1 115 PRO n 
1 116 GLU n 
1 117 ILE n 
1 118 ALA n 
1 119 TYR n 
1 120 VAL n 
1 121 ASP n 
1 122 SER n 
1 123 PRO n 
1 124 ASP n 
1 125 VAL n 
1 126 ILE n 
1 127 PRO n 
1 128 GLU n 
1 129 ARG n 
1 130 LEU n 
1 131 SER n 
1 132 ARG n 
1 133 GLU n 
1 134 LEU n 
1 135 GLU n 
1 136 GLU n 
1 137 ILE n 
1 138 THR n 
1 139 GLY n 
1 140 LEU n 
1 141 ARG n 
1 142 VAL n 
1 143 VAL n 
1 144 ALA n 
1 145 GLU n 
1 146 HIS n 
1 147 LYS n 
1 148 ALA n 
1 149 ASP n 
1 150 GLU n 
1 151 LYS n 
1 152 TYR n 
1 153 PRO n 
1 154 LEU n 
1 155 VAL n 
1 156 ALA n 
1 157 ALA n 
1 158 ALA n 
1 159 SER n 
1 160 ILE n 
1 161 ILE n 
1 162 ALA n 
1 163 LYS n 
1 164 VAL n 
1 165 GLU n 
1 166 ARG n 
1 167 GLU n 
1 168 ARG n 
1 169 GLU n 
1 170 ILE n 
1 171 GLU n 
1 172 ARG n 
1 173 LEU n 
1 174 LYS n 
1 175 GLU n 
1 176 LYS n 
1 177 PHE n 
1 178 GLY n 
1 179 ASP n 
1 180 PHE n 
1 181 GLY n 
1 182 SER n 
1 183 GLY n 
1 184 TYR n 
1 185 ALA n 
1 186 SER n 
1 187 ASP n 
1 188 PRO n 
1 189 ARG n 
1 190 THR n 
1 191 ARG n 
1 192 GLU n 
1 193 VAL n 
1 194 LEU n 
1 195 LYS n 
1 196 GLU n 
1 197 TRP n 
1 198 ILE n 
1 199 ALA n 
1 200 SER n 
1 201 GLY n 
1 202 ARG n 
1 203 ILE n 
1 204 PRO n 
1 205 SER n 
1 206 CYS n 
1 207 VAL n 
1 208 ARG n 
1 209 MET n 
1 210 ARG n 
1 211 TRP n 
1 212 LYS n 
1 213 THR n 
1 214 VAL n 
1 215 SER n 
1 216 ASN n 
1 217 LEU n 
1 218 ARG n 
1 219 GLN n 
1 220 LYS n 
1 221 THR n 
1 222 LEU n 
1 223 ASP n 
1 224 ASP n 
1 225 PHE n 
# 
_entity_src_gen.entity_id                          1 
_entity_src_gen.pdbx_src_id                        1 
_entity_src_gen.pdbx_alt_source_flag               sample 
_entity_src_gen.pdbx_seq_type                      ? 
_entity_src_gen.pdbx_beg_seq_num                   ? 
_entity_src_gen.pdbx_end_seq_num                   ? 
_entity_src_gen.gene_src_common_name               ? 
_entity_src_gen.gene_src_genus                     Archaeoglobus 
_entity_src_gen.pdbx_gene_src_gene                 RNHB 
_entity_src_gen.gene_src_species                   ? 
_entity_src_gen.gene_src_strain                    ? 
_entity_src_gen.gene_src_tissue                    ? 
_entity_src_gen.gene_src_tissue_fraction           ? 
_entity_src_gen.gene_src_details                   ? 
_entity_src_gen.pdbx_gene_src_fragment             ? 
_entity_src_gen.pdbx_gene_src_scientific_name      'Archaeoglobus fulgidus' 
_entity_src_gen.pdbx_gene_src_ncbi_taxonomy_id     2234 
_entity_src_gen.pdbx_gene_src_variant              ? 
_entity_src_gen.pdbx_gene_src_cell_line            ? 
_entity_src_gen.pdbx_gene_src_atcc                 ? 
_entity_src_gen.pdbx_gene_src_organ                ? 
_entity_src_gen.pdbx_gene_src_organelle            ? 
_entity_src_gen.pdbx_gene_src_cell                 ? 
_entity_src_gen.pdbx_gene_src_cellular_location    ? 
_entity_src_gen.host_org_common_name               ? 
_entity_src_gen.pdbx_host_org_scientific_name      'Escherichia coli BL21(DE3)' 
_entity_src_gen.pdbx_host_org_ncbi_taxonomy_id     469008 
_entity_src_gen.host_org_genus                     Escherichia 
_entity_src_gen.pdbx_host_org_gene                 ? 
_entity_src_gen.pdbx_host_org_organ                ? 
_entity_src_gen.host_org_species                   'Escherichia coli' 
_entity_src_gen.pdbx_host_org_tissue               ? 
_entity_src_gen.pdbx_host_org_tissue_fraction      ? 
_entity_src_gen.pdbx_host_org_strain               'BL21(DE3)' 
_entity_src_gen.pdbx_host_org_variant              ? 
_entity_src_gen.pdbx_host_org_cell_line            ? 
_entity_src_gen.pdbx_host_org_atcc                 ? 
_entity_src_gen.pdbx_host_org_culture_collection   ? 
_entity_src_gen.pdbx_host_org_cell                 ? 
_entity_src_gen.pdbx_host_org_organelle            ? 
_entity_src_gen.pdbx_host_org_cellular_location    ? 
_entity_src_gen.pdbx_host_org_vector_type          PLASMID 
_entity_src_gen.pdbx_host_org_vector               ? 
_entity_src_gen.host_org_details                   ? 
_entity_src_gen.expression_system_id               ? 
_entity_src_gen.plasmid_name                       PET28B 
_entity_src_gen.plasmid_details                    ? 
_entity_src_gen.pdbx_description                   ? 
# 
loop_
_chem_comp.id 
_chem_comp.type 
_chem_comp.mon_nstd_flag 
_chem_comp.name 
_chem_comp.pdbx_synonyms 
_chem_comp.formula 
_chem_comp.formula_weight 
ALA 'L-peptide linking' y ALANINE         ? 'C3 H7 N O2'     89.093  
ARG 'L-peptide linking' y ARGININE        ? 'C6 H15 N4 O2 1' 175.209 
ASN 'L-peptide linking' y ASPARAGINE      ? 'C4 H8 N2 O3'    132.118 
ASP 'L-peptide linking' y 'ASPARTIC ACID' ? 'C4 H7 N O4'     133.103 
CYS 'L-peptide linking' y CYSTEINE        ? 'C3 H7 N O2 S'   121.158 
GLN 'L-peptide linking' y GLUTAMINE       ? 'C5 H10 N2 O3'   146.144 
GLU 'L-peptide linking' y 'GLUTAMIC ACID' ? 'C5 H9 N O4'     147.129 
GLY 'peptide linking'   y GLYCINE         ? 'C2 H5 N O2'     75.067  
HIS 'L-peptide linking' y HISTIDINE       ? 'C6 H10 N3 O2 1' 156.162 
HOH non-polymer         . WATER           ? 'H2 O'           18.015  
ILE 'L-peptide linking' y ISOLEUCINE      ? 'C6 H13 N O2'    131.173 
LEU 'L-peptide linking' y LEUCINE         ? 'C6 H13 N O2'    131.173 
LYS 'L-peptide linking' y LYSINE          ? 'C6 H15 N2 O2 1' 147.195 
MET 'L-peptide linking' y METHIONINE      ? 'C5 H11 N O2 S'  149.211 
PHE 'L-peptide linking' y PHENYLALANINE   ? 'C9 H11 N O2'    165.189 
PRO 'L-peptide linking' y PROLINE         ? 'C5 H9 N O2'     115.130 
SER 'L-peptide linking' y SERINE          ? 'C3 H7 N O3'     105.093 
THR 'L-peptide linking' y THREONINE       ? 'C4 H9 N O3'     119.119 
TRP 'L-peptide linking' y TRYPTOPHAN      ? 'C11 H12 N2 O2'  204.225 
TYR 'L-peptide linking' y TYROSINE        ? 'C9 H11 N O3'    181.189 
VAL 'L-peptide linking' y VALINE          ? 'C5 H11 N O2'    117.146 
# 
loop_
_pdbx_poly_seq_scheme.asym_id 
_pdbx_poly_seq_scheme.entity_id 
_pdbx_poly_seq_scheme.seq_id 
_pdbx_poly_seq_scheme.mon_id 
_pdbx_poly_seq_scheme.ndb_seq_num 
_pdbx_poly_seq_scheme.pdb_seq_num 
_pdbx_poly_seq_scheme.auth_seq_num 
_pdbx_poly_seq_scheme.pdb_mon_id 
_pdbx_poly_seq_scheme.auth_mon_id 
_pdbx_poly_seq_scheme.pdb_strand_id 
_pdbx_poly_seq_scheme.pdb_ins_code 
_pdbx_poly_seq_scheme.hetero 
A 1 1   MET 1   -19 ?   ?   ?   A . n 
A 1 2   GLY 2   -18 ?   ?   ?   A . n 
A 1 3   SER 3   -17 ?   ?   ?   A . n 
A 1 4   SER 4   -16 ?   ?   ?   A . n 
A 1 5   HIS 5   -15 ?   ?   ?   A . n 
A 1 6   HIS 6   -14 ?   ?   ?   A . n 
A 1 7   HIS 7   -13 ?   ?   ?   A . n 
A 1 8   HIS 8   -12 ?   ?   ?   A . n 
A 1 9   HIS 9   -11 ?   ?   ?   A . n 
A 1 10  HIS 10  -10 ?   ?   ?   A . n 
A 1 11  SER 11  -9  ?   ?   ?   A . n 
A 1 12  SER 12  -8  ?   ?   ?   A . n 
A 1 13  GLY 13  -7  ?   ?   ?   A . n 
A 1 14  LEU 14  -6  ?   ?   ?   A . n 
A 1 15  VAL 15  -5  ?   ?   ?   A . n 
A 1 16  PRO 16  -4  ?   ?   ?   A . n 
A 1 17  ARG 17  -3  ?   ?   ?   A . n 
A 1 18  GLY 18  -2  ?   ?   ?   A . n 
A 1 19  SER 19  -1  ?   ?   ?   A . n 
A 1 20  HIS 20  0   ?   ?   ?   A . n 
A 1 21  MET 21  1   1   MET MET A . n 
A 1 22  LYS 22  2   2   LYS LYS A . n 
A 1 23  ALA 23  3   3   ALA ALA A . n 
A 1 24  GLY 24  4   4   GLY GLY A . n 
A 1 25  ILE 25  5   5   ILE ILE A . n 
A 1 26  ASP 26  6   6   ASP ASP A . n 
A 1 27  GLU 27  7   7   GLU GLU A . n 
A 1 28  ALA 28  8   8   ALA ALA A . n 
A 1 29  GLY 29  9   9   GLY GLY A . n 
A 1 30  LYS 30  10  10  LYS LYS A . n 
A 1 31  GLY 31  11  11  GLY GLY A . n 
A 1 32  CYS 32  12  12  CYS CYS A . n 
A 1 33  VAL 33  13  13  VAL VAL A . n 
A 1 34  ILE 34  14  14  ILE ILE A . n 
A 1 35  GLY 35  15  15  GLY GLY A . n 
A 1 36  PRO 36  16  16  PRO PRO A . n 
A 1 37  LEU 37  17  17  LEU LEU A . n 
A 1 38  VAL 38  18  18  VAL VAL A . n 
A 1 39  VAL 39  19  19  VAL VAL A . n 
A 1 40  ALA 40  20  20  ALA ALA A . n 
A 1 41  GLY 41  21  21  GLY GLY A . n 
A 1 42  VAL 42  22  22  VAL VAL A . n 
A 1 43  ALA 43  23  23  ALA ALA A . n 
A 1 44  CYS 44  24  24  CYS CYS A . n 
A 1 45  SER 45  25  25  SER SER A . n 
A 1 46  ASP 46  26  26  ASP ASP A . n 
A 1 47  GLU 47  27  27  GLU GLU A . n 
A 1 48  ASP 48  28  28  ASP ASP A . n 
A 1 49  ARG 49  29  29  ARG ARG A . n 
A 1 50  LEU 50  30  30  LEU LEU A . n 
A 1 51  ARG 51  31  31  ARG ARG A . n 
A 1 52  LYS 52  32  32  LYS LYS A . n 
A 1 53  LEU 53  33  33  LEU LEU A . n 
A 1 54  GLY 54  34  34  GLY GLY A . n 
A 1 55  VAL 55  35  35  VAL VAL A . n 
A 1 56  LYS 56  36  36  LYS LYS A . n 
A 1 57  ASP 57  37  37  ASP ASP A . n 
A 1 58  SER 58  38  38  SER SER A . n 
A 1 59  LYS 59  39  39  LYS LYS A . n 
A 1 60  LYS 60  40  40  LYS LYS A . n 
A 1 61  LEU 61  41  41  LEU LEU A . n 
A 1 62  SER 62  42  42  SER SER A . n 
A 1 63  GLN 63  43  43  GLN GLN A . n 
A 1 64  GLY 64  44  44  GLY GLY A . n 
A 1 65  ARG 65  45  45  ARG ARG A . n 
A 1 66  ARG 66  46  46  ARG ARG A . n 
A 1 67  GLU 67  47  47  GLU GLU A . n 
A 1 68  GLU 68  48  48  GLU GLU A . n 
A 1 69  LEU 69  49  49  LEU LEU A . n 
A 1 70  ALA 70  50  50  ALA ALA A . n 
A 1 71  GLU 71  51  51  GLU GLU A . n 
A 1 72  GLU 72  52  52  GLU GLU A . n 
A 1 73  ILE 73  53  53  ILE ILE A . n 
A 1 74  ARG 74  54  54  ARG ARG A . n 
A 1 75  LYS 75  55  55  LYS LYS A . n 
A 1 76  ILE 76  56  56  ILE ILE A . n 
A 1 77  CYS 77  57  57  CYS CYS A . n 
A 1 78  ARG 78  58  58  ARG ARG A . n 
A 1 79  THR 79  59  59  THR THR A . n 
A 1 80  GLU 80  60  60  GLU GLU A . n 
A 1 81  VAL 81  61  61  VAL VAL A . n 
A 1 82  LEU 82  62  62  LEU LEU A . n 
A 1 83  LYS 83  63  63  LYS LYS A . n 
A 1 84  VAL 84  64  64  VAL VAL A . n 
A 1 85  SER 85  65  65  SER SER A . n 
A 1 86  PRO 86  66  66  PRO PRO A . n 
A 1 87  GLU 87  67  67  GLU GLU A . n 
A 1 88  ASN 88  68  68  ASN ASN A . n 
A 1 89  LEU 89  69  69  LEU LEU A . n 
A 1 90  ASP 90  70  70  ASP ASP A . n 
A 1 91  GLU 91  71  71  GLU GLU A . n 
A 1 92  ARG 92  72  72  ARG ARG A . n 
A 1 93  MET 93  73  73  MET MET A . n 
A 1 94  ALA 94  74  74  ALA ALA A . n 
A 1 95  ALA 95  75  75  ALA ALA A . n 
A 1 96  LYS 96  76  76  LYS LYS A . n 
A 1 97  THR 97  77  77  THR THR A . n 
A 1 98  ILE 98  78  78  ILE ILE A . n 
A 1 99  ASN 99  79  79  ASN ASN A . n 
A 1 100 GLU 100 80  80  GLU GLU A . n 
A 1 101 ILE 101 81  81  ILE ILE A . n 
A 1 102 LEU 102 82  82  LEU LEU A . n 
A 1 103 LYS 103 83  83  LYS LYS A . n 
A 1 104 GLU 104 84  84  GLU GLU A . n 
A 1 105 CYS 105 85  85  CYS CYS A . n 
A 1 106 TYR 106 86  86  TYR TYR A . n 
A 1 107 ALA 107 87  87  ALA ALA A . n 
A 1 108 GLU 108 88  88  GLU GLU A . n 
A 1 109 ILE 109 89  89  ILE ILE A . n 
A 1 110 ILE 110 90  90  ILE ILE A . n 
A 1 111 LEU 111 91  91  LEU LEU A . n 
A 1 112 ARG 112 92  92  ARG ARG A . n 
A 1 113 LEU 113 93  93  LEU LEU A . n 
A 1 114 LYS 114 94  94  LYS LYS A . n 
A 1 115 PRO 115 95  95  PRO PRO A . n 
A 1 116 GLU 116 96  96  GLU GLU A . n 
A 1 117 ILE 117 97  97  ILE ILE A . n 
A 1 118 ALA 118 98  98  ALA ALA A . n 
A 1 119 TYR 119 99  99  TYR TYR A . n 
A 1 120 VAL 120 100 100 VAL VAL A . n 
A 1 121 ASP 121 101 101 ASP ASP A . n 
A 1 122 SER 122 102 102 SER SER A . n 
A 1 123 PRO 123 103 103 PRO PRO A . n 
A 1 124 ASP 124 104 104 ASP ASP A . n 
A 1 125 VAL 125 105 105 VAL VAL A . n 
A 1 126 ILE 126 106 106 ILE ILE A . n 
A 1 127 PRO 127 107 107 PRO PRO A . n 
A 1 128 GLU 128 108 108 GLU GLU A . n 
A 1 129 ARG 129 109 109 ARG ARG A . n 
A 1 130 LEU 130 110 110 LEU LEU A . n 
A 1 131 SER 131 111 111 SER SER A . n 
A 1 132 ARG 132 112 112 ARG ARG A . n 
A 1 133 GLU 133 113 113 GLU GLU A . n 
A 1 134 LEU 134 114 114 LEU LEU A . n 
A 1 135 GLU 135 115 115 GLU GLU A . n 
A 1 136 GLU 136 116 116 GLU GLU A . n 
A 1 137 ILE 137 117 117 ILE ILE A . n 
A 1 138 THR 138 118 118 THR THR A . n 
A 1 139 GLY 139 119 119 GLY GLY A . n 
A 1 140 LEU 140 120 120 LEU LEU A . n 
A 1 141 ARG 141 121 121 ARG ARG A . n 
A 1 142 VAL 142 122 122 VAL VAL A . n 
A 1 143 VAL 143 123 123 VAL VAL A . n 
A 1 144 ALA 144 124 124 ALA ALA A . n 
A 1 145 GLU 145 125 125 GLU GLU A . n 
A 1 146 HIS 146 126 126 HIS HIS A . n 
A 1 147 LYS 147 127 127 LYS LYS A . n 
A 1 148 ALA 148 128 128 ALA ALA A . n 
A 1 149 ASP 149 129 129 ASP ASP A . n 
A 1 150 GLU 150 130 130 GLU GLU A . n 
A 1 151 LYS 151 131 131 LYS LYS A . n 
A 1 152 TYR 152 132 132 TYR TYR A . n 
A 1 153 PRO 153 133 133 PRO PRO A . n 
A 1 154 LEU 154 134 134 LEU LEU A . n 
A 1 155 VAL 155 135 135 VAL VAL A . n 
A 1 156 ALA 156 136 136 ALA ALA A . n 
A 1 157 ALA 157 137 137 ALA ALA A . n 
A 1 158 ALA 158 138 138 ALA ALA A . n 
A 1 159 SER 159 139 139 SER SER A . n 
A 1 160 ILE 160 140 140 ILE ILE A . n 
A 1 161 ILE 161 141 141 ILE ILE A . n 
A 1 162 ALA 162 142 142 ALA ALA A . n 
A 1 163 LYS 163 143 143 LYS LYS A . n 
A 1 164 VAL 164 144 144 VAL VAL A . n 
A 1 165 GLU 165 145 145 GLU GLU A . n 
A 1 166 ARG 166 146 146 ARG ARG A . n 
A 1 167 GLU 167 147 147 GLU GLU A . n 
A 1 168 ARG 168 148 148 ARG ARG A . n 
A 1 169 GLU 169 149 149 GLU GLU A . n 
A 1 170 ILE 170 150 150 ILE ILE A . n 
A 1 171 GLU 171 151 151 GLU GLU A . n 
A 1 172 ARG 172 152 152 ARG ARG A . n 
A 1 173 LEU 173 153 153 LEU LEU A . n 
A 1 174 LYS 174 154 154 LYS LYS A . n 
A 1 175 GLU 175 155 155 GLU GLU A . n 
A 1 176 LYS 176 156 156 LYS LYS A . n 
A 1 177 PHE 177 157 157 PHE PHE A . n 
A 1 178 GLY 178 158 158 GLY GLY A . n 
A 1 179 ASP 179 159 159 ASP ASP A . n 
A 1 180 PHE 180 160 160 PHE PHE A . n 
A 1 181 GLY 181 161 161 GLY GLY A . n 
A 1 182 SER 182 162 162 SER SER A . n 
A 1 183 GLY 183 163 163 GLY GLY A . n 
A 1 184 TYR 184 164 164 TYR TYR A . n 
A 1 185 ALA 185 165 165 ALA ALA A . n 
A 1 186 SER 186 166 166 SER SER A . n 
A 1 187 ASP 187 167 167 ASP ASP A . n 
A 1 188 PRO 188 168 168 PRO PRO A . n 
A 1 189 ARG 189 169 169 ARG ARG A . n 
A 1 190 THR 190 170 170 THR THR A . n 
A 1 191 ARG 191 171 171 ARG ARG A . n 
A 1 192 GLU 192 172 172 GLU GLU A . n 
A 1 193 VAL 193 173 173 VAL VAL A . n 
A 1 194 LEU 194 174 174 LEU LEU A . n 
A 1 195 LYS 195 175 175 LYS LYS A . n 
A 1 196 GLU 196 176 176 GLU GLU A . n 
A 1 197 TRP 197 177 177 TRP TRP A . n 
A 1 198 ILE 198 178 178 ILE ILE A . n 
A 1 199 ALA 199 179 179 ALA ALA A . n 
A 1 200 SER 200 180 180 SER SER A . n 
A 1 201 GLY 201 181 181 GLY GLY A . n 
A 1 202 ARG 202 182 182 ARG ARG A . n 
A 1 203 ILE 203 183 183 ILE ILE A . n 
A 1 204 PRO 204 184 184 PRO PRO A . n 
A 1 205 SER 205 185 185 SER SER A . n 
A 1 206 CYS 206 186 186 CYS CYS A . n 
A 1 207 VAL 207 187 187 VAL VAL A . n 
A 1 208 ARG 208 188 188 ARG ARG A . n 
A 1 209 MET 209 189 189 MET MET A . n 
A 1 210 ARG 210 190 190 ARG ARG A . n 
A 1 211 TRP 211 191 191 TRP TRP A . n 
A 1 212 LYS 212 192 192 LYS LYS A . n 
A 1 213 THR 213 193 193 THR THR A . n 
A 1 214 VAL 214 194 194 VAL VAL A . n 
A 1 215 SER 215 195 195 SER SER A . n 
A 1 216 ASN 216 196 196 ASN ASN A . n 
A 1 217 LEU 217 197 197 LEU LEU A . n 
A 1 218 ARG 218 198 198 ARG ARG A . n 
A 1 219 GLN 219 199 199 GLN GLN A . n 
A 1 220 LYS 220 200 200 LYS LYS A . n 
A 1 221 THR 221 201 ?   ?   ?   A . n 
A 1 222 LEU 222 202 ?   ?   ?   A . n 
A 1 223 ASP 223 203 ?   ?   ?   A . n 
A 1 224 ASP 224 204 ?   ?   ?   A . n 
A 1 225 PHE 225 205 ?   ?   ?   A . n 
# 
loop_
_pdbx_nonpoly_scheme.asym_id 
_pdbx_nonpoly_scheme.entity_id 
_pdbx_nonpoly_scheme.mon_id 
_pdbx_nonpoly_scheme.ndb_seq_num 
_pdbx_nonpoly_scheme.pdb_seq_num 
_pdbx_nonpoly_scheme.auth_seq_num 
_pdbx_nonpoly_scheme.pdb_mon_id 
_pdbx_nonpoly_scheme.auth_mon_id 
_pdbx_nonpoly_scheme.pdb_strand_id 
_pdbx_nonpoly_scheme.pdb_ins_code 
B 2 HOH 1   206 201 HOH HOH A . 
B 2 HOH 2   207 202 HOH HOH A . 
B 2 HOH 3   208 203 HOH HOH A . 
B 2 HOH 4   209 204 HOH HOH A . 
B 2 HOH 5   210 205 HOH HOH A . 
B 2 HOH 6   211 206 HOH HOH A . 
B 2 HOH 7   212 207 HOH HOH A . 
B 2 HOH 8   213 208 HOH HOH A . 
B 2 HOH 9   214 209 HOH HOH A . 
B 2 HOH 10  215 210 HOH HOH A . 
B 2 HOH 11  216 211 HOH HOH A . 
B 2 HOH 12  217 212 HOH HOH A . 
B 2 HOH 13  218 213 HOH HOH A . 
B 2 HOH 14  219 214 HOH HOH A . 
B 2 HOH 15  220 215 HOH HOH A . 
B 2 HOH 16  221 216 HOH HOH A . 
B 2 HOH 17  222 217 HOH HOH A . 
B 2 HOH 18  223 218 HOH HOH A . 
B 2 HOH 19  224 219 HOH HOH A . 
B 2 HOH 20  225 220 HOH HOH A . 
B 2 HOH 21  226 221 HOH HOH A . 
B 2 HOH 22  227 222 HOH HOH A . 
B 2 HOH 23  228 223 HOH HOH A . 
B 2 HOH 24  229 224 HOH HOH A . 
B 2 HOH 25  230 225 HOH HOH A . 
B 2 HOH 26  231 226 HOH HOH A . 
B 2 HOH 27  232 227 HOH HOH A . 
B 2 HOH 28  233 228 HOH HOH A . 
B 2 HOH 29  234 229 HOH HOH A . 
B 2 HOH 30  235 230 HOH HOH A . 
B 2 HOH 31  236 231 HOH HOH A . 
B 2 HOH 32  237 232 HOH HOH A . 
B 2 HOH 33  238 233 HOH HOH A . 
B 2 HOH 34  239 234 HOH HOH A . 
B 2 HOH 35  240 235 HOH HOH A . 
B 2 HOH 36  241 236 HOH HOH A . 
B 2 HOH 37  242 237 HOH HOH A . 
B 2 HOH 38  243 238 HOH HOH A . 
B 2 HOH 39  244 239 HOH HOH A . 
B 2 HOH 40  245 240 HOH HOH A . 
B 2 HOH 41  246 241 HOH HOH A . 
B 2 HOH 42  247 242 HOH HOH A . 
B 2 HOH 43  248 243 HOH HOH A . 
B 2 HOH 44  249 244 HOH HOH A . 
B 2 HOH 45  250 245 HOH HOH A . 
B 2 HOH 46  251 246 HOH HOH A . 
B 2 HOH 47  252 247 HOH HOH A . 
B 2 HOH 48  253 248 HOH HOH A . 
B 2 HOH 49  254 249 HOH HOH A . 
B 2 HOH 50  255 250 HOH HOH A . 
B 2 HOH 51  256 251 HOH HOH A . 
B 2 HOH 52  257 252 HOH HOH A . 
B 2 HOH 53  258 253 HOH HOH A . 
B 2 HOH 54  259 254 HOH HOH A . 
B 2 HOH 55  260 255 HOH HOH A . 
B 2 HOH 56  261 256 HOH HOH A . 
B 2 HOH 57  262 257 HOH HOH A . 
B 2 HOH 58  263 258 HOH HOH A . 
B 2 HOH 59  264 259 HOH HOH A . 
B 2 HOH 60  265 260 HOH HOH A . 
B 2 HOH 61  266 261 HOH HOH A . 
B 2 HOH 62  267 262 HOH HOH A . 
B 2 HOH 63  268 263 HOH HOH A . 
B 2 HOH 64  269 264 HOH HOH A . 
B 2 HOH 65  270 265 HOH HOH A . 
B 2 HOH 66  271 266 HOH HOH A . 
B 2 HOH 67  272 267 HOH HOH A . 
B 2 HOH 68  273 268 HOH HOH A . 
B 2 HOH 69  274 269 HOH HOH A . 
B 2 HOH 70  275 270 HOH HOH A . 
B 2 HOH 71  276 271 HOH HOH A . 
B 2 HOH 72  277 272 HOH HOH A . 
B 2 HOH 73  278 273 HOH HOH A . 
B 2 HOH 74  279 274 HOH HOH A . 
B 2 HOH 75  280 275 HOH HOH A . 
B 2 HOH 76  281 276 HOH HOH A . 
B 2 HOH 77  282 277 HOH HOH A . 
B 2 HOH 78  283 278 HOH HOH A . 
B 2 HOH 79  284 279 HOH HOH A . 
B 2 HOH 80  285 280 HOH HOH A . 
B 2 HOH 81  286 281 HOH HOH A . 
B 2 HOH 82  287 282 HOH HOH A . 
B 2 HOH 83  288 283 HOH HOH A . 
B 2 HOH 84  289 284 HOH HOH A . 
B 2 HOH 85  290 285 HOH HOH A . 
B 2 HOH 86  291 286 HOH HOH A . 
B 2 HOH 87  292 287 HOH HOH A . 
B 2 HOH 88  293 288 HOH HOH A . 
B 2 HOH 89  294 289 HOH HOH A . 
B 2 HOH 90  295 290 HOH HOH A . 
B 2 HOH 91  296 291 HOH HOH A . 
B 2 HOH 92  297 292 HOH HOH A . 
B 2 HOH 93  298 293 HOH HOH A . 
B 2 HOH 94  299 294 HOH HOH A . 
B 2 HOH 95  300 295 HOH HOH A . 
B 2 HOH 96  301 296 HOH HOH A . 
B 2 HOH 97  302 297 HOH HOH A . 
B 2 HOH 98  303 298 HOH HOH A . 
B 2 HOH 99  304 299 HOH HOH A . 
B 2 HOH 100 305 300 HOH HOH A . 
B 2 HOH 101 306 301 HOH HOH A . 
B 2 HOH 102 307 302 HOH HOH A . 
B 2 HOH 103 308 303 HOH HOH A . 
B 2 HOH 104 309 304 HOH HOH A . 
B 2 HOH 105 310 305 HOH HOH A . 
B 2 HOH 106 311 306 HOH HOH A . 
B 2 HOH 107 312 307 HOH HOH A . 
B 2 HOH 108 313 308 HOH HOH A . 
B 2 HOH 109 314 309 HOH HOH A . 
B 2 HOH 110 315 310 HOH HOH A . 
B 2 HOH 111 316 311 HOH HOH A . 
B 2 HOH 112 317 312 HOH HOH A . 
B 2 HOH 113 318 313 HOH HOH A . 
B 2 HOH 114 319 314 HOH HOH A . 
B 2 HOH 115 320 315 HOH HOH A . 
B 2 HOH 116 321 316 HOH HOH A . 
B 2 HOH 117 322 317 HOH HOH A . 
B 2 HOH 118 323 318 HOH HOH A . 
B 2 HOH 119 324 319 HOH HOH A . 
B 2 HOH 120 325 320 HOH HOH A . 
B 2 HOH 121 326 321 HOH HOH A . 
B 2 HOH 122 327 322 HOH HOH A . 
B 2 HOH 123 328 323 HOH HOH A . 
B 2 HOH 124 329 324 HOH HOH A . 
B 2 HOH 125 330 325 HOH HOH A . 
B 2 HOH 126 331 326 HOH HOH A . 
B 2 HOH 127 332 327 HOH HOH A . 
B 2 HOH 128 333 328 HOH HOH A . 
B 2 HOH 129 334 329 HOH HOH A . 
B 2 HOH 130 335 330 HOH HOH A . 
B 2 HOH 131 336 331 HOH HOH A . 
B 2 HOH 132 337 332 HOH HOH A . 
B 2 HOH 133 338 333 HOH HOH A . 
B 2 HOH 134 339 334 HOH HOH A . 
B 2 HOH 135 340 335 HOH HOH A . 
B 2 HOH 136 341 336 HOH HOH A . 
B 2 HOH 137 342 337 HOH HOH A . 
B 2 HOH 138 343 338 HOH HOH A . 
B 2 HOH 139 344 339 HOH HOH A . 
B 2 HOH 140 345 340 HOH HOH A . 
B 2 HOH 141 346 341 HOH HOH A . 
B 2 HOH 142 347 342 HOH HOH A . 
B 2 HOH 143 348 343 HOH HOH A . 
B 2 HOH 144 349 344 HOH HOH A . 
B 2 HOH 145 350 345 HOH HOH A . 
# 
loop_
_software.name 
_software.classification 
_software.version 
_software.citation_id 
_software.pdbx_ordinal 
DENZO     'data reduction' .   ? 1 
SCALEPACK 'data scaling'   .   ? 2 
AMoRE     phasing          .   ? 3 
CNS       refinement       0.9 ? 4 
# 
_cell.entry_id           1I39 
_cell.length_a           74.826 
_cell.length_b           74.826 
_cell.length_c           142.747 
_cell.angle_alpha        90.00 
_cell.angle_beta         90.00 
_cell.angle_gamma        120.00 
_cell.Z_PDB              12 
_cell.pdbx_unique_axis   ? 
# 
_symmetry.entry_id                         1I39 
_symmetry.space_group_name_H-M             'P 65 2 2' 
_symmetry.pdbx_full_space_group_name_H-M   ? 
_symmetry.cell_setting                     ? 
_symmetry.Int_Tables_number                179 
# 
_exptl.entry_id          1I39 
_exptl.method            'X-RAY DIFFRACTION' 
_exptl.crystals_number   1 
# 
_exptl_crystal.id                    1 
_exptl_crystal.density_meas          ? 
_exptl_crystal.density_Matthews      2.27 
_exptl_crystal.density_percent_sol   45.83 
_exptl_crystal.description           ? 
# 
_exptl_crystal_grow.crystal_id      1 
_exptl_crystal_grow.method          'VAPOR DIFFUSION, HANGING DROP' 
_exptl_crystal_grow.temp            295 
_exptl_crystal_grow.temp_details    ? 
_exptl_crystal_grow.pH              8.5 
_exptl_crystal_grow.pdbx_details    
'10% MPEG 5000, 10% butanol, 20 mM sodium citrate, 100 mM Tris pH 8.5, VAPOR DIFFUSION, HANGING DROP, temperature 295K' 
_exptl_crystal_grow.pdbx_pH_range   ? 
# 
_diffrn.id                     1 
_diffrn.ambient_temp           93 
_diffrn.ambient_temp_details   ? 
_diffrn.crystal_id             1 
# 
_diffrn_detector.diffrn_id              1 
_diffrn_detector.detector               'IMAGE PLATE' 
_diffrn_detector.type                   MARRESEARCH 
_diffrn_detector.pdbx_collection_date   2000-03-12 
_diffrn_detector.details                ? 
# 
_diffrn_radiation.diffrn_id                        1 
_diffrn_radiation.wavelength_id                    1 
_diffrn_radiation.pdbx_monochromatic_or_laue_m_l   M 
_diffrn_radiation.monochromator                    NULL 
_diffrn_radiation.pdbx_diffrn_protocol             'SINGLE WAVELENGTH' 
_diffrn_radiation.pdbx_scattering_type             x-ray 
# 
_diffrn_radiation_wavelength.id           1 
_diffrn_radiation_wavelength.wavelength   0.98 
_diffrn_radiation_wavelength.wt           1.0 
# 
_diffrn_source.diffrn_id                   1 
_diffrn_source.source                      SYNCHROTRON 
_diffrn_source.type                        'SSRL BEAMLINE BL9-1' 
_diffrn_source.pdbx_synchrotron_site       SSRL 
_diffrn_source.pdbx_synchrotron_beamline   BL9-1 
_diffrn_source.pdbx_wavelength             ? 
_diffrn_source.pdbx_wavelength_list        0.98 
# 
_reflns.entry_id                     1I39 
_reflns.observed_criterion_sigma_I   0.0 
_reflns.observed_criterion_sigma_F   0.0 
_reflns.d_resolution_low             35.0 
_reflns.d_resolution_high            1.95 
_reflns.number_obs                   18024 
_reflns.number_all                   18024 
_reflns.percent_possible_obs         96.7 
_reflns.pdbx_Rmerge_I_obs            0.094 
_reflns.pdbx_Rsym_value              ? 
_reflns.pdbx_netI_over_sigmaI        18.7 
_reflns.B_iso_Wilson_estimate        25.5 
_reflns.pdbx_redundancy              7.2 
_reflns.R_free_details               ? 
_reflns.limit_h_max                  ? 
_reflns.limit_h_min                  ? 
_reflns.limit_k_max                  ? 
_reflns.limit_k_min                  ? 
_reflns.limit_l_max                  ? 
_reflns.limit_l_min                  ? 
_reflns.observed_criterion_F_max     ? 
_reflns.observed_criterion_F_min     ? 
_reflns.pdbx_diffrn_id               1 
_reflns.pdbx_ordinal                 1 
# 
_reflns_shell.d_res_high             1.95 
_reflns_shell.d_res_low              2.02 
_reflns_shell.percent_possible_all   95.9 
_reflns_shell.Rmerge_I_obs           0.413 
_reflns_shell.pdbx_Rsym_value        ? 
_reflns_shell.meanI_over_sigI_obs    ? 
_reflns_shell.pdbx_redundancy        4.0 
_reflns_shell.percent_possible_obs   ? 
_reflns_shell.number_unique_all      ? 
_reflns_shell.pdbx_diffrn_id         ? 
_reflns_shell.pdbx_ordinal           1 
# 
_refine.entry_id                                 1I39 
_refine.ls_number_reflns_obs                     17405 
_refine.ls_number_reflns_all                     129952 
_refine.pdbx_ls_sigma_I                          0.0 
_refine.pdbx_ls_sigma_F                          0.0 
_refine.pdbx_data_cutoff_high_absF               ? 
_refine.pdbx_data_cutoff_low_absF                ? 
_refine.ls_d_res_low                             32.4 
_refine.ls_d_res_high                            1.95 
_refine.ls_percent_reflns_obs                    ? 
_refine.ls_R_factor_obs                          0.244 
_refine.ls_R_factor_all                          0.244 
_refine.ls_R_factor_R_work                       0.244 
_refine.ls_R_factor_R_free                       0.269 
_refine.ls_R_factor_R_free_error                 ? 
_refine.ls_R_factor_R_free_error_details         ? 
_refine.ls_percent_reflns_R_free                 5 
_refine.ls_number_reflns_R_free                  827 
_refine.ls_number_parameters                     ? 
_refine.ls_number_restraints                     ? 
_refine.occupancy_min                            ? 
_refine.occupancy_max                            ? 
_refine.B_iso_mean                               ? 
_refine.aniso_B[1][1]                            ? 
_refine.aniso_B[2][2]                            ? 
_refine.aniso_B[3][3]                            ? 
_refine.aniso_B[1][2]                            ? 
_refine.aniso_B[1][3]                            ? 
_refine.aniso_B[2][3]                            ? 
_refine.solvent_model_details                    ? 
_refine.solvent_model_param_ksol                 ? 
_refine.solvent_model_param_bsol                 ? 
_refine.pdbx_ls_cross_valid_method               THROUGHOUT 
_refine.details                                  ? 
_refine.pdbx_starting_model                      'Arnase HII initial MAD phasing model' 
_refine.pdbx_method_to_determine_struct          'MOLECULAR REPLACEMENT' 
_refine.pdbx_isotropic_thermal_model             ? 
_refine.pdbx_stereochemistry_target_values       NULL 
_refine.pdbx_stereochem_target_val_spec_case     ? 
_refine.pdbx_R_Free_selection_details            RANDOM 
_refine.pdbx_overall_ESU_R_Free                  ? 
_refine.overall_SU_B                             ? 
_refine.ls_redundancy_reflns_obs                 ? 
_refine.B_iso_min                                ? 
_refine.B_iso_max                                ? 
_refine.correlation_coeff_Fo_to_Fc               ? 
_refine.correlation_coeff_Fo_to_Fc_free          ? 
_refine.overall_SU_R_Cruickshank_DPI             ? 
_refine.overall_SU_R_free                        ? 
_refine.overall_SU_ML                            ? 
_refine.pdbx_overall_ESU_R                       ? 
_refine.pdbx_data_cutoff_high_rms_absF           ? 
_refine.pdbx_refine_id                           'X-RAY DIFFRACTION' 
_refine.pdbx_diffrn_id                           1 
_refine.pdbx_TLS_residual_ADP_flag               ? 
_refine.pdbx_solvent_vdw_probe_radii             ? 
_refine.pdbx_solvent_ion_probe_radii             ? 
_refine.pdbx_solvent_shrinkage_radii             ? 
_refine.pdbx_overall_phase_error                 ? 
_refine.pdbx_overall_SU_R_free_Cruickshank_DPI   ? 
_refine.pdbx_overall_SU_R_Blow_DPI               ? 
_refine.pdbx_overall_SU_R_free_Blow_DPI          ? 
# 
_refine_hist.pdbx_refine_id                   'X-RAY DIFFRACTION' 
_refine_hist.cycle_id                         LAST 
_refine_hist.pdbx_number_atoms_protein        1581 
_refine_hist.pdbx_number_atoms_nucleic_acid   0 
_refine_hist.pdbx_number_atoms_ligand         0 
_refine_hist.number_atoms_solvent             145 
_refine_hist.number_atoms_total               1726 
_refine_hist.d_res_high                       1.95 
_refine_hist.d_res_low                        32.4 
# 
_struct.entry_id                  1I39 
_struct.title                     'RNASE HII FROM ARCHAEOGLOBUS FULGIDUS' 
_struct.pdbx_model_details        ? 
_struct.pdbx_CASP_flag            ? 
_struct.pdbx_model_type_details   ? 
# 
_struct_keywords.entry_id        1I39 
_struct_keywords.pdbx_keywords   HYDROLASE 
_struct_keywords.text            'mixed beta sheet, helix-loop-helix, HYDROLASE' 
# 
loop_
_struct_asym.id 
_struct_asym.pdbx_blank_PDB_chainid_flag 
_struct_asym.pdbx_modified 
_struct_asym.entity_id 
_struct_asym.details 
A N N 1 ? 
B N N 2 ? 
# 
_struct_ref.id                         1 
_struct_ref.db_name                    UNP 
_struct_ref.db_code                    RNH2_ARCFU 
_struct_ref.entity_id                  1 
_struct_ref.pdbx_seq_one_letter_code   
;MKAGIDEAGKGCVIGPLVVAGVACSDEDRLRKLGVKDSKKLSQGRREELAEEIRKICRTEVLKVSPENLDERMAAKTINE
ILKECYAEIILRLKPEIAYVDSPDVIPERLSRELEEITGLRVVAEHKADEKYPLVAAASIIAKVEREREIERLKEKFGDF
GSGYASDPRTREVLKEWIASGRIPSCVRMRWKTVSNLRQKTLDDF
;
_struct_ref.pdbx_align_begin           1 
_struct_ref.pdbx_db_accession          O29634 
_struct_ref.pdbx_db_isoform            ? 
# 
_struct_ref_seq.align_id                      1 
_struct_ref_seq.ref_id                        1 
_struct_ref_seq.pdbx_PDB_id_code              1I39 
_struct_ref_seq.pdbx_strand_id                A 
_struct_ref_seq.seq_align_beg                 21 
_struct_ref_seq.pdbx_seq_align_beg_ins_code   ? 
_struct_ref_seq.seq_align_end                 225 
_struct_ref_seq.pdbx_seq_align_end_ins_code   ? 
_struct_ref_seq.pdbx_db_accession             O29634 
_struct_ref_seq.db_align_beg                  1 
_struct_ref_seq.pdbx_db_align_beg_ins_code    ? 
_struct_ref_seq.db_align_end                  205 
_struct_ref_seq.pdbx_db_align_end_ins_code    ? 
_struct_ref_seq.pdbx_auth_seq_align_beg       1 
_struct_ref_seq.pdbx_auth_seq_align_end       205 
# 
loop_
_struct_ref_seq_dif.align_id 
_struct_ref_seq_dif.pdbx_pdb_id_code 
_struct_ref_seq_dif.mon_id 
_struct_ref_seq_dif.pdbx_pdb_strand_id 
_struct_ref_seq_dif.seq_num 
_struct_ref_seq_dif.pdbx_pdb_ins_code 
_struct_ref_seq_dif.pdbx_seq_db_name 
_struct_ref_seq_dif.pdbx_seq_db_accession_code 
_struct_ref_seq_dif.db_mon_id 
_struct_ref_seq_dif.pdbx_seq_db_seq_num 
_struct_ref_seq_dif.details 
_struct_ref_seq_dif.pdbx_auth_seq_num 
_struct_ref_seq_dif.pdbx_ordinal 
1 1I39 MET A 1  ? UNP O29634 ? ? 'cloning artifact' -19 1  
1 1I39 GLY A 2  ? UNP O29634 ? ? 'cloning artifact' -18 2  
1 1I39 SER A 3  ? UNP O29634 ? ? 'cloning artifact' -17 3  
1 1I39 SER A 4  ? UNP O29634 ? ? 'cloning artifact' -16 4  
1 1I39 HIS A 5  ? UNP O29634 ? ? 'cloning artifact' -15 5  
1 1I39 HIS A 6  ? UNP O29634 ? ? 'cloning artifact' -14 6  
1 1I39 HIS A 7  ? UNP O29634 ? ? 'cloning artifact' -13 7  
1 1I39 HIS A 8  ? UNP O29634 ? ? 'cloning artifact' -12 8  
1 1I39 HIS A 9  ? UNP O29634 ? ? 'cloning artifact' -11 9  
1 1I39 HIS A 10 ? UNP O29634 ? ? 'cloning artifact' -10 10 
1 1I39 SER A 11 ? UNP O29634 ? ? 'cloning artifact' -9  11 
1 1I39 SER A 12 ? UNP O29634 ? ? 'cloning artifact' -8  12 
1 1I39 GLY A 13 ? UNP O29634 ? ? 'cloning artifact' -7  13 
1 1I39 LEU A 14 ? UNP O29634 ? ? 'cloning artifact' -6  14 
1 1I39 VAL A 15 ? UNP O29634 ? ? 'cloning artifact' -5  15 
1 1I39 PRO A 16 ? UNP O29634 ? ? 'cloning artifact' -4  16 
1 1I39 ARG A 17 ? UNP O29634 ? ? 'cloning artifact' -3  17 
1 1I39 GLY A 18 ? UNP O29634 ? ? 'cloning artifact' -2  18 
1 1I39 SER A 19 ? UNP O29634 ? ? 'cloning artifact' -1  19 
1 1I39 HIS A 20 ? UNP O29634 ? ? 'cloning artifact' 0   20 
# 
_pdbx_struct_assembly.id                   1 
_pdbx_struct_assembly.details              author_defined_assembly 
_pdbx_struct_assembly.method_details       ? 
_pdbx_struct_assembly.oligomeric_details   monomeric 
_pdbx_struct_assembly.oligomeric_count     1 
# 
_pdbx_struct_assembly_gen.assembly_id       1 
_pdbx_struct_assembly_gen.oper_expression   1 
_pdbx_struct_assembly_gen.asym_id_list      A,B 
# 
_pdbx_struct_oper_list.id                   1 
_pdbx_struct_oper_list.type                 'identity operation' 
_pdbx_struct_oper_list.name                 1_555 
_pdbx_struct_oper_list.symmetry_operation   x,y,z 
_pdbx_struct_oper_list.matrix[1][1]         1.0000000000 
_pdbx_struct_oper_list.matrix[1][2]         0.0000000000 
_pdbx_struct_oper_list.matrix[1][3]         0.0000000000 
_pdbx_struct_oper_list.vector[1]            0.0000000000 
_pdbx_struct_oper_list.matrix[2][1]         0.0000000000 
_pdbx_struct_oper_list.matrix[2][2]         1.0000000000 
_pdbx_struct_oper_list.matrix[2][3]         0.0000000000 
_pdbx_struct_oper_list.vector[2]            0.0000000000 
_pdbx_struct_oper_list.matrix[3][1]         0.0000000000 
_pdbx_struct_oper_list.matrix[3][2]         0.0000000000 
_pdbx_struct_oper_list.matrix[3][3]         1.0000000000 
_pdbx_struct_oper_list.vector[3]            0.0000000000 
# 
_struct_biol.id                    1 
_struct_biol.details               'The biologically relevent molecule is a monomer in the asymmetric unit' 
_struct_biol.pdbx_parent_biol_id   ? 
# 
loop_
_struct_conf.conf_type_id 
_struct_conf.id 
_struct_conf.pdbx_PDB_helix_id 
_struct_conf.beg_label_comp_id 
_struct_conf.beg_label_asym_id 
_struct_conf.beg_label_seq_id 
_struct_conf.pdbx_beg_PDB_ins_code 
_struct_conf.end_label_comp_id 
_struct_conf.end_label_asym_id 
_struct_conf.end_label_seq_id 
_struct_conf.pdbx_end_PDB_ins_code 
_struct_conf.beg_auth_comp_id 
_struct_conf.beg_auth_asym_id 
_struct_conf.beg_auth_seq_id 
_struct_conf.end_auth_comp_id 
_struct_conf.end_auth_asym_id 
_struct_conf.end_auth_seq_id 
_struct_conf.pdbx_PDB_helix_class 
_struct_conf.details 
_struct_conf.pdbx_PDB_helix_length 
HELX_P HELX_P1 1 ASP A 46  ? LEU A 53  ? ASP A 26  LEU A 33  1 ? 8  
HELX_P HELX_P2 2 SER A 62  ? CYS A 77  ? SER A 42  CYS A 57  1 ? 16 
HELX_P HELX_P3 3 SER A 85  ? MET A 93  ? SER A 65  MET A 73  1 ? 9  
HELX_P HELX_P4 4 THR A 97  ? LYS A 114 ? THR A 77  LYS A 94  1 ? 18 
HELX_P HELX_P5 5 PRO A 127 ? GLY A 139 ? PRO A 107 GLY A 119 1 ? 13 
HELX_P HELX_P6 6 ALA A 148 ? LYS A 151 ? ALA A 128 LYS A 131 5 ? 4  
HELX_P HELX_P7 7 TYR A 152 ? GLY A 178 ? TYR A 132 GLY A 158 1 ? 27 
HELX_P HELX_P8 8 ASP A 187 ? GLY A 201 ? ASP A 167 GLY A 181 1 ? 15 
HELX_P HELX_P9 9 TRP A 211 ? GLN A 219 ? TRP A 191 GLN A 199 1 ? 9  
# 
_struct_conf_type.id          HELX_P 
_struct_conf_type.criteria    ? 
_struct_conf_type.reference   ? 
# 
_struct_conn.id                            disulf1 
_struct_conn.conn_type_id                  disulf 
_struct_conn.pdbx_leaving_atom_flag        ? 
_struct_conn.pdbx_PDB_id                   ? 
_struct_conn.ptnr1_label_asym_id           A 
_struct_conn.ptnr1_label_comp_id           CYS 
_struct_conn.ptnr1_label_seq_id            44 
_struct_conn.ptnr1_label_atom_id           SG 
_struct_conn.pdbx_ptnr1_label_alt_id       ? 
_struct_conn.pdbx_ptnr1_PDB_ins_code       ? 
_struct_conn.pdbx_ptnr1_standard_comp_id   ? 
_struct_conn.ptnr1_symmetry                1_555 
_struct_conn.ptnr2_label_asym_id           A 
_struct_conn.ptnr2_label_comp_id           CYS 
_struct_conn.ptnr2_label_seq_id            77 
_struct_conn.ptnr2_label_atom_id           SG 
_struct_conn.pdbx_ptnr2_label_alt_id       ? 
_struct_conn.pdbx_ptnr2_PDB_ins_code       ? 
_struct_conn.ptnr1_auth_asym_id            A 
_struct_conn.ptnr1_auth_comp_id            CYS 
_struct_conn.ptnr1_auth_seq_id             24 
_struct_conn.ptnr2_auth_asym_id            A 
_struct_conn.ptnr2_auth_comp_id            CYS 
_struct_conn.ptnr2_auth_seq_id             57 
_struct_conn.ptnr2_symmetry                1_555 
_struct_conn.pdbx_ptnr3_label_atom_id      ? 
_struct_conn.pdbx_ptnr3_label_seq_id       ? 
_struct_conn.pdbx_ptnr3_label_comp_id      ? 
_struct_conn.pdbx_ptnr3_label_asym_id      ? 
_struct_conn.pdbx_ptnr3_label_alt_id       ? 
_struct_conn.pdbx_ptnr3_PDB_ins_code       ? 
_struct_conn.details                       ? 
_struct_conn.pdbx_dist_value               2.738 
_struct_conn.pdbx_value_order              ? 
_struct_conn.pdbx_role                     ? 
# 
_struct_conn_type.id          disulf 
_struct_conn_type.criteria    ? 
_struct_conn_type.reference   ? 
# 
_pdbx_modification_feature.ordinal                            1 
_pdbx_modification_feature.label_comp_id                      CYS 
_pdbx_modification_feature.label_asym_id                      A 
_pdbx_modification_feature.label_seq_id                       44 
_pdbx_modification_feature.label_alt_id                       ? 
_pdbx_modification_feature.modified_residue_label_comp_id     CYS 
_pdbx_modification_feature.modified_residue_label_asym_id     A 
_pdbx_modification_feature.modified_residue_label_seq_id      77 
_pdbx_modification_feature.modified_residue_label_alt_id      ? 
_pdbx_modification_feature.auth_comp_id                       CYS 
_pdbx_modification_feature.auth_asym_id                       A 
_pdbx_modification_feature.auth_seq_id                        24 
_pdbx_modification_feature.PDB_ins_code                       ? 
_pdbx_modification_feature.symmetry                           1_555 
_pdbx_modification_feature.modified_residue_auth_comp_id      CYS 
_pdbx_modification_feature.modified_residue_auth_asym_id      A 
_pdbx_modification_feature.modified_residue_auth_seq_id       57 
_pdbx_modification_feature.modified_residue_PDB_ins_code      ? 
_pdbx_modification_feature.modified_residue_symmetry          1_555 
_pdbx_modification_feature.comp_id_linking_atom               SG 
_pdbx_modification_feature.modified_residue_id_linking_atom   SG 
_pdbx_modification_feature.modified_residue_id                . 
_pdbx_modification_feature.ref_pcm_id                         . 
_pdbx_modification_feature.ref_comp_id                        . 
_pdbx_modification_feature.type                               None 
_pdbx_modification_feature.category                           'Disulfide bridge' 
# 
_struct_sheet.id               A 
_struct_sheet.type             ? 
_struct_sheet.number_strands   5 
_struct_sheet.details          ? 
# 
loop_
_struct_sheet_order.sheet_id 
_struct_sheet_order.range_id_1 
_struct_sheet_order.range_id_2 
_struct_sheet_order.offset 
_struct_sheet_order.sense 
A 1 2 ? anti-parallel 
A 2 3 ? anti-parallel 
A 3 4 ? parallel      
A 4 5 ? parallel      
# 
loop_
_struct_sheet_range.sheet_id 
_struct_sheet_range.id 
_struct_sheet_range.beg_label_comp_id 
_struct_sheet_range.beg_label_asym_id 
_struct_sheet_range.beg_label_seq_id 
_struct_sheet_range.pdbx_beg_PDB_ins_code 
_struct_sheet_range.end_label_comp_id 
_struct_sheet_range.end_label_asym_id 
_struct_sheet_range.end_label_seq_id 
_struct_sheet_range.pdbx_end_PDB_ins_code 
_struct_sheet_range.beg_auth_comp_id 
_struct_sheet_range.beg_auth_asym_id 
_struct_sheet_range.beg_auth_seq_id 
_struct_sheet_range.end_auth_comp_id 
_struct_sheet_range.end_auth_asym_id 
_struct_sheet_range.end_auth_seq_id 
A 1 ARG A 78  ? VAL A 84  ? ARG A 58  VAL A 64  
A 2 LEU A 37  ? CYS A 44  ? LEU A 17  CYS A 24  
A 3 LYS A 22  ? ALA A 28  ? LYS A 2   ALA A 8   
A 4 ILE A 117 ? SER A 122 ? ILE A 97  SER A 102 
A 5 ARG A 141 ? HIS A 146 ? ARG A 121 HIS A 126 
# 
loop_
_pdbx_struct_sheet_hbond.sheet_id 
_pdbx_struct_sheet_hbond.range_id_1 
_pdbx_struct_sheet_hbond.range_id_2 
_pdbx_struct_sheet_hbond.range_1_label_atom_id 
_pdbx_struct_sheet_hbond.range_1_label_comp_id 
_pdbx_struct_sheet_hbond.range_1_label_asym_id 
_pdbx_struct_sheet_hbond.range_1_label_seq_id 
_pdbx_struct_sheet_hbond.range_1_PDB_ins_code 
_pdbx_struct_sheet_hbond.range_1_auth_atom_id 
_pdbx_struct_sheet_hbond.range_1_auth_comp_id 
_pdbx_struct_sheet_hbond.range_1_auth_asym_id 
_pdbx_struct_sheet_hbond.range_1_auth_seq_id 
_pdbx_struct_sheet_hbond.range_2_label_atom_id 
_pdbx_struct_sheet_hbond.range_2_label_comp_id 
_pdbx_struct_sheet_hbond.range_2_label_asym_id 
_pdbx_struct_sheet_hbond.range_2_label_seq_id 
_pdbx_struct_sheet_hbond.range_2_PDB_ins_code 
_pdbx_struct_sheet_hbond.range_2_auth_atom_id 
_pdbx_struct_sheet_hbond.range_2_auth_comp_id 
_pdbx_struct_sheet_hbond.range_2_auth_asym_id 
_pdbx_struct_sheet_hbond.range_2_auth_seq_id 
A 1 2 N VAL A 84  ? N VAL A 64 O LEU A 37  ? O LEU A 17  
A 2 3 N CYS A 44  ? N CYS A 24 O LYS A 22  ? O LYS A 2   
A 3 4 N ALA A 23  ? N ALA A 3  O ILE A 117 ? O ILE A 97  
A 4 5 N ALA A 118 ? N ALA A 98 O ARG A 141 ? O ARG A 121 
# 
_pdbx_entry_details.entry_id                   1I39 
_pdbx_entry_details.compound_details           ? 
_pdbx_entry_details.source_details             ? 
_pdbx_entry_details.nonpolymer_details         ? 
_pdbx_entry_details.sequence_details           ? 
_pdbx_entry_details.has_ligand_of_interest     ? 
_pdbx_entry_details.has_protein_modification   Y 
# 
loop_
_pdbx_validate_torsion.id 
_pdbx_validate_torsion.PDB_model_num 
_pdbx_validate_torsion.auth_comp_id 
_pdbx_validate_torsion.auth_asym_id 
_pdbx_validate_torsion.auth_seq_id 
_pdbx_validate_torsion.PDB_ins_code 
_pdbx_validate_torsion.label_alt_id 
_pdbx_validate_torsion.phi 
_pdbx_validate_torsion.psi 
1 1 ASP A 37  ? ? -106.30 54.26  
2 1 LYS A 127 ? ? 36.70   64.12  
3 1 LYS A 131 ? ? -146.27 -38.53 
# 
loop_
_pdbx_struct_special_symmetry.id 
_pdbx_struct_special_symmetry.PDB_model_num 
_pdbx_struct_special_symmetry.auth_asym_id 
_pdbx_struct_special_symmetry.auth_comp_id 
_pdbx_struct_special_symmetry.auth_seq_id 
_pdbx_struct_special_symmetry.PDB_ins_code 
_pdbx_struct_special_symmetry.label_asym_id 
_pdbx_struct_special_symmetry.label_comp_id 
_pdbx_struct_special_symmetry.label_seq_id 
1 1 A HOH 325 ? B HOH . 
2 1 A HOH 326 ? B HOH . 
# 
loop_
_pdbx_unobs_or_zero_occ_residues.id 
_pdbx_unobs_or_zero_occ_residues.PDB_model_num 
_pdbx_unobs_or_zero_occ_residues.polymer_flag 
_pdbx_unobs_or_zero_occ_residues.occupancy_flag 
_pdbx_unobs_or_zero_occ_residues.auth_asym_id 
_pdbx_unobs_or_zero_occ_residues.auth_comp_id 
_pdbx_unobs_or_zero_occ_residues.auth_seq_id 
_pdbx_unobs_or_zero_occ_residues.PDB_ins_code 
_pdbx_unobs_or_zero_occ_residues.label_asym_id 
_pdbx_unobs_or_zero_occ_residues.label_comp_id 
_pdbx_unobs_or_zero_occ_residues.label_seq_id 
1  1 Y 1 A MET -19 ? A MET 1   
2  1 Y 1 A GLY -18 ? A GLY 2   
3  1 Y 1 A SER -17 ? A SER 3   
4  1 Y 1 A SER -16 ? A SER 4   
5  1 Y 1 A HIS -15 ? A HIS 5   
6  1 Y 1 A HIS -14 ? A HIS 6   
7  1 Y 1 A HIS -13 ? A HIS 7   
8  1 Y 1 A HIS -12 ? A HIS 8   
9  1 Y 1 A HIS -11 ? A HIS 9   
10 1 Y 1 A HIS -10 ? A HIS 10  
11 1 Y 1 A SER -9  ? A SER 11  
12 1 Y 1 A SER -8  ? A SER 12  
13 1 Y 1 A GLY -7  ? A GLY 13  
14 1 Y 1 A LEU -6  ? A LEU 14  
15 1 Y 1 A VAL -5  ? A VAL 15  
16 1 Y 1 A PRO -4  ? A PRO 16  
17 1 Y 1 A ARG -3  ? A ARG 17  
18 1 Y 1 A GLY -2  ? A GLY 18  
19 1 Y 1 A SER -1  ? A SER 19  
20 1 Y 1 A HIS 0   ? A HIS 20  
21 1 Y 1 A THR 201 ? A THR 221 
22 1 Y 1 A LEU 202 ? A LEU 222 
23 1 Y 1 A ASP 203 ? A ASP 223 
24 1 Y 1 A ASP 204 ? A ASP 224 
25 1 Y 1 A PHE 205 ? A PHE 225 
# 
loop_
_chem_comp_atom.comp_id 
_chem_comp_atom.atom_id 
_chem_comp_atom.type_symbol 
_chem_comp_atom.pdbx_aromatic_flag 
_chem_comp_atom.pdbx_stereo_config 
_chem_comp_atom.pdbx_ordinal 
ALA N    N N N 1   
ALA CA   C N S 2   
ALA C    C N N 3   
ALA O    O N N 4   
ALA CB   C N N 5   
ALA OXT  O N N 6   
ALA H    H N N 7   
ALA H2   H N N 8   
ALA HA   H N N 9   
ALA HB1  H N N 10  
ALA HB2  H N N 11  
ALA HB3  H N N 12  
ALA HXT  H N N 13  
ARG N    N N N 14  
ARG CA   C N S 15  
ARG C    C N N 16  
ARG O    O N N 17  
ARG CB   C N N 18  
ARG CG   C N N 19  
ARG CD   C N N 20  
ARG NE   N N N 21  
ARG CZ   C N N 22  
ARG NH1  N N N 23  
ARG NH2  N N N 24  
ARG OXT  O N N 25  
ARG H    H N N 26  
ARG H2   H N N 27  
ARG HA   H N N 28  
ARG HB2  H N N 29  
ARG HB3  H N N 30  
ARG HG2  H N N 31  
ARG HG3  H N N 32  
ARG HD2  H N N 33  
ARG HD3  H N N 34  
ARG HE   H N N 35  
ARG HH11 H N N 36  
ARG HH12 H N N 37  
ARG HH21 H N N 38  
ARG HH22 H N N 39  
ARG HXT  H N N 40  
ASN N    N N N 41  
ASN CA   C N S 42  
ASN C    C N N 43  
ASN O    O N N 44  
ASN CB   C N N 45  
ASN CG   C N N 46  
ASN OD1  O N N 47  
ASN ND2  N N N 48  
ASN OXT  O N N 49  
ASN H    H N N 50  
ASN H2   H N N 51  
ASN HA   H N N 52  
ASN HB2  H N N 53  
ASN HB3  H N N 54  
ASN HD21 H N N 55  
ASN HD22 H N N 56  
ASN HXT  H N N 57  
ASP N    N N N 58  
ASP CA   C N S 59  
ASP C    C N N 60  
ASP O    O N N 61  
ASP CB   C N N 62  
ASP CG   C N N 63  
ASP OD1  O N N 64  
ASP OD2  O N N 65  
ASP OXT  O N N 66  
ASP H    H N N 67  
ASP H2   H N N 68  
ASP HA   H N N 69  
ASP HB2  H N N 70  
ASP HB3  H N N 71  
ASP HD2  H N N 72  
ASP HXT  H N N 73  
CYS N    N N N 74  
CYS CA   C N R 75  
CYS C    C N N 76  
CYS O    O N N 77  
CYS CB   C N N 78  
CYS SG   S N N 79  
CYS OXT  O N N 80  
CYS H    H N N 81  
CYS H2   H N N 82  
CYS HA   H N N 83  
CYS HB2  H N N 84  
CYS HB3  H N N 85  
CYS HG   H N N 86  
CYS HXT  H N N 87  
GLN N    N N N 88  
GLN CA   C N S 89  
GLN C    C N N 90  
GLN O    O N N 91  
GLN CB   C N N 92  
GLN CG   C N N 93  
GLN CD   C N N 94  
GLN OE1  O N N 95  
GLN NE2  N N N 96  
GLN OXT  O N N 97  
GLN H    H N N 98  
GLN H2   H N N 99  
GLN HA   H N N 100 
GLN HB2  H N N 101 
GLN HB3  H N N 102 
GLN HG2  H N N 103 
GLN HG3  H N N 104 
GLN HE21 H N N 105 
GLN HE22 H N N 106 
GLN HXT  H N N 107 
GLU N    N N N 108 
GLU CA   C N S 109 
GLU C    C N N 110 
GLU O    O N N 111 
GLU CB   C N N 112 
GLU CG   C N N 113 
GLU CD   C N N 114 
GLU OE1  O N N 115 
GLU OE2  O N N 116 
GLU OXT  O N N 117 
GLU H    H N N 118 
GLU H2   H N N 119 
GLU HA   H N N 120 
GLU HB2  H N N 121 
GLU HB3  H N N 122 
GLU HG2  H N N 123 
GLU HG3  H N N 124 
GLU HE2  H N N 125 
GLU HXT  H N N 126 
GLY N    N N N 127 
GLY CA   C N N 128 
GLY C    C N N 129 
GLY O    O N N 130 
GLY OXT  O N N 131 
GLY H    H N N 132 
GLY H2   H N N 133 
GLY HA2  H N N 134 
GLY HA3  H N N 135 
GLY HXT  H N N 136 
HIS N    N N N 137 
HIS CA   C N S 138 
HIS C    C N N 139 
HIS O    O N N 140 
HIS CB   C N N 141 
HIS CG   C Y N 142 
HIS ND1  N Y N 143 
HIS CD2  C Y N 144 
HIS CE1  C Y N 145 
HIS NE2  N Y N 146 
HIS OXT  O N N 147 
HIS H    H N N 148 
HIS H2   H N N 149 
HIS HA   H N N 150 
HIS HB2  H N N 151 
HIS HB3  H N N 152 
HIS HD1  H N N 153 
HIS HD2  H N N 154 
HIS HE1  H N N 155 
HIS HE2  H N N 156 
HIS HXT  H N N 157 
HOH O    O N N 158 
HOH H1   H N N 159 
HOH H2   H N N 160 
ILE N    N N N 161 
ILE CA   C N S 162 
ILE C    C N N 163 
ILE O    O N N 164 
ILE CB   C N S 165 
ILE CG1  C N N 166 
ILE CG2  C N N 167 
ILE CD1  C N N 168 
ILE OXT  O N N 169 
ILE H    H N N 170 
ILE H2   H N N 171 
ILE HA   H N N 172 
ILE HB   H N N 173 
ILE HG12 H N N 174 
ILE HG13 H N N 175 
ILE HG21 H N N 176 
ILE HG22 H N N 177 
ILE HG23 H N N 178 
ILE HD11 H N N 179 
ILE HD12 H N N 180 
ILE HD13 H N N 181 
ILE HXT  H N N 182 
LEU N    N N N 183 
LEU CA   C N S 184 
LEU C    C N N 185 
LEU O    O N N 186 
LEU CB   C N N 187 
LEU CG   C N N 188 
LEU CD1  C N N 189 
LEU CD2  C N N 190 
LEU OXT  O N N 191 
LEU H    H N N 192 
LEU H2   H N N 193 
LEU HA   H N N 194 
LEU HB2  H N N 195 
LEU HB3  H N N 196 
LEU HG   H N N 197 
LEU HD11 H N N 198 
LEU HD12 H N N 199 
LEU HD13 H N N 200 
LEU HD21 H N N 201 
LEU HD22 H N N 202 
LEU HD23 H N N 203 
LEU HXT  H N N 204 
LYS N    N N N 205 
LYS CA   C N S 206 
LYS C    C N N 207 
LYS O    O N N 208 
LYS CB   C N N 209 
LYS CG   C N N 210 
LYS CD   C N N 211 
LYS CE   C N N 212 
LYS NZ   N N N 213 
LYS OXT  O N N 214 
LYS H    H N N 215 
LYS H2   H N N 216 
LYS HA   H N N 217 
LYS HB2  H N N 218 
LYS HB3  H N N 219 
LYS HG2  H N N 220 
LYS HG3  H N N 221 
LYS HD2  H N N 222 
LYS HD3  H N N 223 
LYS HE2  H N N 224 
LYS HE3  H N N 225 
LYS HZ1  H N N 226 
LYS HZ2  H N N 227 
LYS HZ3  H N N 228 
LYS HXT  H N N 229 
MET N    N N N 230 
MET CA   C N S 231 
MET C    C N N 232 
MET O    O N N 233 
MET CB   C N N 234 
MET CG   C N N 235 
MET SD   S N N 236 
MET CE   C N N 237 
MET OXT  O N N 238 
MET H    H N N 239 
MET H2   H N N 240 
MET HA   H N N 241 
MET HB2  H N N 242 
MET HB3  H N N 243 
MET HG2  H N N 244 
MET HG3  H N N 245 
MET HE1  H N N 246 
MET HE2  H N N 247 
MET HE3  H N N 248 
MET HXT  H N N 249 
PHE N    N N N 250 
PHE CA   C N S 251 
PHE C    C N N 252 
PHE O    O N N 253 
PHE CB   C N N 254 
PHE CG   C Y N 255 
PHE CD1  C Y N 256 
PHE CD2  C Y N 257 
PHE CE1  C Y N 258 
PHE CE2  C Y N 259 
PHE CZ   C Y N 260 
PHE OXT  O N N 261 
PHE H    H N N 262 
PHE H2   H N N 263 
PHE HA   H N N 264 
PHE HB2  H N N 265 
PHE HB3  H N N 266 
PHE HD1  H N N 267 
PHE HD2  H N N 268 
PHE HE1  H N N 269 
PHE HE2  H N N 270 
PHE HZ   H N N 271 
PHE HXT  H N N 272 
PRO N    N N N 273 
PRO CA   C N S 274 
PRO C    C N N 275 
PRO O    O N N 276 
PRO CB   C N N 277 
PRO CG   C N N 278 
PRO CD   C N N 279 
PRO OXT  O N N 280 
PRO H    H N N 281 
PRO HA   H N N 282 
PRO HB2  H N N 283 
PRO HB3  H N N 284 
PRO HG2  H N N 285 
PRO HG3  H N N 286 
PRO HD2  H N N 287 
PRO HD3  H N N 288 
PRO HXT  H N N 289 
SER N    N N N 290 
SER CA   C N S 291 
SER C    C N N 292 
SER O    O N N 293 
SER CB   C N N 294 
SER OG   O N N 295 
SER OXT  O N N 296 
SER H    H N N 297 
SER H2   H N N 298 
SER HA   H N N 299 
SER HB2  H N N 300 
SER HB3  H N N 301 
SER HG   H N N 302 
SER HXT  H N N 303 
THR N    N N N 304 
THR CA   C N S 305 
THR C    C N N 306 
THR O    O N N 307 
THR CB   C N R 308 
THR OG1  O N N 309 
THR CG2  C N N 310 
THR OXT  O N N 311 
THR H    H N N 312 
THR H2   H N N 313 
THR HA   H N N 314 
THR HB   H N N 315 
THR HG1  H N N 316 
THR HG21 H N N 317 
THR HG22 H N N 318 
THR HG23 H N N 319 
THR HXT  H N N 320 
TRP N    N N N 321 
TRP CA   C N S 322 
TRP C    C N N 323 
TRP O    O N N 324 
TRP CB   C N N 325 
TRP CG   C Y N 326 
TRP CD1  C Y N 327 
TRP CD2  C Y N 328 
TRP NE1  N Y N 329 
TRP CE2  C Y N 330 
TRP CE3  C Y N 331 
TRP CZ2  C Y N 332 
TRP CZ3  C Y N 333 
TRP CH2  C Y N 334 
TRP OXT  O N N 335 
TRP H    H N N 336 
TRP H2   H N N 337 
TRP HA   H N N 338 
TRP HB2  H N N 339 
TRP HB3  H N N 340 
TRP HD1  H N N 341 
TRP HE1  H N N 342 
TRP HE3  H N N 343 
TRP HZ2  H N N 344 
TRP HZ3  H N N 345 
TRP HH2  H N N 346 
TRP HXT  H N N 347 
TYR N    N N N 348 
TYR CA   C N S 349 
TYR C    C N N 350 
TYR O    O N N 351 
TYR CB   C N N 352 
TYR CG   C Y N 353 
TYR CD1  C Y N 354 
TYR CD2  C Y N 355 
TYR CE1  C Y N 356 
TYR CE2  C Y N 357 
TYR CZ   C Y N 358 
TYR OH   O N N 359 
TYR OXT  O N N 360 
TYR H    H N N 361 
TYR H2   H N N 362 
TYR HA   H N N 363 
TYR HB2  H N N 364 
TYR HB3  H N N 365 
TYR HD1  H N N 366 
TYR HD2  H N N 367 
TYR HE1  H N N 368 
TYR HE2  H N N 369 
TYR HH   H N N 370 
TYR HXT  H N N 371 
VAL N    N N N 372 
VAL CA   C N S 373 
VAL C    C N N 374 
VAL O    O N N 375 
VAL CB   C N N 376 
VAL CG1  C N N 377 
VAL CG2  C N N 378 
VAL OXT  O N N 379 
VAL H    H N N 380 
VAL H2   H N N 381 
VAL HA   H N N 382 
VAL HB   H N N 383 
VAL HG11 H N N 384 
VAL HG12 H N N 385 
VAL HG13 H N N 386 
VAL HG21 H N N 387 
VAL HG22 H N N 388 
VAL HG23 H N N 389 
VAL HXT  H N N 390 
# 
loop_
_chem_comp_bond.comp_id 
_chem_comp_bond.atom_id_1 
_chem_comp_bond.atom_id_2 
_chem_comp_bond.value_order 
_chem_comp_bond.pdbx_aromatic_flag 
_chem_comp_bond.pdbx_stereo_config 
_chem_comp_bond.pdbx_ordinal 
ALA N   CA   sing N N 1   
ALA N   H    sing N N 2   
ALA N   H2   sing N N 3   
ALA CA  C    sing N N 4   
ALA CA  CB   sing N N 5   
ALA CA  HA   sing N N 6   
ALA C   O    doub N N 7   
ALA C   OXT  sing N N 8   
ALA CB  HB1  sing N N 9   
ALA CB  HB2  sing N N 10  
ALA CB  HB3  sing N N 11  
ALA OXT HXT  sing N N 12  
ARG N   CA   sing N N 13  
ARG N   H    sing N N 14  
ARG N   H2   sing N N 15  
ARG CA  C    sing N N 16  
ARG CA  CB   sing N N 17  
ARG CA  HA   sing N N 18  
ARG C   O    doub N N 19  
ARG C   OXT  sing N N 20  
ARG CB  CG   sing N N 21  
ARG CB  HB2  sing N N 22  
ARG CB  HB3  sing N N 23  
ARG CG  CD   sing N N 24  
ARG CG  HG2  sing N N 25  
ARG CG  HG3  sing N N 26  
ARG CD  NE   sing N N 27  
ARG CD  HD2  sing N N 28  
ARG CD  HD3  sing N N 29  
ARG NE  CZ   sing N N 30  
ARG NE  HE   sing N N 31  
ARG CZ  NH1  sing N N 32  
ARG CZ  NH2  doub N N 33  
ARG NH1 HH11 sing N N 34  
ARG NH1 HH12 sing N N 35  
ARG NH2 HH21 sing N N 36  
ARG NH2 HH22 sing N N 37  
ARG OXT HXT  sing N N 38  
ASN N   CA   sing N N 39  
ASN N   H    sing N N 40  
ASN N   H2   sing N N 41  
ASN CA  C    sing N N 42  
ASN CA  CB   sing N N 43  
ASN CA  HA   sing N N 44  
ASN C   O    doub N N 45  
ASN C   OXT  sing N N 46  
ASN CB  CG   sing N N 47  
ASN CB  HB2  sing N N 48  
ASN CB  HB3  sing N N 49  
ASN CG  OD1  doub N N 50  
ASN CG  ND2  sing N N 51  
ASN ND2 HD21 sing N N 52  
ASN ND2 HD22 sing N N 53  
ASN OXT HXT  sing N N 54  
ASP N   CA   sing N N 55  
ASP N   H    sing N N 56  
ASP N   H2   sing N N 57  
ASP CA  C    sing N N 58  
ASP CA  CB   sing N N 59  
ASP CA  HA   sing N N 60  
ASP C   O    doub N N 61  
ASP C   OXT  sing N N 62  
ASP CB  CG   sing N N 63  
ASP CB  HB2  sing N N 64  
ASP CB  HB3  sing N N 65  
ASP CG  OD1  doub N N 66  
ASP CG  OD2  sing N N 67  
ASP OD2 HD2  sing N N 68  
ASP OXT HXT  sing N N 69  
CYS N   CA   sing N N 70  
CYS N   H    sing N N 71  
CYS N   H2   sing N N 72  
CYS CA  C    sing N N 73  
CYS CA  CB   sing N N 74  
CYS CA  HA   sing N N 75  
CYS C   O    doub N N 76  
CYS C   OXT  sing N N 77  
CYS CB  SG   sing N N 78  
CYS CB  HB2  sing N N 79  
CYS CB  HB3  sing N N 80  
CYS SG  HG   sing N N 81  
CYS OXT HXT  sing N N 82  
GLN N   CA   sing N N 83  
GLN N   H    sing N N 84  
GLN N   H2   sing N N 85  
GLN CA  C    sing N N 86  
GLN CA  CB   sing N N 87  
GLN CA  HA   sing N N 88  
GLN C   O    doub N N 89  
GLN C   OXT  sing N N 90  
GLN CB  CG   sing N N 91  
GLN CB  HB2  sing N N 92  
GLN CB  HB3  sing N N 93  
GLN CG  CD   sing N N 94  
GLN CG  HG2  sing N N 95  
GLN CG  HG3  sing N N 96  
GLN CD  OE1  doub N N 97  
GLN CD  NE2  sing N N 98  
GLN NE2 HE21 sing N N 99  
GLN NE2 HE22 sing N N 100 
GLN OXT HXT  sing N N 101 
GLU N   CA   sing N N 102 
GLU N   H    sing N N 103 
GLU N   H2   sing N N 104 
GLU CA  C    sing N N 105 
GLU CA  CB   sing N N 106 
GLU CA  HA   sing N N 107 
GLU C   O    doub N N 108 
GLU C   OXT  sing N N 109 
GLU CB  CG   sing N N 110 
GLU CB  HB2  sing N N 111 
GLU CB  HB3  sing N N 112 
GLU CG  CD   sing N N 113 
GLU CG  HG2  sing N N 114 
GLU CG  HG3  sing N N 115 
GLU CD  OE1  doub N N 116 
GLU CD  OE2  sing N N 117 
GLU OE2 HE2  sing N N 118 
GLU OXT HXT  sing N N 119 
GLY N   CA   sing N N 120 
GLY N   H    sing N N 121 
GLY N   H2   sing N N 122 
GLY CA  C    sing N N 123 
GLY CA  HA2  sing N N 124 
GLY CA  HA3  sing N N 125 
GLY C   O    doub N N 126 
GLY C   OXT  sing N N 127 
GLY OXT HXT  sing N N 128 
HIS N   CA   sing N N 129 
HIS N   H    sing N N 130 
HIS N   H2   sing N N 131 
HIS CA  C    sing N N 132 
HIS CA  CB   sing N N 133 
HIS CA  HA   sing N N 134 
HIS C   O    doub N N 135 
HIS C   OXT  sing N N 136 
HIS CB  CG   sing N N 137 
HIS CB  HB2  sing N N 138 
HIS CB  HB3  sing N N 139 
HIS CG  ND1  sing Y N 140 
HIS CG  CD2  doub Y N 141 
HIS ND1 CE1  doub Y N 142 
HIS ND1 HD1  sing N N 143 
HIS CD2 NE2  sing Y N 144 
HIS CD2 HD2  sing N N 145 
HIS CE1 NE2  sing Y N 146 
HIS CE1 HE1  sing N N 147 
HIS NE2 HE2  sing N N 148 
HIS OXT HXT  sing N N 149 
HOH O   H1   sing N N 150 
HOH O   H2   sing N N 151 
ILE N   CA   sing N N 152 
ILE N   H    sing N N 153 
ILE N   H2   sing N N 154 
ILE CA  C    sing N N 155 
ILE CA  CB   sing N N 156 
ILE CA  HA   sing N N 157 
ILE C   O    doub N N 158 
ILE C   OXT  sing N N 159 
ILE CB  CG1  sing N N 160 
ILE CB  CG2  sing N N 161 
ILE CB  HB   sing N N 162 
ILE CG1 CD1  sing N N 163 
ILE CG1 HG12 sing N N 164 
ILE CG1 HG13 sing N N 165 
ILE CG2 HG21 sing N N 166 
ILE CG2 HG22 sing N N 167 
ILE CG2 HG23 sing N N 168 
ILE CD1 HD11 sing N N 169 
ILE CD1 HD12 sing N N 170 
ILE CD1 HD13 sing N N 171 
ILE OXT HXT  sing N N 172 
LEU N   CA   sing N N 173 
LEU N   H    sing N N 174 
LEU N   H2   sing N N 175 
LEU CA  C    sing N N 176 
LEU CA  CB   sing N N 177 
LEU CA  HA   sing N N 178 
LEU C   O    doub N N 179 
LEU C   OXT  sing N N 180 
LEU CB  CG   sing N N 181 
LEU CB  HB2  sing N N 182 
LEU CB  HB3  sing N N 183 
LEU CG  CD1  sing N N 184 
LEU CG  CD2  sing N N 185 
LEU CG  HG   sing N N 186 
LEU CD1 HD11 sing N N 187 
LEU CD1 HD12 sing N N 188 
LEU CD1 HD13 sing N N 189 
LEU CD2 HD21 sing N N 190 
LEU CD2 HD22 sing N N 191 
LEU CD2 HD23 sing N N 192 
LEU OXT HXT  sing N N 193 
LYS N   CA   sing N N 194 
LYS N   H    sing N N 195 
LYS N   H2   sing N N 196 
LYS CA  C    sing N N 197 
LYS CA  CB   sing N N 198 
LYS CA  HA   sing N N 199 
LYS C   O    doub N N 200 
LYS C   OXT  sing N N 201 
LYS CB  CG   sing N N 202 
LYS CB  HB2  sing N N 203 
LYS CB  HB3  sing N N 204 
LYS CG  CD   sing N N 205 
LYS CG  HG2  sing N N 206 
LYS CG  HG3  sing N N 207 
LYS CD  CE   sing N N 208 
LYS CD  HD2  sing N N 209 
LYS CD  HD3  sing N N 210 
LYS CE  NZ   sing N N 211 
LYS CE  HE2  sing N N 212 
LYS CE  HE3  sing N N 213 
LYS NZ  HZ1  sing N N 214 
LYS NZ  HZ2  sing N N 215 
LYS NZ  HZ3  sing N N 216 
LYS OXT HXT  sing N N 217 
MET N   CA   sing N N 218 
MET N   H    sing N N 219 
MET N   H2   sing N N 220 
MET CA  C    sing N N 221 
MET CA  CB   sing N N 222 
MET CA  HA   sing N N 223 
MET C   O    doub N N 224 
MET C   OXT  sing N N 225 
MET CB  CG   sing N N 226 
MET CB  HB2  sing N N 227 
MET CB  HB3  sing N N 228 
MET CG  SD   sing N N 229 
MET CG  HG2  sing N N 230 
MET CG  HG3  sing N N 231 
MET SD  CE   sing N N 232 
MET CE  HE1  sing N N 233 
MET CE  HE2  sing N N 234 
MET CE  HE3  sing N N 235 
MET OXT HXT  sing N N 236 
PHE N   CA   sing N N 237 
PHE N   H    sing N N 238 
PHE N   H2   sing N N 239 
PHE CA  C    sing N N 240 
PHE CA  CB   sing N N 241 
PHE CA  HA   sing N N 242 
PHE C   O    doub N N 243 
PHE C   OXT  sing N N 244 
PHE CB  CG   sing N N 245 
PHE CB  HB2  sing N N 246 
PHE CB  HB3  sing N N 247 
PHE CG  CD1  doub Y N 248 
PHE CG  CD2  sing Y N 249 
PHE CD1 CE1  sing Y N 250 
PHE CD1 HD1  sing N N 251 
PHE CD2 CE2  doub Y N 252 
PHE CD2 HD2  sing N N 253 
PHE CE1 CZ   doub Y N 254 
PHE CE1 HE1  sing N N 255 
PHE CE2 CZ   sing Y N 256 
PHE CE2 HE2  sing N N 257 
PHE CZ  HZ   sing N N 258 
PHE OXT HXT  sing N N 259 
PRO N   CA   sing N N 260 
PRO N   CD   sing N N 261 
PRO N   H    sing N N 262 
PRO CA  C    sing N N 263 
PRO CA  CB   sing N N 264 
PRO CA  HA   sing N N 265 
PRO C   O    doub N N 266 
PRO C   OXT  sing N N 267 
PRO CB  CG   sing N N 268 
PRO CB  HB2  sing N N 269 
PRO CB  HB3  sing N N 270 
PRO CG  CD   sing N N 271 
PRO CG  HG2  sing N N 272 
PRO CG  HG3  sing N N 273 
PRO CD  HD2  sing N N 274 
PRO CD  HD3  sing N N 275 
PRO OXT HXT  sing N N 276 
SER N   CA   sing N N 277 
SER N   H    sing N N 278 
SER N   H2   sing N N 279 
SER CA  C    sing N N 280 
SER CA  CB   sing N N 281 
SER CA  HA   sing N N 282 
SER C   O    doub N N 283 
SER C   OXT  sing N N 284 
SER CB  OG   sing N N 285 
SER CB  HB2  sing N N 286 
SER CB  HB3  sing N N 287 
SER OG  HG   sing N N 288 
SER OXT HXT  sing N N 289 
THR N   CA   sing N N 290 
THR N   H    sing N N 291 
THR N   H2   sing N N 292 
THR CA  C    sing N N 293 
THR CA  CB   sing N N 294 
THR CA  HA   sing N N 295 
THR C   O    doub N N 296 
THR C   OXT  sing N N 297 
THR CB  OG1  sing N N 298 
THR CB  CG2  sing N N 299 
THR CB  HB   sing N N 300 
THR OG1 HG1  sing N N 301 
THR CG2 HG21 sing N N 302 
THR CG2 HG22 sing N N 303 
THR CG2 HG23 sing N N 304 
THR OXT HXT  sing N N 305 
TRP N   CA   sing N N 306 
TRP N   H    sing N N 307 
TRP N   H2   sing N N 308 
TRP CA  C    sing N N 309 
TRP CA  CB   sing N N 310 
TRP CA  HA   sing N N 311 
TRP C   O    doub N N 312 
TRP C   OXT  sing N N 313 
TRP CB  CG   sing N N 314 
TRP CB  HB2  sing N N 315 
TRP CB  HB3  sing N N 316 
TRP CG  CD1  doub Y N 317 
TRP CG  CD2  sing Y N 318 
TRP CD1 NE1  sing Y N 319 
TRP CD1 HD1  sing N N 320 
TRP CD2 CE2  doub Y N 321 
TRP CD2 CE3  sing Y N 322 
TRP NE1 CE2  sing Y N 323 
TRP NE1 HE1  sing N N 324 
TRP CE2 CZ2  sing Y N 325 
TRP CE3 CZ3  doub Y N 326 
TRP CE3 HE3  sing N N 327 
TRP CZ2 CH2  doub Y N 328 
TRP CZ2 HZ2  sing N N 329 
TRP CZ3 CH2  sing Y N 330 
TRP CZ3 HZ3  sing N N 331 
TRP CH2 HH2  sing N N 332 
TRP OXT HXT  sing N N 333 
TYR N   CA   sing N N 334 
TYR N   H    sing N N 335 
TYR N   H2   sing N N 336 
TYR CA  C    sing N N 337 
TYR CA  CB   sing N N 338 
TYR CA  HA   sing N N 339 
TYR C   O    doub N N 340 
TYR C   OXT  sing N N 341 
TYR CB  CG   sing N N 342 
TYR CB  HB2  sing N N 343 
TYR CB  HB3  sing N N 344 
TYR CG  CD1  doub Y N 345 
TYR CG  CD2  sing Y N 346 
TYR CD1 CE1  sing Y N 347 
TYR CD1 HD1  sing N N 348 
TYR CD2 CE2  doub Y N 349 
TYR CD2 HD2  sing N N 350 
TYR CE1 CZ   doub Y N 351 
TYR CE1 HE1  sing N N 352 
TYR CE2 CZ   sing Y N 353 
TYR CE2 HE2  sing N N 354 
TYR CZ  OH   sing N N 355 
TYR OH  HH   sing N N 356 
TYR OXT HXT  sing N N 357 
VAL N   CA   sing N N 358 
VAL N   H    sing N N 359 
VAL N   H2   sing N N 360 
VAL CA  C    sing N N 361 
VAL CA  CB   sing N N 362 
VAL CA  HA   sing N N 363 
VAL C   O    doub N N 364 
VAL C   OXT  sing N N 365 
VAL CB  CG1  sing N N 366 
VAL CB  CG2  sing N N 367 
VAL CB  HB   sing N N 368 
VAL CG1 HG11 sing N N 369 
VAL CG1 HG12 sing N N 370 
VAL CG1 HG13 sing N N 371 
VAL CG2 HG21 sing N N 372 
VAL CG2 HG22 sing N N 373 
VAL CG2 HG23 sing N N 374 
VAL OXT HXT  sing N N 375 
# 
_pdbx_initial_refinement_model.accession_code   ? 
_pdbx_initial_refinement_model.id               1 
_pdbx_initial_refinement_model.entity_id_list   ? 
_pdbx_initial_refinement_model.type             'experimental model' 
_pdbx_initial_refinement_model.source_name      Other 
_pdbx_initial_refinement_model.details          'Arnase HII initial MAD phasing model' 
# 
_atom_sites.entry_id                    1I39 
_atom_sites.fract_transf_matrix[1][1]   0.01534342 
_atom_sites.fract_transf_matrix[1][2]   0.00025767 
_atom_sites.fract_transf_matrix[1][3]   -0.00162667 
_atom_sites.fract_transf_matrix[2][1]   0.00682332 
_atom_sites.fract_transf_matrix[2][2]   -0.00924183 
_atom_sites.fract_transf_matrix[2][3]   -0.01030425 
_atom_sites.fract_transf_matrix[3][1]   -0.00060082 
_atom_sites.fract_transf_matrix[3][2]   0.00499317 
_atom_sites.fract_transf_matrix[3][3]   -0.00487620 
_atom_sites.fract_transf_vector[1]      0.533033 
_atom_sites.fract_transf_vector[2]      0.544923 
_atom_sites.fract_transf_vector[3]      0.181369 
# 
loop_
_atom_type.symbol 
C 
N 
O 
S 
# 
loop_
_atom_site.group_PDB 
_atom_site.id 
_atom_site.type_symbol 
_atom_site.label_atom_id 
_atom_site.label_alt_id 
_atom_site.label_comp_id 
_atom_site.label_asym_id 
_atom_site.label_entity_id 
_atom_site.label_seq_id 
_atom_site.pdbx_PDB_ins_code 
_atom_site.Cartn_x 
_atom_site.Cartn_y 
_atom_site.Cartn_z 
_atom_site.occupancy 
_atom_site.B_iso_or_equiv 
_atom_site.pdbx_formal_charge 
_atom_site.auth_seq_id 
_atom_site.auth_comp_id 
_atom_site.auth_asym_id 
_atom_site.auth_atom_id 
_atom_site.pdbx_PDB_model_num 
ATOM   1    N N   . MET A 1 21  ? 22.247  1.436   -7.196  1.00 53.30 ? 1   MET A N   1 
ATOM   2    C CA  . MET A 1 21  ? 21.476  1.450   -5.917  1.00 51.98 ? 1   MET A CA  1 
ATOM   3    C C   . MET A 1 21  ? 20.512  0.276   -5.803  1.00 50.82 ? 1   MET A C   1 
ATOM   4    O O   . MET A 1 21  ? 20.115  -0.317  -6.804  1.00 50.62 ? 1   MET A O   1 
ATOM   5    C CB  . MET A 1 21  ? 20.666  2.743   -5.793  1.00 53.26 ? 1   MET A CB  1 
ATOM   6    C CG  . MET A 1 21  ? 21.480  3.987   -5.494  1.00 54.99 ? 1   MET A CG  1 
ATOM   7    S SD  . MET A 1 21  ? 20.427  5.449   -5.318  1.00 56.15 ? 1   MET A SD  1 
ATOM   8    C CE  . MET A 1 21  ? 20.885  6.387   -6.788  1.00 55.71 ? 1   MET A CE  1 
ATOM   9    N N   . LYS A 1 22  ? 20.147  -0.053  -4.568  1.00 48.85 ? 2   LYS A N   1 
ATOM   10   C CA  . LYS A 1 22  ? 19.189  -1.118  -4.301  1.00 46.75 ? 2   LYS A CA  1 
ATOM   11   C C   . LYS A 1 22  ? 17.877  -0.393  -3.990  1.00 44.17 ? 2   LYS A C   1 
ATOM   12   O O   . LYS A 1 22  ? 17.884  0.805   -3.716  1.00 43.69 ? 2   LYS A O   1 
ATOM   13   C CB  . LYS A 1 22  ? 19.629  -1.952  -3.095  1.00 46.89 ? 2   LYS A CB  1 
ATOM   14   C CG  . LYS A 1 22  ? 20.913  -2.742  -3.299  1.00 47.84 ? 2   LYS A CG  1 
ATOM   15   C CD  . LYS A 1 22  ? 21.213  -3.586  -2.071  1.00 48.66 ? 2   LYS A CD  1 
ATOM   16   C CE  . LYS A 1 22  ? 22.519  -4.358  -2.196  1.00 50.27 ? 2   LYS A CE  1 
ATOM   17   N NZ  . LYS A 1 22  ? 22.797  -5.113  -0.933  1.00 50.75 ? 2   LYS A NZ  1 
ATOM   18   N N   . ALA A 1 23  ? 16.757  -1.103  -4.031  1.00 42.28 ? 3   ALA A N   1 
ATOM   19   C CA  . ALA A 1 23  ? 15.473  -0.466  -3.756  1.00 39.55 ? 3   ALA A CA  1 
ATOM   20   C C   . ALA A 1 23  ? 14.511  -1.384  -3.022  1.00 37.89 ? 3   ALA A C   1 
ATOM   21   O O   . ALA A 1 23  ? 14.572  -2.602  -3.174  1.00 37.16 ? 3   ALA A O   1 
ATOM   22   C CB  . ALA A 1 23  ? 14.837  0.017   -5.061  1.00 39.64 ? 3   ALA A CB  1 
ATOM   23   N N   . GLY A 1 24  ? 13.637  -0.780  -2.218  1.00 35.31 ? 4   GLY A N   1 
ATOM   24   C CA  . GLY A 1 24  ? 12.644  -1.527  -1.467  1.00 33.84 ? 4   GLY A CA  1 
ATOM   25   C C   . GLY A 1 24  ? 11.263  -1.124  -1.957  1.00 32.51 ? 4   GLY A C   1 
ATOM   26   O O   . GLY A 1 24  ? 11.049  0.033   -2.307  1.00 32.11 ? 4   GLY A O   1 
ATOM   27   N N   . ILE A 1 25  ? 10.332  -2.074  -1.985  1.00 31.60 ? 5   ILE A N   1 
ATOM   28   C CA  . ILE A 1 25  ? 8.973   -1.827  -2.463  1.00 32.10 ? 5   ILE A CA  1 
ATOM   29   C C   . ILE A 1 25  ? 7.939   -2.416  -1.500  1.00 31.58 ? 5   ILE A C   1 
ATOM   30   O O   . ILE A 1 25  ? 8.102   -3.533  -1.012  1.00 32.61 ? 5   ILE A O   1 
ATOM   31   C CB  . ILE A 1 25  ? 8.732   -2.480  -3.852  1.00 33.20 ? 5   ILE A CB  1 
ATOM   32   C CG1 . ILE A 1 25  ? 9.976   -2.353  -4.738  1.00 33.24 ? 5   ILE A CG1 1 
ATOM   33   C CG2 . ILE A 1 25  ? 7.534   -1.830  -4.525  1.00 32.19 ? 5   ILE A CG2 1 
ATOM   34   C CD1 . ILE A 1 25  ? 10.281  -0.945  -5.215  1.00 33.54 ? 5   ILE A CD1 1 
ATOM   35   N N   . ASP A 1 26  ? 6.875   -1.665  -1.230  1.00 30.78 ? 6   ASP A N   1 
ATOM   36   C CA  . ASP A 1 26  ? 5.819   -2.139  -0.335  1.00 28.97 ? 6   ASP A CA  1 
ATOM   37   C C   . ASP A 1 26  ? 4.489   -1.463  -0.679  1.00 26.95 ? 6   ASP A C   1 
ATOM   38   O O   . ASP A 1 26  ? 4.411   -0.678  -1.626  1.00 26.95 ? 6   ASP A O   1 
ATOM   39   C CB  . ASP A 1 26  ? 6.183   -1.863  1.126   1.00 28.77 ? 6   ASP A CB  1 
ATOM   40   C CG  . ASP A 1 26  ? 5.624   -2.920  2.087   1.00 31.05 ? 6   ASP A CG  1 
ATOM   41   O OD1 . ASP A 1 26  ? 4.679   -3.655  1.717   1.00 30.50 ? 6   ASP A OD1 1 
ATOM   42   O OD2 . ASP A 1 26  ? 6.132   -3.002  3.225   1.00 32.94 ? 6   ASP A OD2 1 
ATOM   43   N N   . GLU A 1 27  ? 3.453   -1.771  0.090   1.00 25.67 ? 7   GLU A N   1 
ATOM   44   C CA  . GLU A 1 27  ? 2.122   -1.208  -0.150  1.00 25.75 ? 7   GLU A CA  1 
ATOM   45   C C   . GLU A 1 27  ? 1.384   -0.911  1.137   1.00 25.09 ? 7   GLU A C   1 
ATOM   46   O O   . GLU A 1 27  ? 1.808   -1.328  2.213   1.00 24.29 ? 7   GLU A O   1 
ATOM   47   C CB  . GLU A 1 27  ? 1.262   -2.196  -0.953  1.00 26.65 ? 7   GLU A CB  1 
ATOM   48   C CG  . GLU A 1 27  ? 1.053   -3.557  -0.258  1.00 28.48 ? 7   GLU A CG  1 
ATOM   49   C CD  . GLU A 1 27  ? 0.073   -3.513  0.915   1.00 30.55 ? 7   GLU A CD  1 
ATOM   50   O OE1 . GLU A 1 27  ? 0.312   -4.217  1.924   1.00 32.82 ? 7   GLU A OE1 1 
ATOM   51   O OE2 . GLU A 1 27  ? -0.944  -2.790  0.828   1.00 31.51 ? 7   GLU A OE2 1 
ATOM   52   N N   . ALA A 1 28  ? 0.269   -0.196  1.004   1.00 23.31 ? 8   ALA A N   1 
ATOM   53   C CA  . ALA A 1 28  ? -0.608  0.111   2.125   1.00 22.81 ? 8   ALA A CA  1 
ATOM   54   C C   . ALA A 1 28  ? -2.042  0.129   1.595   1.00 22.68 ? 8   ALA A C   1 
ATOM   55   O O   . ALA A 1 28  ? -2.305  0.714   0.547   1.00 23.99 ? 8   ALA A O   1 
ATOM   56   C CB  . ALA A 1 28  ? -0.264  1.467   2.732   1.00 23.48 ? 8   ALA A CB  1 
ATOM   57   N N   . GLY A 1 29  ? -2.953  -0.521  2.315   1.00 22.58 ? 9   GLY A N   1 
ATOM   58   C CA  . GLY A 1 29  ? -4.355  -0.526  1.934   1.00 24.41 ? 9   GLY A CA  1 
ATOM   59   C C   . GLY A 1 29  ? -4.884  -1.679  1.097   1.00 25.18 ? 9   GLY A C   1 
ATOM   60   O O   . GLY A 1 29  ? -6.021  -1.625  0.626   1.00 24.75 ? 9   GLY A O   1 
ATOM   61   N N   . LYS A 1 30  ? -4.096  -2.730  0.920   1.00 26.68 ? 10  LYS A N   1 
ATOM   62   C CA  . LYS A 1 30  ? -4.569  -3.840  0.098   1.00 28.88 ? 10  LYS A CA  1 
ATOM   63   C C   . LYS A 1 30  ? -5.802  -4.539  0.672   1.00 29.47 ? 10  LYS A C   1 
ATOM   64   O O   . LYS A 1 30  ? -6.645  -5.012  -0.082  1.00 31.41 ? 10  LYS A O   1 
ATOM   65   C CB  . LYS A 1 30  ? -3.449  -4.868  -0.139  1.00 30.03 ? 10  LYS A CB  1 
ATOM   66   C CG  . LYS A 1 30  ? -2.946  -5.580  1.106   1.00 32.73 ? 10  LYS A CG  1 
ATOM   67   C CD  . LYS A 1 30  ? -1.976  -6.711  0.745   1.00 35.17 ? 10  LYS A CD  1 
ATOM   68   C CE  . LYS A 1 30  ? -1.423  -7.381  1.997   1.00 39.09 ? 10  LYS A CE  1 
ATOM   69   N NZ  . LYS A 1 30  ? -0.558  -8.556  1.687   1.00 38.56 ? 10  LYS A NZ  1 
ATOM   70   N N   . GLY A 1 31  ? -5.928  -4.577  1.995   1.00 29.08 ? 11  GLY A N   1 
ATOM   71   C CA  . GLY A 1 31  ? -7.064  -5.260  2.593   1.00 30.31 ? 11  GLY A CA  1 
ATOM   72   C C   . GLY A 1 31  ? -8.228  -4.382  3.021   1.00 31.90 ? 11  GLY A C   1 
ATOM   73   O O   . GLY A 1 31  ? -9.207  -4.874  3.568   1.00 31.11 ? 11  GLY A O   1 
ATOM   74   N N   . CYS A 1 32  ? -8.123  -3.086  2.753   1.00 31.46 ? 12  CYS A N   1 
ATOM   75   C CA  . CYS A 1 32  ? -9.146  -2.113  3.118   1.00 33.15 ? 12  CYS A CA  1 
ATOM   76   C C   . CYS A 1 32  ? -10.393 -2.187  2.209   1.00 33.32 ? 12  CYS A C   1 
ATOM   77   O O   . CYS A 1 32  ? -10.317 -2.676  1.083   1.00 33.49 ? 12  CYS A O   1 
ATOM   78   C CB  . CYS A 1 32  ? -8.512  -0.723  3.038   1.00 35.53 ? 12  CYS A CB  1 
ATOM   79   S SG  . CYS A 1 32  ? -9.134  0.460   4.209   1.00 46.95 ? 12  CYS A SG  1 
ATOM   80   N N   . VAL A 1 33  ? -11.545 -1.729  2.703   1.00 32.11 ? 13  VAL A N   1 
ATOM   81   C CA  . VAL A 1 33  ? -12.763 -1.717  1.883   1.00 31.29 ? 13  VAL A CA  1 
ATOM   82   C C   . VAL A 1 33  ? -13.047 -0.283  1.424   1.00 29.58 ? 13  VAL A C   1 
ATOM   83   O O   . VAL A 1 33  ? -13.828 -0.057  0.496   1.00 30.25 ? 13  VAL A O   1 
ATOM   84   C CB  . VAL A 1 33  ? -14.012 -2.269  2.643   1.00 32.05 ? 13  VAL A CB  1 
ATOM   85   C CG1 . VAL A 1 33  ? -13.827 -3.745  2.959   1.00 32.69 ? 13  VAL A CG1 1 
ATOM   86   C CG2 . VAL A 1 33  ? -14.242 -1.493  3.918   1.00 32.66 ? 13  VAL A CG2 1 
ATOM   87   N N   . ILE A 1 34  ? -12.398 0.678   2.076   1.00 27.48 ? 14  ILE A N   1 
ATOM   88   C CA  . ILE A 1 34  ? -12.546 2.096   1.748   1.00 25.85 ? 14  ILE A CA  1 
ATOM   89   C C   . ILE A 1 34  ? -11.170 2.712   1.450   1.00 27.51 ? 14  ILE A C   1 
ATOM   90   O O   . ILE A 1 34  ? -10.176 2.373   2.103   1.00 26.60 ? 14  ILE A O   1 
ATOM   91   C CB  . ILE A 1 34  ? -13.220 2.871   2.924   1.00 25.73 ? 14  ILE A CB  1 
ATOM   92   C CG1 . ILE A 1 34  ? -14.699 2.470   3.034   1.00 27.64 ? 14  ILE A CG1 1 
ATOM   93   C CG2 . ILE A 1 34  ? -13.093 4.383   2.719   1.00 24.96 ? 14  ILE A CG2 1 
ATOM   94   C CD1 . ILE A 1 34  ? -15.409 3.039   4.250   1.00 26.79 ? 14  ILE A CD1 1 
ATOM   95   N N   . GLY A 1 35  ? -11.106 3.600   0.460   1.00 25.66 ? 15  GLY A N   1 
ATOM   96   C CA  . GLY A 1 35  ? -9.841  4.249   0.153   1.00 24.31 ? 15  GLY A CA  1 
ATOM   97   C C   . GLY A 1 35  ? -8.964  3.607   -0.908  1.00 24.05 ? 15  GLY A C   1 
ATOM   98   O O   . GLY A 1 35  ? -9.202  2.473   -1.338  1.00 22.88 ? 15  GLY A O   1 
ATOM   99   N N   . PRO A 1 36  ? -7.890  4.300   -1.319  1.00 24.34 ? 16  PRO A N   1 
ATOM   100  C CA  . PRO A 1 36  ? -6.990  3.785   -2.347  1.00 24.90 ? 16  PRO A CA  1 
ATOM   101  C C   . PRO A 1 36  ? -5.992  2.726   -1.912  1.00 25.24 ? 16  PRO A C   1 
ATOM   102  O O   . PRO A 1 36  ? -5.813  2.455   -0.721  1.00 24.15 ? 16  PRO A O   1 
ATOM   103  C CB  . PRO A 1 36  ? -6.273  5.045   -2.817  1.00 25.99 ? 16  PRO A CB  1 
ATOM   104  C CG  . PRO A 1 36  ? -6.047  5.756   -1.513  1.00 27.08 ? 16  PRO A CG  1 
ATOM   105  C CD  . PRO A 1 36  ? -7.379  5.572   -0.772  1.00 25.02 ? 16  PRO A CD  1 
ATOM   106  N N   . LEU A 1 37  ? -5.353  2.137   -2.919  1.00 24.67 ? 17  LEU A N   1 
ATOM   107  C CA  . LEU A 1 37  ? -4.280  1.181   -2.716  1.00 25.09 ? 17  LEU A CA  1 
ATOM   108  C C   . LEU A 1 37  ? -3.059  2.046   -3.034  1.00 23.70 ? 17  LEU A C   1 
ATOM   109  O O   . LEU A 1 37  ? -3.028  2.718   -4.059  1.00 23.30 ? 17  LEU A O   1 
ATOM   110  C CB  . LEU A 1 37  ? -4.343  0.018   -3.715  1.00 24.72 ? 17  LEU A CB  1 
ATOM   111  C CG  . LEU A 1 37  ? -3.049  -0.813  -3.764  1.00 27.93 ? 17  LEU A CG  1 
ATOM   112  C CD1 . LEU A 1 37  ? -2.825  -1.533  -2.420  1.00 26.48 ? 17  LEU A CD1 1 
ATOM   113  C CD2 . LEU A 1 37  ? -3.109  -1.818  -4.918  1.00 25.83 ? 17  LEU A CD2 1 
ATOM   114  N N   . VAL A 1 38  ? -2.079  2.056   -2.145  1.00 23.87 ? 18  VAL A N   1 
ATOM   115  C CA  . VAL A 1 38  ? -0.871  2.844   -2.359  1.00 23.79 ? 18  VAL A CA  1 
ATOM   116  C C   . VAL A 1 38  ? 0.356   1.929   -2.425  1.00 23.85 ? 18  VAL A C   1 
ATOM   117  O O   . VAL A 1 38  ? 0.563   1.079   -1.556  1.00 23.30 ? 18  VAL A O   1 
ATOM   118  C CB  . VAL A 1 38  ? -0.679  3.893   -1.223  1.00 25.51 ? 18  VAL A CB  1 
ATOM   119  C CG1 . VAL A 1 38  ? 0.606   4.698   -1.453  1.00 24.20 ? 18  VAL A CG1 1 
ATOM   120  C CG2 . VAL A 1 38  ? -1.898  4.823   -1.161  1.00 24.51 ? 18  VAL A CG2 1 
ATOM   121  N N   . VAL A 1 39  ? 1.151   2.099   -3.476  1.00 23.00 ? 19  VAL A N   1 
ATOM   122  C CA  . VAL A 1 39  ? 2.365   1.317   -3.667  1.00 23.52 ? 19  VAL A CA  1 
ATOM   123  C C   . VAL A 1 39  ? 3.523   2.309   -3.785  1.00 23.71 ? 19  VAL A C   1 
ATOM   124  O O   . VAL A 1 39  ? 3.453   3.265   -4.559  1.00 22.83 ? 19  VAL A O   1 
ATOM   125  C CB  . VAL A 1 39  ? 2.280   0.464   -4.952  1.00 23.64 ? 19  VAL A CB  1 
ATOM   126  C CG1 . VAL A 1 39  ? 3.565   -0.348  -5.128  1.00 24.43 ? 19  VAL A CG1 1 
ATOM   127  C CG2 . VAL A 1 39  ? 1.054   -0.460  -4.887  1.00 24.15 ? 19  VAL A CG2 1 
ATOM   128  N N   . ALA A 1 40  ? 4.583   2.082   -3.015  1.00 24.90 ? 20  ALA A N   1 
ATOM   129  C CA  . ALA A 1 40  ? 5.739   2.984   -3.031  1.00 24.72 ? 20  ALA A CA  1 
ATOM   130  C C   . ALA A 1 40  ? 7.084   2.269   -3.107  1.00 25.21 ? 20  ALA A C   1 
ATOM   131  O O   . ALA A 1 40  ? 7.222   1.132   -2.675  1.00 24.78 ? 20  ALA A O   1 
ATOM   132  C CB  . ALA A 1 40  ? 5.707   3.873   -1.801  1.00 24.01 ? 20  ALA A CB  1 
ATOM   133  N N   . GLY A 1 41  ? 8.072   2.971   -3.655  1.00 27.32 ? 21  GLY A N   1 
ATOM   134  C CA  . GLY A 1 41  ? 9.410   2.430   -3.785  1.00 28.82 ? 21  GLY A CA  1 
ATOM   135  C C   . GLY A 1 41  ? 10.443  3.424   -3.278  1.00 29.65 ? 21  GLY A C   1 
ATOM   136  O O   . GLY A 1 41  ? 10.278  4.637   -3.438  1.00 28.18 ? 21  GLY A O   1 
ATOM   137  N N   . VAL A 1 42  ? 11.499  2.908   -2.652  1.00 29.24 ? 22  VAL A N   1 
ATOM   138  C CA  . VAL A 1 42  ? 12.570  3.743   -2.120  1.00 31.41 ? 22  VAL A CA  1 
ATOM   139  C C   . VAL A 1 42  ? 13.943  3.200   -2.518  1.00 31.80 ? 22  VAL A C   1 
ATOM   140  O O   . VAL A 1 42  ? 14.218  2.002   -2.377  1.00 31.11 ? 22  VAL A O   1 
ATOM   141  C CB  . VAL A 1 42  ? 12.510  3.825   -0.569  1.00 30.47 ? 22  VAL A CB  1 
ATOM   142  C CG1 . VAL A 1 42  ? 13.649  4.695   -0.044  1.00 31.38 ? 22  VAL A CG1 1 
ATOM   143  C CG2 . VAL A 1 42  ? 11.156  4.388   -0.124  1.00 30.75 ? 22  VAL A CG2 1 
ATOM   144  N N   . ALA A 1 43  ? 14.795  4.095   -3.014  1.00 33.13 ? 23  ALA A N   1 
ATOM   145  C CA  . ALA A 1 43  ? 16.159  3.756   -3.418  1.00 35.57 ? 23  ALA A CA  1 
ATOM   146  C C   . ALA A 1 43  ? 17.103  4.780   -2.777  1.00 36.53 ? 23  ALA A C   1 
ATOM   147  O O   . ALA A 1 43  ? 16.905  5.987   -2.922  1.00 35.36 ? 23  ALA A O   1 
ATOM   148  C CB  . ALA A 1 43  ? 16.286  3.792   -4.934  1.00 33.71 ? 23  ALA A CB  1 
ATOM   149  N N   . CYS A 1 44  ? 18.122  4.295   -2.073  1.00 40.67 ? 24  CYS A N   1 
ATOM   150  C CA  . CYS A 1 44  ? 19.064  5.173   -1.381  1.00 44.92 ? 24  CYS A CA  1 
ATOM   151  C C   . CYS A 1 44  ? 20.508  4.919   -1.772  1.00 46.04 ? 24  CYS A C   1 
ATOM   152  O O   . CYS A 1 44  ? 20.889  3.793   -2.086  1.00 45.67 ? 24  CYS A O   1 
ATOM   153  C CB  . CYS A 1 44  ? 18.937  4.990   0.133   1.00 45.61 ? 24  CYS A CB  1 
ATOM   154  S SG  . CYS A 1 44  ? 17.250  4.679   0.691   1.00 53.93 ? 24  CYS A SG  1 
ATOM   155  N N   . SER A 1 45  ? 21.311  5.978   -1.722  1.00 48.01 ? 25  SER A N   1 
ATOM   156  C CA  . SER A 1 45  ? 22.725  5.896   -2.057  1.00 49.31 ? 25  SER A CA  1 
ATOM   157  C C   . SER A 1 45  ? 23.539  5.679   -0.788  1.00 50.00 ? 25  SER A C   1 
ATOM   158  O O   . SER A 1 45  ? 24.728  5.375   -0.848  1.00 50.60 ? 25  SER A O   1 
ATOM   159  C CB  . SER A 1 45  ? 23.182  7.190   -2.741  1.00 49.23 ? 25  SER A CB  1 
ATOM   160  O OG  . SER A 1 45  ? 23.098  8.292   -1.852  1.00 48.40 ? 25  SER A OG  1 
ATOM   161  N N   . ASP A 1 46  ? 22.888  5.840   0.359   1.00 50.92 ? 26  ASP A N   1 
ATOM   162  C CA  . ASP A 1 46  ? 23.549  5.673   1.648   1.00 52.09 ? 26  ASP A CA  1 
ATOM   163  C C   . ASP A 1 46  ? 22.588  5.015   2.630   1.00 52.50 ? 26  ASP A C   1 
ATOM   164  O O   . ASP A 1 46  ? 21.764  5.694   3.246   1.00 52.60 ? 26  ASP A O   1 
ATOM   165  C CB  . ASP A 1 46  ? 23.976  7.037   2.194   1.00 53.03 ? 26  ASP A CB  1 
ATOM   166  C CG  . ASP A 1 46  ? 24.825  6.932   3.451   1.00 53.98 ? 26  ASP A CG  1 
ATOM   167  O OD1 . ASP A 1 46  ? 24.639  5.975   4.237   1.00 54.55 ? 26  ASP A OD1 1 
ATOM   168  O OD2 . ASP A 1 46  ? 25.670  7.823   3.661   1.00 54.36 ? 26  ASP A OD2 1 
ATOM   169  N N   . GLU A 1 47  ? 22.700  3.699   2.781   1.00 52.54 ? 27  GLU A N   1 
ATOM   170  C CA  . GLU A 1 47  ? 21.828  2.965   3.689   1.00 54.01 ? 27  GLU A CA  1 
ATOM   171  C C   . GLU A 1 47  ? 22.039  3.261   5.168   1.00 54.23 ? 27  GLU A C   1 
ATOM   172  O O   . GLU A 1 47  ? 21.078  3.309   5.934   1.00 54.39 ? 27  GLU A O   1 
ATOM   173  C CB  . GLU A 1 47  ? 21.970  1.461   3.470   1.00 55.01 ? 27  GLU A CB  1 
ATOM   174  C CG  . GLU A 1 47  ? 21.012  0.892   2.449   1.00 57.40 ? 27  GLU A CG  1 
ATOM   175  C CD  . GLU A 1 47  ? 20.826  -0.601  2.620   1.00 58.85 ? 27  GLU A CD  1 
ATOM   176  O OE1 . GLU A 1 47  ? 20.364  -1.020  3.706   1.00 59.71 ? 27  GLU A OE1 1 
ATOM   177  O OE2 . GLU A 1 47  ? 21.146  -1.353  1.674   1.00 60.10 ? 27  GLU A OE2 1 
ATOM   178  N N   . ASP A 1 48  ? 23.289  3.450   5.578   1.00 54.64 ? 28  ASP A N   1 
ATOM   179  C CA  . ASP A 1 48  ? 23.573  3.722   6.981   1.00 54.39 ? 28  ASP A CA  1 
ATOM   180  C C   . ASP A 1 48  ? 22.972  5.055   7.402   1.00 53.07 ? 28  ASP A C   1 
ATOM   181  O O   . ASP A 1 48  ? 22.628  5.249   8.569   1.00 52.67 ? 28  ASP A O   1 
ATOM   182  C CB  . ASP A 1 48  ? 25.084  3.715   7.242   1.00 56.16 ? 28  ASP A CB  1 
ATOM   183  C CG  . ASP A 1 48  ? 25.419  3.677   8.730   1.00 57.99 ? 28  ASP A CG  1 
ATOM   184  O OD1 . ASP A 1 48  ? 25.015  2.710   9.418   1.00 58.89 ? 28  ASP A OD1 1 
ATOM   185  O OD2 . ASP A 1 48  ? 26.088  4.615   9.214   1.00 59.84 ? 28  ASP A OD2 1 
ATOM   186  N N   . ARG A 1 49  ? 22.843  5.980   6.455   1.00 51.75 ? 29  ARG A N   1 
ATOM   187  C CA  . ARG A 1 49  ? 22.258  7.273   6.776   1.00 51.45 ? 29  ARG A CA  1 
ATOM   188  C C   . ARG A 1 49  ? 20.754  7.070   6.940   1.00 50.88 ? 29  ARG A C   1 
ATOM   189  O O   . ARG A 1 49  ? 20.102  7.741   7.739   1.00 50.39 ? 29  ARG A O   1 
ATOM   190  C CB  . ARG A 1 49  ? 22.532  8.293   5.668   1.00 51.64 ? 29  ARG A CB  1 
ATOM   191  C CG  . ARG A 1 49  ? 22.157  9.705   6.072   1.00 51.93 ? 29  ARG A CG  1 
ATOM   192  C CD  . ARG A 1 49  ? 22.469  10.722  4.999   1.00 52.82 ? 29  ARG A CD  1 
ATOM   193  N NE  . ARG A 1 49  ? 22.181  12.076  5.463   1.00 54.28 ? 29  ARG A NE  1 
ATOM   194  C CZ  . ARG A 1 49  ? 22.224  13.159  4.692   1.00 55.77 ? 29  ARG A CZ  1 
ATOM   195  N NH1 . ARG A 1 49  ? 22.544  13.055  3.408   1.00 56.82 ? 29  ARG A NH1 1 
ATOM   196  N NH2 . ARG A 1 49  ? 21.946  14.351  5.204   1.00 55.48 ? 29  ARG A NH2 1 
ATOM   197  N N   . LEU A 1 50  ? 20.215  6.126   6.174   1.00 50.17 ? 30  LEU A N   1 
ATOM   198  C CA  . LEU A 1 50  ? 18.798  5.803   6.240   1.00 49.31 ? 30  LEU A CA  1 
ATOM   199  C C   . LEU A 1 50  ? 18.520  5.190   7.607   1.00 49.30 ? 30  LEU A C   1 
ATOM   200  O O   . LEU A 1 50  ? 17.524  5.510   8.256   1.00 48.80 ? 30  LEU A O   1 
ATOM   201  C CB  . LEU A 1 50  ? 18.434  4.801   5.143   1.00 48.15 ? 30  LEU A CB  1 
ATOM   202  C CG  . LEU A 1 50  ? 16.986  4.306   5.134   1.00 47.57 ? 30  LEU A CG  1 
ATOM   203  C CD1 . LEU A 1 50  ? 16.046  5.469   4.842   1.00 46.08 ? 30  LEU A CD1 1 
ATOM   204  C CD2 . LEU A 1 50  ? 16.825  3.220   4.090   1.00 47.00 ? 30  LEU A CD2 1 
ATOM   205  N N   . ARG A 1 51  ? 19.422  4.312   8.035   1.00 49.13 ? 31  ARG A N   1 
ATOM   206  C CA  . ARG A 1 51  ? 19.305  3.637   9.318   1.00 49.38 ? 31  ARG A CA  1 
ATOM   207  C C   . ARG A 1 51  ? 19.293  4.644   10.458  1.00 48.90 ? 31  ARG A C   1 
ATOM   208  O O   . ARG A 1 51  ? 18.521  4.512   11.403  1.00 48.99 ? 31  ARG A O   1 
ATOM   209  C CB  . ARG A 1 51  ? 20.478  2.676   9.506   1.00 50.94 ? 31  ARG A CB  1 
ATOM   210  C CG  . ARG A 1 51  ? 20.659  1.683   8.375   1.00 52.12 ? 31  ARG A CG  1 
ATOM   211  C CD  . ARG A 1 51  ? 22.032  1.039   8.430   1.00 53.95 ? 31  ARG A CD  1 
ATOM   212  N NE  . ARG A 1 51  ? 22.322  0.272   7.221   1.00 54.69 ? 31  ARG A NE  1 
ATOM   213  C CZ  . ARG A 1 51  ? 23.519  -0.220  6.916   1.00 55.06 ? 31  ARG A CZ  1 
ATOM   214  N NH1 . ARG A 1 51  ? 24.547  -0.027  7.734   1.00 54.51 ? 31  ARG A NH1 1 
ATOM   215  N NH2 . ARG A 1 51  ? 23.689  -0.901  5.790   1.00 55.85 ? 31  ARG A NH2 1 
ATOM   216  N N   . LYS A 1 52  ? 20.154  5.651   10.368  1.00 48.76 ? 32  LYS A N   1 
ATOM   217  C CA  . LYS A 1 52  ? 20.241  6.671   11.401  1.00 48.82 ? 32  LYS A CA  1 
ATOM   218  C C   . LYS A 1 52  ? 18.882  7.307   11.695  1.00 48.21 ? 32  LYS A C   1 
ATOM   219  O O   . LYS A 1 52  ? 18.624  7.727   12.826  1.00 47.16 ? 32  LYS A O   1 
ATOM   220  C CB  . LYS A 1 52  ? 21.235  7.763   10.996  1.00 51.19 ? 32  LYS A CB  1 
ATOM   221  C CG  . LYS A 1 52  ? 21.421  8.837   12.065  1.00 53.92 ? 32  LYS A CG  1 
ATOM   222  C CD  . LYS A 1 52  ? 22.319  9.973   11.592  1.00 55.69 ? 32  LYS A CD  1 
ATOM   223  C CE  . LYS A 1 52  ? 22.516  11.014  12.690  1.00 56.49 ? 32  LYS A CE  1 
ATOM   224  N NZ  . LYS A 1 52  ? 23.414  12.126  12.268  1.00 56.94 ? 32  LYS A NZ  1 
ATOM   225  N N   . LEU A 1 53  ? 18.024  7.380   10.678  1.00 46.63 ? 33  LEU A N   1 
ATOM   226  C CA  . LEU A 1 53  ? 16.690  7.958   10.839  1.00 45.15 ? 33  LEU A CA  1 
ATOM   227  C C   . LEU A 1 53  ? 15.819  7.063   11.716  1.00 44.05 ? 33  LEU A C   1 
ATOM   228  O O   . LEU A 1 53  ? 14.790  7.501   12.235  1.00 43.46 ? 33  LEU A O   1 
ATOM   229  C CB  . LEU A 1 53  ? 16.013  8.154   9.474   1.00 44.64 ? 33  LEU A CB  1 
ATOM   230  C CG  . LEU A 1 53  ? 16.585  9.224   8.541   1.00 43.38 ? 33  LEU A CG  1 
ATOM   231  C CD1 . LEU A 1 53  ? 15.733  9.320   7.281   1.00 42.35 ? 33  LEU A CD1 1 
ATOM   232  C CD2 . LEU A 1 53  ? 16.615  10.562  9.259   1.00 43.37 ? 33  LEU A CD2 1 
ATOM   233  N N   . GLY A 1 54  ? 16.235  5.808   11.865  1.00 43.30 ? 34  GLY A N   1 
ATOM   234  C CA  . GLY A 1 54  ? 15.501  4.860   12.684  1.00 42.72 ? 34  GLY A CA  1 
ATOM   235  C C   . GLY A 1 54  ? 14.306  4.188   12.025  1.00 43.35 ? 34  GLY A C   1 
ATOM   236  O O   . GLY A 1 54  ? 13.284  3.966   12.680  1.00 42.58 ? 34  GLY A O   1 
ATOM   237  N N   . VAL A 1 55  ? 14.424  3.850   10.745  1.00 43.08 ? 35  VAL A N   1 
ATOM   238  C CA  . VAL A 1 55  ? 13.327  3.198   10.030  1.00 43.67 ? 35  VAL A CA  1 
ATOM   239  C C   . VAL A 1 55  ? 13.055  1.790   10.562  1.00 44.49 ? 35  VAL A C   1 
ATOM   240  O O   . VAL A 1 55  ? 11.919  1.316   10.529  1.00 42.64 ? 35  VAL A O   1 
ATOM   241  C CB  . VAL A 1 55  ? 13.615  3.100   8.506   1.00 42.86 ? 35  VAL A CB  1 
ATOM   242  C CG1 . VAL A 1 55  ? 13.839  4.483   7.928   1.00 42.76 ? 35  VAL A CG1 1 
ATOM   243  C CG2 . VAL A 1 55  ? 14.817  2.215   8.260   1.00 42.74 ? 35  VAL A CG2 1 
ATOM   244  N N   . LYS A 1 56  ? 14.099  1.130   11.062  1.00 47.20 ? 36  LYS A N   1 
ATOM   245  C CA  . LYS A 1 56  ? 13.966  -0.226  11.590  1.00 48.83 ? 36  LYS A CA  1 
ATOM   246  C C   . LYS A 1 56  ? 12.862  -0.341  12.638  1.00 49.17 ? 36  LYS A C   1 
ATOM   247  O O   . LYS A 1 56  ? 12.038  -1.254  12.576  1.00 49.11 ? 36  LYS A O   1 
ATOM   248  C CB  . LYS A 1 56  ? 15.290  -0.708  12.191  1.00 50.48 ? 36  LYS A CB  1 
ATOM   249  C CG  . LYS A 1 56  ? 15.227  -2.148  12.697  1.00 53.87 ? 36  LYS A CG  1 
ATOM   250  C CD  . LYS A 1 56  ? 16.528  -2.606  13.349  1.00 55.50 ? 36  LYS A CD  1 
ATOM   251  C CE  . LYS A 1 56  ? 16.379  -4.025  13.898  1.00 57.13 ? 36  LYS A CE  1 
ATOM   252  N NZ  . LYS A 1 56  ? 17.587  -4.498  14.637  1.00 58.36 ? 36  LYS A NZ  1 
ATOM   253  N N   . ASP A 1 57  ? 12.844  0.577   13.600  1.00 49.43 ? 37  ASP A N   1 
ATOM   254  C CA  . ASP A 1 57  ? 11.818  0.548   14.645  1.00 50.20 ? 37  ASP A CA  1 
ATOM   255  C C   . ASP A 1 57  ? 10.772  1.650   14.453  1.00 48.97 ? 37  ASP A C   1 
ATOM   256  O O   . ASP A 1 57  ? 10.512  2.435   15.366  1.00 50.53 ? 37  ASP A O   1 
ATOM   257  C CB  . ASP A 1 57  ? 12.460  0.688   16.032  1.00 51.82 ? 37  ASP A CB  1 
ATOM   258  C CG  . ASP A 1 57  ? 13.140  2.032   16.230  1.00 54.34 ? 37  ASP A CG  1 
ATOM   259  O OD1 . ASP A 1 57  ? 13.522  2.350   17.379  1.00 54.42 ? 37  ASP A OD1 1 
ATOM   260  O OD2 . ASP A 1 57  ? 13.293  2.770   15.231  1.00 55.72 ? 37  ASP A OD2 1 
ATOM   261  N N   . SER A 1 58  ? 10.163  1.705   13.275  1.00 46.36 ? 38  SER A N   1 
ATOM   262  C CA  . SER A 1 58  ? 9.162   2.729   12.995  1.00 43.64 ? 38  SER A CA  1 
ATOM   263  C C   . SER A 1 58  ? 7.716   2.294   13.251  1.00 42.42 ? 38  SER A C   1 
ATOM   264  O O   . SER A 1 58  ? 6.805   3.128   13.267  1.00 40.65 ? 38  SER A O   1 
ATOM   265  C CB  . SER A 1 58  ? 9.320   3.219   11.554  1.00 44.02 ? 38  SER A CB  1 
ATOM   266  O OG  . SER A 1 58  ? 9.401   2.133   10.650  1.00 43.39 ? 38  SER A OG  1 
ATOM   267  N N   . LYS A 1 59  ? 7.504   0.996   13.462  1.00 40.74 ? 39  LYS A N   1 
ATOM   268  C CA  . LYS A 1 59  ? 6.164   0.475   13.717  1.00 40.41 ? 39  LYS A CA  1 
ATOM   269  C C   . LYS A 1 59  ? 5.506   1.088   14.954  1.00 38.49 ? 39  LYS A C   1 
ATOM   270  O O   . LYS A 1 59  ? 4.289   1.248   15.002  1.00 38.18 ? 39  LYS A O   1 
ATOM   271  C CB  . LYS A 1 59  ? 6.202   -1.048  13.879  1.00 42.98 ? 39  LYS A CB  1 
ATOM   272  C CG  . LYS A 1 59  ? 6.050   -1.837  12.584  1.00 45.70 ? 39  LYS A CG  1 
ATOM   273  C CD  . LYS A 1 59  ? 5.858   -3.314  12.894  1.00 47.91 ? 39  LYS A CD  1 
ATOM   274  C CE  . LYS A 1 59  ? 5.438   -4.115  11.671  1.00 49.41 ? 39  LYS A CE  1 
ATOM   275  N NZ  . LYS A 1 59  ? 6.516   -4.240  10.658  1.00 51.26 ? 39  LYS A NZ  1 
ATOM   276  N N   . LYS A 1 60  ? 6.320   1.443   15.943  1.00 36.32 ? 40  LYS A N   1 
ATOM   277  C CA  . LYS A 1 60  ? 5.829   2.023   17.192  1.00 35.58 ? 40  LYS A CA  1 
ATOM   278  C C   . LYS A 1 60  ? 5.361   3.464   17.024  1.00 33.85 ? 40  LYS A C   1 
ATOM   279  O O   . LYS A 1 60  ? 4.609   3.983   17.848  1.00 32.46 ? 40  LYS A O   1 
ATOM   280  C CB  . LYS A 1 60  ? 6.938   1.998   18.246  1.00 37.42 ? 40  LYS A CB  1 
ATOM   281  C CG  . LYS A 1 60  ? 8.094   2.936   17.911  1.00 38.63 ? 40  LYS A CG  1 
ATOM   282  C CD  . LYS A 1 60  ? 9.129   3.011   19.028  1.00 41.17 ? 40  LYS A CD  1 
ATOM   283  C CE  . LYS A 1 60  ? 10.183  4.062   18.698  1.00 43.31 ? 40  LYS A CE  1 
ATOM   284  N NZ  . LYS A 1 60  ? 11.229  4.192   19.747  1.00 45.85 ? 40  LYS A NZ  1 
ATOM   285  N N   . LEU A 1 61  ? 5.814   4.105   15.952  1.00 32.72 ? 41  LEU A N   1 
ATOM   286  C CA  . LEU A 1 61  ? 5.477   5.500   15.691  1.00 31.31 ? 41  LEU A CA  1 
ATOM   287  C C   . LEU A 1 61  ? 3.996   5.788   15.452  1.00 31.05 ? 41  LEU A C   1 
ATOM   288  O O   . LEU A 1 61  ? 3.262   4.969   14.899  1.00 30.85 ? 41  LEU A O   1 
ATOM   289  C CB  . LEU A 1 61  ? 6.282   6.016   14.495  1.00 29.21 ? 41  LEU A CB  1 
ATOM   290  C CG  . LEU A 1 61  ? 7.809   6.036   14.630  1.00 29.91 ? 41  LEU A CG  1 
ATOM   291  C CD1 . LEU A 1 61  ? 8.442   6.600   13.356  1.00 29.86 ? 41  LEU A CD1 1 
ATOM   292  C CD2 . LEU A 1 61  ? 8.203   6.877   15.833  1.00 27.95 ? 41  LEU A CD2 1 
ATOM   293  N N   . SER A 1 62  ? 3.582   6.978   15.872  1.00 29.54 ? 42  SER A N   1 
ATOM   294  C CA  . SER A 1 62  ? 2.219   7.451   15.697  1.00 28.99 ? 42  SER A CA  1 
ATOM   295  C C   . SER A 1 62  ? 2.068   7.964   14.266  1.00 28.44 ? 42  SER A C   1 
ATOM   296  O O   . SER A 1 62  ? 3.045   8.074   13.518  1.00 26.65 ? 42  SER A O   1 
ATOM   297  C CB  . SER A 1 62  ? 1.948   8.618   16.630  1.00 28.65 ? 42  SER A CB  1 
ATOM   298  O OG  . SER A 1 62  ? 2.743   9.724   16.225  1.00 28.43 ? 42  SER A OG  1 
ATOM   299  N N   . GLN A 1 63  ? 0.840   8.314   13.904  1.00 26.94 ? 43  GLN A N   1 
ATOM   300  C CA  . GLN A 1 63  ? 0.573   8.841   12.573  1.00 27.21 ? 43  GLN A CA  1 
ATOM   301  C C   . GLN A 1 63  ? 1.353   10.152  12.380  1.00 26.57 ? 43  GLN A C   1 
ATOM   302  O O   . GLN A 1 63  ? 1.921   10.404  11.311  1.00 24.72 ? 43  GLN A O   1 
ATOM   303  C CB  . GLN A 1 63  ? -0.934  9.067   12.399  1.00 29.37 ? 43  GLN A CB  1 
ATOM   304  C CG  . GLN A 1 63  ? -1.341  9.672   11.063  1.00 34.81 ? 43  GLN A CG  1 
ATOM   305  C CD  . GLN A 1 63  ? -2.854  9.740   10.884  1.00 39.47 ? 43  GLN A CD  1 
ATOM   306  O OE1 . GLN A 1 63  ? -3.348  10.373  9.949   1.00 42.18 ? 43  GLN A OE1 1 
ATOM   307  N NE2 . GLN A 1 63  ? -3.594  9.080   11.774  1.00 39.16 ? 43  GLN A NE2 1 
ATOM   308  N N   . GLY A 1 64  ? 1.407   10.966  13.432  1.00 25.15 ? 44  GLY A N   1 
ATOM   309  C CA  . GLY A 1 64  ? 2.114   12.231  13.359  1.00 24.78 ? 44  GLY A CA  1 
ATOM   310  C C   . GLY A 1 64  ? 3.615   12.066  13.204  1.00 24.93 ? 44  GLY A C   1 
ATOM   311  O O   . GLY A 1 64  ? 4.248   12.783  12.431  1.00 23.92 ? 44  GLY A O   1 
ATOM   312  N N   . ARG A 1 65  ? 4.198   11.127  13.942  1.00 24.13 ? 45  ARG A N   1 
ATOM   313  C CA  . ARG A 1 65  ? 5.629   10.898  13.830  1.00 25.65 ? 45  ARG A CA  1 
ATOM   314  C C   . ARG A 1 65  ? 5.960   10.212  12.496  1.00 25.91 ? 45  ARG A C   1 
ATOM   315  O O   . ARG A 1 65  ? 7.027   10.444  11.918  1.00 23.37 ? 45  ARG A O   1 
ATOM   316  C CB  . ARG A 1 65  ? 6.133   10.055  15.003  1.00 25.04 ? 45  ARG A CB  1 
ATOM   317  C CG  . ARG A 1 65  ? 6.269   10.829  16.314  1.00 26.26 ? 45  ARG A CG  1 
ATOM   318  C CD  . ARG A 1 65  ? 7.238   12.011  16.199  1.00 27.35 ? 45  ARG A CD  1 
ATOM   319  N NE  . ARG A 1 65  ? 7.494   12.605  17.512  1.00 32.00 ? 45  ARG A NE  1 
ATOM   320  C CZ  . ARG A 1 65  ? 7.751   13.895  17.734  1.00 32.39 ? 45  ARG A CZ  1 
ATOM   321  N NH1 . ARG A 1 65  ? 7.798   14.768  16.729  1.00 33.79 ? 45  ARG A NH1 1 
ATOM   322  N NH2 . ARG A 1 65  ? 7.943   14.320  18.974  1.00 33.06 ? 45  ARG A NH2 1 
ATOM   323  N N   . ARG A 1 66  ? 5.048   9.373   12.001  1.00 26.94 ? 46  ARG A N   1 
ATOM   324  C CA  . ARG A 1 66  ? 5.289   8.689   10.726  1.00 27.06 ? 46  ARG A CA  1 
ATOM   325  C C   . ARG A 1 66  ? 5.418   9.696   9.591   1.00 26.79 ? 46  ARG A C   1 
ATOM   326  O O   . ARG A 1 66  ? 6.288   9.582   8.727   1.00 25.55 ? 46  ARG A O   1 
ATOM   327  C CB  . ARG A 1 66  ? 4.156   7.719   10.392  1.00 28.64 ? 46  ARG A CB  1 
ATOM   328  C CG  . ARG A 1 66  ? 4.309   6.345   11.013  1.00 34.54 ? 46  ARG A CG  1 
ATOM   329  C CD  . ARG A 1 66  ? 3.520   5.309   10.225  1.00 36.80 ? 46  ARG A CD  1 
ATOM   330  N NE  . ARG A 1 66  ? 2.080   5.576   10.232  1.00 39.34 ? 46  ARG A NE  1 
ATOM   331  C CZ  . ARG A 1 66  ? 1.273   5.327   11.259  1.00 39.85 ? 46  ARG A CZ  1 
ATOM   332  N NH1 . ARG A 1 66  ? 1.758   4.803   12.372  1.00 38.94 ? 46  ARG A NH1 1 
ATOM   333  N NH2 . ARG A 1 66  ? -0.025  5.599   11.173  1.00 39.77 ? 46  ARG A NH2 1 
ATOM   334  N N   . GLU A 1 67  ? 4.524   10.677  9.593   1.00 26.70 ? 47  GLU A N   1 
ATOM   335  C CA  . GLU A 1 67  ? 4.525   11.707  8.575   1.00 25.94 ? 47  GLU A CA  1 
ATOM   336  C C   . GLU A 1 67  ? 5.855   12.458  8.581   1.00 26.80 ? 47  GLU A C   1 
ATOM   337  O O   . GLU A 1 67  ? 6.422   12.738  7.524   1.00 21.70 ? 47  GLU A O   1 
ATOM   338  C CB  . GLU A 1 67  ? 3.364   12.664  8.812   1.00 28.83 ? 47  GLU A CB  1 
ATOM   339  C CG  . GLU A 1 67  ? 3.318   13.810  7.837   1.00 34.91 ? 47  GLU A CG  1 
ATOM   340  C CD  . GLU A 1 67  ? 1.985   14.518  7.853   1.00 40.27 ? 47  GLU A CD  1 
ATOM   341  O OE1 . GLU A 1 67  ? 1.438   14.742  8.959   1.00 42.24 ? 47  GLU A OE1 1 
ATOM   342  O OE2 . GLU A 1 67  ? 1.487   14.858  6.758   1.00 43.52 ? 47  GLU A OE2 1 
ATOM   343  N N   . GLU A 1 68  ? 6.359   12.768  9.774   1.00 25.24 ? 48  GLU A N   1 
ATOM   344  C CA  . GLU A 1 68  ? 7.634   13.473  9.881   1.00 27.86 ? 48  GLU A CA  1 
ATOM   345  C C   . GLU A 1 68  ? 8.786   12.632  9.333   1.00 25.25 ? 48  GLU A C   1 
ATOM   346  O O   . GLU A 1 68  ? 9.671   13.144  8.648   1.00 25.00 ? 48  GLU A O   1 
ATOM   347  C CB  . GLU A 1 68  ? 7.906   13.857  11.342  1.00 29.13 ? 48  GLU A CB  1 
ATOM   348  C CG  . GLU A 1 68  ? 6.968   14.942  11.860  1.00 32.95 ? 48  GLU A CG  1 
ATOM   349  C CD  . GLU A 1 68  ? 7.223   15.300  13.314  1.00 36.79 ? 48  GLU A CD  1 
ATOM   350  O OE1 . GLU A 1 68  ? 6.676   16.323  13.776  1.00 38.03 ? 48  GLU A OE1 1 
ATOM   351  O OE2 . GLU A 1 68  ? 7.962   14.558  13.993  1.00 38.24 ? 48  GLU A OE2 1 
ATOM   352  N N   . LEU A 1 69  ? 8.779   11.341  9.648   1.00 25.51 ? 49  LEU A N   1 
ATOM   353  C CA  . LEU A 1 69  ? 9.831   10.462  9.169   1.00 24.79 ? 49  LEU A CA  1 
ATOM   354  C C   . LEU A 1 69  ? 9.794   10.359  7.643   1.00 24.40 ? 49  LEU A C   1 
ATOM   355  O O   . LEU A 1 69  ? 10.835  10.315  6.990   1.00 23.58 ? 49  LEU A O   1 
ATOM   356  C CB  . LEU A 1 69  ? 9.699   9.071   9.804   1.00 24.27 ? 49  LEU A CB  1 
ATOM   357  C CG  . LEU A 1 69  ? 10.706  8.003   9.351   1.00 23.51 ? 49  LEU A CG  1 
ATOM   358  C CD1 . LEU A 1 69  ? 12.143  8.515   9.515   1.00 26.83 ? 49  LEU A CD1 1 
ATOM   359  C CD2 . LEU A 1 69  ? 10.495  6.734   10.163  1.00 26.30 ? 49  LEU A CD2 1 
ATOM   360  N N   . ALA A 1 70  ? 8.594   10.327  7.071   1.00 25.15 ? 50  ALA A N   1 
ATOM   361  C CA  . ALA A 1 70  ? 8.476   10.233  5.622   1.00 24.27 ? 50  ALA A CA  1 
ATOM   362  C C   . ALA A 1 70  ? 9.162   11.422  4.944   1.00 25.69 ? 50  ALA A C   1 
ATOM   363  O O   . ALA A 1 70  ? 9.835   11.264  3.927   1.00 23.28 ? 50  ALA A O   1 
ATOM   364  C CB  . ALA A 1 70  ? 7.014   10.167  5.217   1.00 22.80 ? 50  ALA A CB  1 
ATOM   365  N N   . GLU A 1 71  ? 8.999   12.614  5.505   1.00 27.10 ? 51  GLU A N   1 
ATOM   366  C CA  . GLU A 1 71  ? 9.631   13.791  4.913   1.00 28.81 ? 51  GLU A CA  1 
ATOM   367  C C   . GLU A 1 71  ? 11.158  13.696  4.956   1.00 27.92 ? 51  GLU A C   1 
ATOM   368  O O   . GLU A 1 71  ? 11.842  14.135  4.033   1.00 28.60 ? 51  GLU A O   1 
ATOM   369  C CB  . GLU A 1 71  ? 9.166   15.065  5.619   1.00 32.99 ? 51  GLU A CB  1 
ATOM   370  C CG  . GLU A 1 71  ? 7.716   15.433  5.338   1.00 38.26 ? 51  GLU A CG  1 
ATOM   371  C CD  . GLU A 1 71  ? 7.390   15.421  3.851   1.00 42.37 ? 51  GLU A CD  1 
ATOM   372  O OE1 . GLU A 1 71  ? 6.856   14.400  3.366   1.00 45.21 ? 51  GLU A OE1 1 
ATOM   373  O OE2 . GLU A 1 71  ? 7.685   16.424  3.165   1.00 45.29 ? 51  GLU A OE2 1 
ATOM   374  N N   . GLU A 1 72  ? 11.695  13.125  6.026   1.00 29.06 ? 52  GLU A N   1 
ATOM   375  C CA  . GLU A 1 72  ? 13.140  12.975  6.149   1.00 29.10 ? 52  GLU A CA  1 
ATOM   376  C C   . GLU A 1 72  ? 13.631  11.960  5.114   1.00 28.85 ? 52  GLU A C   1 
ATOM   377  O O   . GLU A 1 72  ? 14.685  12.144  4.499   1.00 27.95 ? 52  GLU A O   1 
ATOM   378  C CB  . GLU A 1 72  ? 13.510  12.507  7.560   1.00 31.76 ? 52  GLU A CB  1 
ATOM   379  C CG  . GLU A 1 72  ? 13.214  13.527  8.658   1.00 34.35 ? 52  GLU A CG  1 
ATOM   380  C CD  . GLU A 1 72  ? 14.063  14.772  8.527   1.00 37.96 ? 52  GLU A CD  1 
ATOM   381  O OE1 . GLU A 1 72  ? 15.305  14.651  8.596   1.00 40.46 ? 52  GLU A OE1 1 
ATOM   382  O OE2 . GLU A 1 72  ? 13.498  15.874  8.350   1.00 41.02 ? 52  GLU A OE2 1 
ATOM   383  N N   . ILE A 1 73  ? 12.861  10.889  4.924   1.00 27.07 ? 53  ILE A N   1 
ATOM   384  C CA  . ILE A 1 73  ? 13.220  9.859   3.948   1.00 28.99 ? 53  ILE A CA  1 
ATOM   385  C C   . ILE A 1 73  ? 13.310  10.477  2.553   1.00 29.13 ? 53  ILE A C   1 
ATOM   386  O O   . ILE A 1 73  ? 14.303  10.278  1.839   1.00 27.93 ? 53  ILE A O   1 
ATOM   387  C CB  . ILE A 1 73  ? 12.164  8.720   3.894   1.00 28.61 ? 53  ILE A CB  1 
ATOM   388  C CG1 . ILE A 1 73  ? 12.069  8.021   5.249   1.00 30.46 ? 53  ILE A CG1 1 
ATOM   389  C CG2 . ILE A 1 73  ? 12.514  7.728   2.786   1.00 27.37 ? 53  ILE A CG2 1 
ATOM   390  C CD1 . ILE A 1 73  ? 13.297  7.268   5.661   1.00 35.93 ? 53  ILE A CD1 1 
ATOM   391  N N   . ARG A 1 74  ? 12.273  11.228  2.175   1.00 29.32 ? 54  ARG A N   1 
ATOM   392  C CA  . ARG A 1 74  ? 12.214  11.877  0.865   1.00 31.04 ? 54  ARG A CA  1 
ATOM   393  C C   . ARG A 1 74  ? 13.399  12.790  0.568   1.00 31.60 ? 54  ARG A C   1 
ATOM   394  O O   . ARG A 1 74  ? 13.773  12.967  -0.590  1.00 31.53 ? 54  ARG A O   1 
ATOM   395  C CB  . ARG A 1 74  ? 10.928  12.705  0.723   1.00 32.84 ? 54  ARG A CB  1 
ATOM   396  C CG  . ARG A 1 74  ? 9.668   11.910  0.414   1.00 34.16 ? 54  ARG A CG  1 
ATOM   397  C CD  . ARG A 1 74  ? 8.488   12.849  0.137   1.00 39.09 ? 54  ARG A CD  1 
ATOM   398  N NE  . ARG A 1 74  ? 7.195   12.155  0.150   1.00 42.91 ? 54  ARG A NE  1 
ATOM   399  C CZ  . ARG A 1 74  ? 6.700   11.428  -0.851  1.00 43.65 ? 54  ARG A CZ  1 
ATOM   400  N NH1 . ARG A 1 74  ? 7.376   11.280  -1.985  1.00 45.09 ? 54  ARG A NH1 1 
ATOM   401  N NH2 . ARG A 1 74  ? 5.519   10.838  -0.713  1.00 42.13 ? 54  ARG A NH2 1 
ATOM   402  N N   . LYS A 1 75  ? 13.992  13.369  1.607   1.00 32.53 ? 55  LYS A N   1 
ATOM   403  C CA  . LYS A 1 75  ? 15.118  14.279  1.414   1.00 33.65 ? 55  LYS A CA  1 
ATOM   404  C C   . LYS A 1 75  ? 16.462  13.604  1.132   1.00 33.02 ? 55  LYS A C   1 
ATOM   405  O O   . LYS A 1 75  ? 17.352  14.234  0.559   1.00 33.35 ? 55  LYS A O   1 
ATOM   406  C CB  . LYS A 1 75  ? 15.246  15.220  2.622   1.00 36.21 ? 55  LYS A CB  1 
ATOM   407  C CG  . LYS A 1 75  ? 14.104  16.239  2.724   1.00 38.02 ? 55  LYS A CG  1 
ATOM   408  C CD  . LYS A 1 75  ? 14.240  17.147  3.944   1.00 41.22 ? 55  LYS A CD  1 
ATOM   409  C CE  . LYS A 1 75  ? 13.129  18.196  3.970   1.00 43.09 ? 55  LYS A CE  1 
ATOM   410  N NZ  . LYS A 1 75  ? 13.252  19.106  5.136   1.00 45.98 ? 55  LYS A NZ  1 
ATOM   411  N N   . ILE A 1 76  ? 16.611  12.333  1.508   1.00 32.14 ? 56  ILE A N   1 
ATOM   412  C CA  . ILE A 1 76  ? 17.874  11.623  1.274   1.00 32.14 ? 56  ILE A CA  1 
ATOM   413  C C   . ILE A 1 76  ? 17.774  10.385  0.367   1.00 32.04 ? 56  ILE A C   1 
ATOM   414  O O   . ILE A 1 76  ? 18.782  9.740   0.076   1.00 31.22 ? 56  ILE A O   1 
ATOM   415  C CB  . ILE A 1 76  ? 18.525  11.194  2.609   1.00 31.72 ? 56  ILE A CB  1 
ATOM   416  C CG1 . ILE A 1 76  ? 17.675  10.115  3.281   1.00 33.77 ? 56  ILE A CG1 1 
ATOM   417  C CG2 . ILE A 1 76  ? 18.654  12.401  3.532   1.00 32.12 ? 56  ILE A CG2 1 
ATOM   418  C CD1 . ILE A 1 76  ? 18.284  9.550   4.558   1.00 34.23 ? 56  ILE A CD1 1 
ATOM   419  N N   . CYS A 1 77  ? 16.568  10.055  -0.084  1.00 31.08 ? 57  CYS A N   1 
ATOM   420  C CA  . CYS A 1 77  ? 16.386  8.897   -0.958  1.00 32.53 ? 57  CYS A CA  1 
ATOM   421  C C   . CYS A 1 77  ? 15.428  9.230   -2.083  1.00 31.40 ? 57  CYS A C   1 
ATOM   422  O O   . CYS A 1 77  ? 14.610  10.146  -1.957  1.00 30.66 ? 57  CYS A O   1 
ATOM   423  C CB  . CYS A 1 77  ? 15.797  7.715   -0.184  1.00 31.64 ? 57  CYS A CB  1 
ATOM   424  S SG  . CYS A 1 77  ? 16.658  7.280   1.309   1.00 37.89 ? 57  CYS A SG  1 
ATOM   425  N N   . ARG A 1 78  ? 15.524  8.492   -3.186  1.00 30.85 ? 58  ARG A N   1 
ATOM   426  C CA  . ARG A 1 78  ? 14.590  8.725   -4.278  1.00 30.15 ? 58  ARG A CA  1 
ATOM   427  C C   . ARG A 1 78  ? 13.344  7.928   -3.912  1.00 28.80 ? 58  ARG A C   1 
ATOM   428  O O   . ARG A 1 78  ? 13.446  6.810   -3.394  1.00 27.62 ? 58  ARG A O   1 
ATOM   429  C CB  . ARG A 1 78  ? 15.128  8.223   -5.621  1.00 32.48 ? 58  ARG A CB  1 
ATOM   430  C CG  . ARG A 1 78  ? 14.121  8.453   -6.751  1.00 35.00 ? 58  ARG A CG  1 
ATOM   431  C CD  . ARG A 1 78  ? 14.581  7.940   -8.097  1.00 35.37 ? 58  ARG A CD  1 
ATOM   432  N NE  . ARG A 1 78  ? 13.493  8.006   -9.070  1.00 36.69 ? 58  ARG A NE  1 
ATOM   433  C CZ  . ARG A 1 78  ? 13.558  7.520   -10.306 1.00 37.21 ? 58  ARG A CZ  1 
ATOM   434  N NH1 . ARG A 1 78  ? 14.668  6.930   -10.733 1.00 37.92 ? 58  ARG A NH1 1 
ATOM   435  N NH2 . ARG A 1 78  ? 12.505  7.601   -11.110 1.00 36.88 ? 58  ARG A NH2 1 
ATOM   436  N N   . THR A 1 79  ? 12.178  8.510   -4.166  1.00 28.01 ? 59  THR A N   1 
ATOM   437  C CA  . THR A 1 79  ? 10.925  7.839   -3.863  1.00 28.48 ? 59  THR A CA  1 
ATOM   438  C C   . THR A 1 79  ? 9.971   7.941   -5.046  1.00 29.08 ? 59  THR A C   1 
ATOM   439  O O   . THR A 1 79  ? 9.979   8.927   -5.782  1.00 30.35 ? 59  THR A O   1 
ATOM   440  C CB  . THR A 1 79  ? 10.245  8.439   -2.593  1.00 28.90 ? 59  THR A CB  1 
ATOM   441  O OG1 . THR A 1 79  ? 9.921   9.817   -2.814  1.00 26.98 ? 59  THR A OG1 1 
ATOM   442  C CG2 . THR A 1 79  ? 11.165  8.319   -1.390  1.00 27.05 ? 59  THR A CG2 1 
ATOM   443  N N   . GLU A 1 80  ? 9.172   6.895   -5.236  1.00 29.76 ? 60  GLU A N   1 
ATOM   444  C CA  . GLU A 1 80  ? 8.184   6.842   -6.306  1.00 29.80 ? 60  GLU A CA  1 
ATOM   445  C C   . GLU A 1 80  ? 6.892   6.281   -5.713  1.00 29.49 ? 60  GLU A C   1 
ATOM   446  O O   . GLU A 1 80  ? 6.904   5.239   -5.056  1.00 29.54 ? 60  GLU A O   1 
ATOM   447  C CB  . GLU A 1 80  ? 8.677   5.945   -7.447  1.00 31.61 ? 60  GLU A CB  1 
ATOM   448  C CG  . GLU A 1 80  ? 9.826   6.551   -8.234  1.00 34.14 ? 60  GLU A CG  1 
ATOM   449  C CD  . GLU A 1 80  ? 9.395   7.737   -9.085  1.00 36.47 ? 60  GLU A CD  1 
ATOM   450  O OE1 . GLU A 1 80  ? 10.285  8.458   -9.584  1.00 40.75 ? 60  GLU A OE1 1 
ATOM   451  O OE2 . GLU A 1 80  ? 8.174   7.951   -9.269  1.00 36.59 ? 60  GLU A OE2 1 
ATOM   452  N N   . VAL A 1 81  ? 5.787   6.981   -5.937  1.00 28.70 ? 61  VAL A N   1 
ATOM   453  C CA  . VAL A 1 81  ? 4.501   6.555   -5.401  1.00 29.02 ? 61  VAL A CA  1 
ATOM   454  C C   . VAL A 1 81  ? 3.460   6.360   -6.485  1.00 28.75 ? 61  VAL A C   1 
ATOM   455  O O   . VAL A 1 81  ? 3.412   7.096   -7.470  1.00 28.40 ? 61  VAL A O   1 
ATOM   456  C CB  . VAL A 1 81  ? 3.940   7.581   -4.383  1.00 27.26 ? 61  VAL A CB  1 
ATOM   457  C CG1 . VAL A 1 81  ? 2.584   7.118   -3.888  1.00 29.03 ? 61  VAL A CG1 1 
ATOM   458  C CG2 . VAL A 1 81  ? 4.900   7.741   -3.207  1.00 27.67 ? 61  VAL A CG2 1 
ATOM   459  N N   . LEU A 1 82  ? 2.613   5.366   -6.270  1.00 28.98 ? 62  LEU A N   1 
ATOM   460  C CA  . LEU A 1 82  ? 1.541   5.031   -7.189  1.00 29.85 ? 62  LEU A CA  1 
ATOM   461  C C   . LEU A 1 82  ? 0.278   4.821   -6.351  1.00 28.40 ? 62  LEU A C   1 
ATOM   462  O O   . LEU A 1 82  ? 0.312   4.122   -5.343  1.00 28.14 ? 62  LEU A O   1 
ATOM   463  C CB  . LEU A 1 82  ? 1.938   3.760   -7.950  1.00 32.65 ? 62  LEU A CB  1 
ATOM   464  C CG  . LEU A 1 82  ? 0.997   2.978   -8.859  1.00 36.72 ? 62  LEU A CG  1 
ATOM   465  C CD1 . LEU A 1 82  ? 1.837   2.013   -9.678  1.00 36.26 ? 62  LEU A CD1 1 
ATOM   466  C CD2 . LEU A 1 82  ? -0.055  2.226   -8.041  1.00 37.41 ? 62  LEU A CD2 1 
ATOM   467  N N   . LYS A 1 83  ? -0.827  5.438   -6.755  1.00 27.29 ? 63  LYS A N   1 
ATOM   468  C CA  . LYS A 1 83  ? -2.086  5.300   -6.024  1.00 29.03 ? 63  LYS A CA  1 
ATOM   469  C C   . LYS A 1 83  ? -3.197  4.841   -6.957  1.00 29.73 ? 63  LYS A C   1 
ATOM   470  O O   . LYS A 1 83  ? -3.367  5.397   -8.046  1.00 30.40 ? 63  LYS A O   1 
ATOM   471  C CB  . LYS A 1 83  ? -2.506  6.635   -5.400  1.00 30.29 ? 63  LYS A CB  1 
ATOM   472  C CG  . LYS A 1 83  ? -1.552  7.184   -4.368  1.00 34.87 ? 63  LYS A CG  1 
ATOM   473  C CD  . LYS A 1 83  ? -1.910  8.628   -3.998  1.00 38.74 ? 63  LYS A CD  1 
ATOM   474  C CE  . LYS A 1 83  ? -3.351  8.763   -3.523  1.00 40.52 ? 63  LYS A CE  1 
ATOM   475  N NZ  . LYS A 1 83  ? -3.672  10.181  -3.149  1.00 42.62 ? 63  LYS A NZ  1 
ATOM   476  N N   . VAL A 1 84  ? -3.949  3.832   -6.527  1.00 26.54 ? 64  VAL A N   1 
ATOM   477  C CA  . VAL A 1 84  ? -5.052  3.321   -7.324  1.00 26.10 ? 64  VAL A CA  1 
ATOM   478  C C   . VAL A 1 84  ? -6.339  3.580   -6.558  1.00 25.22 ? 64  VAL A C   1 
ATOM   479  O O   . VAL A 1 84  ? -6.535  3.064   -5.461  1.00 24.49 ? 64  VAL A O   1 
ATOM   480  C CB  . VAL A 1 84  ? -4.924  1.802   -7.587  1.00 26.14 ? 64  VAL A CB  1 
ATOM   481  C CG1 . VAL A 1 84  ? -6.002  1.360   -8.559  1.00 26.33 ? 64  VAL A CG1 1 
ATOM   482  C CG2 . VAL A 1 84  ? -3.545  1.476   -8.136  1.00 25.86 ? 64  VAL A CG2 1 
ATOM   483  N N   . SER A 1 85  ? -7.210  4.390   -7.150  1.00 25.94 ? 65  SER A N   1 
ATOM   484  C CA  . SER A 1 85  ? -8.480  4.752   -6.535  1.00 26.05 ? 65  SER A CA  1 
ATOM   485  C C   . SER A 1 85  ? -9.467  3.585   -6.416  1.00 25.66 ? 65  SER A C   1 
ATOM   486  O O   . SER A 1 85  ? -9.361  2.586   -7.131  1.00 24.02 ? 65  SER A O   1 
ATOM   487  C CB  . SER A 1 85  ? -9.138  5.866   -7.349  1.00 25.42 ? 65  SER A CB  1 
ATOM   488  O OG  . SER A 1 85  ? -9.626  5.364   -8.581  1.00 22.07 ? 65  SER A OG  1 
ATOM   489  N N   . PRO A 1 86  ? -10.440 3.700   -5.498  1.00 25.89 ? 66  PRO A N   1 
ATOM   490  C CA  . PRO A 1 86  ? -11.435 2.632   -5.332  1.00 26.58 ? 66  PRO A CA  1 
ATOM   491  C C   . PRO A 1 86  ? -12.134 2.335   -6.671  1.00 27.15 ? 66  PRO A C   1 
ATOM   492  O O   . PRO A 1 86  ? -12.323 1.178   -7.048  1.00 26.87 ? 66  PRO A O   1 
ATOM   493  C CB  . PRO A 1 86  ? -12.387 3.224   -4.296  1.00 25.26 ? 66  PRO A CB  1 
ATOM   494  C CG  . PRO A 1 86  ? -11.445 3.996   -3.404  1.00 26.37 ? 66  PRO A CG  1 
ATOM   495  C CD  . PRO A 1 86  ? -10.556 4.702   -4.418  1.00 25.86 ? 66  PRO A CD  1 
ATOM   496  N N   . GLU A 1 87  ? -12.502 3.391   -7.385  1.00 27.47 ? 67  GLU A N   1 
ATOM   497  C CA  . GLU A 1 87  ? -13.171 3.261   -8.678  1.00 29.11 ? 67  GLU A CA  1 
ATOM   498  C C   . GLU A 1 87  ? -12.320 2.464   -9.661  1.00 27.32 ? 67  GLU A C   1 
ATOM   499  O O   . GLU A 1 87  ? -12.805 1.528   -10.293 1.00 27.33 ? 67  GLU A O   1 
ATOM   500  C CB  . GLU A 1 87  ? -13.478 4.654   -9.244  1.00 31.51 ? 67  GLU A CB  1 
ATOM   501  C CG  . GLU A 1 87  ? -13.962 4.683   -10.690 1.00 36.87 ? 67  GLU A CG  1 
ATOM   502  C CD  . GLU A 1 87  ? -14.567 6.029   -11.065 1.00 41.69 ? 67  GLU A CD  1 
ATOM   503  O OE1 . GLU A 1 87  ? -14.019 7.068   -10.635 1.00 42.77 ? 67  GLU A OE1 1 
ATOM   504  O OE2 . GLU A 1 87  ? -15.585 6.051   -11.791 1.00 43.50 ? 67  GLU A OE2 1 
ATOM   505  N N   . ASN A 1 88  ? -11.049 2.831   -9.777  1.00 27.63 ? 68  ASN A N   1 
ATOM   506  C CA  . ASN A 1 88  ? -10.134 2.149   -10.682 1.00 28.09 ? 68  ASN A CA  1 
ATOM   507  C C   . ASN A 1 88  ? -9.835  0.725   -10.229 1.00 27.60 ? 68  ASN A C   1 
ATOM   508  O O   . ASN A 1 88  ? -9.599  -0.155  -11.062 1.00 26.67 ? 68  ASN A O   1 
ATOM   509  C CB  . ASN A 1 88  ? -8.849  2.965   -10.829 1.00 29.70 ? 68  ASN A CB  1 
ATOM   510  C CG  . ASN A 1 88  ? -9.054  4.211   -11.688 1.00 35.32 ? 68  ASN A CG  1 
ATOM   511  O OD1 . ASN A 1 88  ? -8.322  5.192   -11.570 1.00 38.18 ? 68  ASN A OD1 1 
ATOM   512  N ND2 . ASN A 1 88  ? -10.048 4.166   -12.565 1.00 35.06 ? 68  ASN A ND2 1 
ATOM   513  N N   . LEU A 1 89  ? -9.832  0.493   -8.915  1.00 26.37 ? 69  LEU A N   1 
ATOM   514  C CA  . LEU A 1 89  ? -9.607  -0.856  -8.393  1.00 26.90 ? 69  LEU A CA  1 
ATOM   515  C C   . LEU A 1 89  ? -10.793 -1.741  -8.786  1.00 27.53 ? 69  LEU A C   1 
ATOM   516  O O   . LEU A 1 89  ? -10.616 -2.882  -9.229  1.00 27.35 ? 69  LEU A O   1 
ATOM   517  C CB  . LEU A 1 89  ? -9.477  -0.845  -6.864  1.00 27.13 ? 69  LEU A CB  1 
ATOM   518  C CG  . LEU A 1 89  ? -8.127  -0.428  -6.281  1.00 28.91 ? 69  LEU A CG  1 
ATOM   519  C CD1 . LEU A 1 89  ? -8.258  -0.255  -4.772  1.00 31.88 ? 69  LEU A CD1 1 
ATOM   520  C CD2 . LEU A 1 89  ? -7.065  -1.484  -6.621  1.00 30.03 ? 69  LEU A CD2 1 
ATOM   521  N N   . ASP A 1 90  ? -12.003 -1.212  -8.613  1.00 27.07 ? 70  ASP A N   1 
ATOM   522  C CA  . ASP A 1 90  ? -13.210 -1.954  -8.955  1.00 28.96 ? 70  ASP A CA  1 
ATOM   523  C C   . ASP A 1 90  ? -13.194 -2.327  -10.434 1.00 29.35 ? 70  ASP A C   1 
ATOM   524  O O   . ASP A 1 90  ? -13.627 -3.411  -10.821 1.00 29.87 ? 70  ASP A O   1 
ATOM   525  C CB  . ASP A 1 90  ? -14.458 -1.123  -8.652  1.00 28.36 ? 70  ASP A CB  1 
ATOM   526  C CG  . ASP A 1 90  ? -14.829 -1.136  -7.180  1.00 29.01 ? 70  ASP A CG  1 
ATOM   527  O OD1 . ASP A 1 90  ? -15.576 -0.231  -6.746  1.00 28.85 ? 70  ASP A OD1 1 
ATOM   528  O OD2 . ASP A 1 90  ? -14.394 -2.056  -6.458  1.00 28.93 ? 70  ASP A OD2 1 
ATOM   529  N N   . GLU A 1 91  ? -12.682 -1.426  -11.260 1.00 29.73 ? 71  GLU A N   1 
ATOM   530  C CA  . GLU A 1 91  ? -12.620 -1.678  -12.687 1.00 33.66 ? 71  GLU A CA  1 
ATOM   531  C C   . GLU A 1 91  ? -11.640 -2.805  -13.011 1.00 31.83 ? 71  GLU A C   1 
ATOM   532  O O   . GLU A 1 91  ? -11.955 -3.721  -13.765 1.00 32.90 ? 71  GLU A O   1 
ATOM   533  C CB  . GLU A 1 91  ? -12.195 -0.407  -13.424 1.00 37.70 ? 71  GLU A CB  1 
ATOM   534  C CG  . GLU A 1 91  ? -12.578 -0.398  -14.891 1.00 45.32 ? 71  GLU A CG  1 
ATOM   535  C CD  . GLU A 1 91  ? -12.172 0.884   -15.591 1.00 49.07 ? 71  GLU A CD  1 
ATOM   536  O OE1 . GLU A 1 91  ? -12.257 1.961   -14.955 1.00 52.23 ? 71  GLU A OE1 1 
ATOM   537  O OE2 . GLU A 1 91  ? -11.781 0.816   -16.779 1.00 51.57 ? 71  GLU A OE2 1 
ATOM   538  N N   . ARG A 1 92  ? -10.452 -2.731  -12.431 1.00 31.04 ? 72  ARG A N   1 
ATOM   539  C CA  . ARG A 1 92  ? -9.421  -3.730  -12.683 1.00 31.75 ? 72  ARG A CA  1 
ATOM   540  C C   . ARG A 1 92  ? -9.676  -5.099  -12.048 1.00 29.92 ? 72  ARG A C   1 
ATOM   541  O O   . ARG A 1 92  ? -9.213  -6.119  -12.564 1.00 29.71 ? 72  ARG A O   1 
ATOM   542  C CB  . ARG A 1 92  ? -8.067  -3.173  -12.233 1.00 31.86 ? 72  ARG A CB  1 
ATOM   543  C CG  . ARG A 1 92  ? -7.664  -1.912  -13.014 1.00 34.12 ? 72  ARG A CG  1 
ATOM   544  C CD  . ARG A 1 92  ? -6.484  -1.158  -12.408 1.00 36.31 ? 72  ARG A CD  1 
ATOM   545  N NE  . ARG A 1 92  ? -5.240  -1.923  -12.453 1.00 40.09 ? 72  ARG A NE  1 
ATOM   546  C CZ  . ARG A 1 92  ? -4.044  -1.417  -12.169 1.00 41.02 ? 72  ARG A CZ  1 
ATOM   547  N NH1 . ARG A 1 92  ? -3.926  -0.141  -11.821 1.00 41.39 ? 72  ARG A NH1 1 
ATOM   548  N NH2 . ARG A 1 92  ? -2.966  -2.186  -12.220 1.00 41.90 ? 72  ARG A NH2 1 
ATOM   549  N N   . MET A 1 93  ? -10.408 -5.131  -10.941 1.00 30.23 ? 73  MET A N   1 
ATOM   550  C CA  . MET A 1 93  ? -10.672 -6.397  -10.267 1.00 31.19 ? 73  MET A CA  1 
ATOM   551  C C   . MET A 1 93  ? -11.670 -7.286  -10.978 1.00 30.91 ? 73  MET A C   1 
ATOM   552  O O   . MET A 1 93  ? -11.921 -8.420  -10.553 1.00 29.91 ? 73  MET A O   1 
ATOM   553  C CB  . MET A 1 93  ? -11.126 -6.158  -8.830  1.00 31.82 ? 73  MET A CB  1 
ATOM   554  C CG  . MET A 1 93  ? -9.980  -5.762  -7.928  1.00 35.20 ? 73  MET A CG  1 
ATOM   555  S SD  . MET A 1 93  ? -10.463 -5.491  -6.242  1.00 38.51 ? 73  MET A SD  1 
ATOM   556  C CE  . MET A 1 93  ? -10.803 -7.178  -5.716  1.00 38.01 ? 73  MET A CE  1 
ATOM   557  N N   . ALA A 1 94  ? -12.246 -6.772  -12.057 1.00 31.80 ? 74  ALA A N   1 
ATOM   558  C CA  . ALA A 1 94  ? -13.192 -7.555  -12.831 1.00 32.29 ? 74  ALA A CA  1 
ATOM   559  C C   . ALA A 1 94  ? -12.418 -8.682  -13.511 1.00 32.85 ? 74  ALA A C   1 
ATOM   560  O O   . ALA A 1 94  ? -12.874 -9.822  -13.568 1.00 34.28 ? 74  ALA A O   1 
ATOM   561  C CB  . ALA A 1 94  ? -13.871 -6.673  -13.878 1.00 33.68 ? 74  ALA A CB  1 
ATOM   562  N N   . ALA A 1 95  ? -11.222 -8.368  -13.996 1.00 31.44 ? 75  ALA A N   1 
ATOM   563  C CA  . ALA A 1 95  ? -10.415 -9.360  -14.686 1.00 30.06 ? 75  ALA A CA  1 
ATOM   564  C C   . ALA A 1 95  ? -9.208  -9.872  -13.908 1.00 29.95 ? 75  ALA A C   1 
ATOM   565  O O   . ALA A 1 95  ? -8.610  -10.870 -14.297 1.00 29.20 ? 75  ALA A O   1 
ATOM   566  C CB  . ALA A 1 95  ? -9.969  -8.811  -16.031 1.00 30.46 ? 75  ALA A CB  1 
ATOM   567  N N   . LYS A 1 96  ? -8.840  -9.198  -12.821 1.00 30.23 ? 76  LYS A N   1 
ATOM   568  C CA  . LYS A 1 96  ? -7.693  -9.635  -12.022 1.00 30.60 ? 76  LYS A CA  1 
ATOM   569  C C   . LYS A 1 96  ? -7.984  -9.609  -10.520 1.00 29.91 ? 76  LYS A C   1 
ATOM   570  O O   . LYS A 1 96  ? -8.922  -8.944  -10.075 1.00 30.58 ? 76  LYS A O   1 
ATOM   571  C CB  . LYS A 1 96  ? -6.469  -8.759  -12.332 1.00 33.72 ? 76  LYS A CB  1 
ATOM   572  C CG  . LYS A 1 96  ? -5.931  -8.952  -13.736 1.00 35.14 ? 76  LYS A CG  1 
ATOM   573  C CD  . LYS A 1 96  ? -4.893  -7.910  -14.116 1.00 38.54 ? 76  LYS A CD  1 
ATOM   574  C CE  . LYS A 1 96  ? -4.490  -8.088  -15.573 1.00 38.85 ? 76  LYS A CE  1 
ATOM   575  N NZ  . LYS A 1 96  ? -3.793  -6.897  -16.122 1.00 43.04 ? 76  LYS A NZ  1 
ATOM   576  N N   . THR A 1 97  ? -7.190  -10.352 -9.747  1.00 28.91 ? 77  THR A N   1 
ATOM   577  C CA  . THR A 1 97  ? -7.348  -10.393 -8.289  1.00 28.08 ? 77  THR A CA  1 
ATOM   578  C C   . THR A 1 97  ? -6.536  -9.255  -7.682  1.00 28.56 ? 77  THR A C   1 
ATOM   579  O O   . THR A 1 97  ? -5.694  -8.658  -8.354  1.00 26.22 ? 77  THR A O   1 
ATOM   580  C CB  . THR A 1 97  ? -6.800  -11.691 -7.677  1.00 27.67 ? 77  THR A CB  1 
ATOM   581  O OG1 . THR A 1 97  ? -5.375  -11.716 -7.829  1.00 26.78 ? 77  THR A OG1 1 
ATOM   582  C CG2 . THR A 1 97  ? -7.416  -12.918 -8.346  1.00 27.08 ? 77  THR A CG2 1 
ATOM   583  N N   . ILE A 1 98  ? -6.764  -8.971  -6.403  1.00 28.98 ? 78  ILE A N   1 
ATOM   584  C CA  . ILE A 1 98  ? -6.022  -7.887  -5.766  1.00 30.32 ? 78  ILE A CA  1 
ATOM   585  C C   . ILE A 1 98  ? -4.506  -8.131  -5.767  1.00 30.67 ? 78  ILE A C   1 
ATOM   586  O O   . ILE A 1 98  ? -3.728  -7.201  -5.967  1.00 30.89 ? 78  ILE A O   1 
ATOM   587  C CB  . ILE A 1 98  ? -6.508  -7.641  -4.307  1.00 30.68 ? 78  ILE A CB  1 
ATOM   588  C CG1 . ILE A 1 98  ? -5.879  -6.351  -3.767  1.00 31.76 ? 78  ILE A CG1 1 
ATOM   589  C CG2 . ILE A 1 98  ? -6.151  -8.822  -3.422  1.00 30.26 ? 78  ILE A CG2 1 
ATOM   590  C CD1 . ILE A 1 98  ? -6.240  -5.113  -4.573  1.00 30.10 ? 78  ILE A CD1 1 
ATOM   591  N N   . ASN A 1 99  ? -4.081  -9.375  -5.564  1.00 30.46 ? 79  ASN A N   1 
ATOM   592  C CA  . ASN A 1 99  ? -2.652  -9.675  -5.547  1.00 30.56 ? 79  ASN A CA  1 
ATOM   593  C C   . ASN A 1 99  ? -1.990  -9.518  -6.912  1.00 29.12 ? 79  ASN A C   1 
ATOM   594  O O   . ASN A 1 99  ? -0.835  -9.106  -6.996  1.00 29.49 ? 79  ASN A O   1 
ATOM   595  C CB  . ASN A 1 99  ? -2.401  -11.082 -5.002  1.00 32.21 ? 79  ASN A CB  1 
ATOM   596  C CG  . ASN A 1 99  ? -2.690  -11.182 -3.517  1.00 34.87 ? 79  ASN A CG  1 
ATOM   597  O OD1 . ASN A 1 99  ? -3.006  -10.179 -2.871  1.00 35.49 ? 79  ASN A OD1 1 
ATOM   598  N ND2 . ASN A 1 99  ? -2.583  -12.387 -2.968  1.00 34.26 ? 79  ASN A ND2 1 
ATOM   599  N N   . GLU A 1 100 ? -2.715  -9.848  -7.976  1.00 27.98 ? 80  GLU A N   1 
ATOM   600  C CA  . GLU A 1 100 ? -2.177  -9.702  -9.327  1.00 27.94 ? 80  GLU A CA  1 
ATOM   601  C C   . GLU A 1 100 ? -2.067  -8.204  -9.629  1.00 27.27 ? 80  GLU A C   1 
ATOM   602  O O   . GLU A 1 100 ? -1.112  -7.755  -10.267 1.00 25.06 ? 80  GLU A O   1 
ATOM   603  C CB  . GLU A 1 100 ? -3.078  -10.413 -10.349 1.00 29.32 ? 80  GLU A CB  1 
ATOM   604  C CG  . GLU A 1 100 ? -3.080  -11.941 -10.188 1.00 29.82 ? 80  GLU A CG  1 
ATOM   605  C CD  . GLU A 1 100 ? -4.102  -12.652 -11.077 1.00 31.35 ? 80  GLU A CD  1 
ATOM   606  O OE1 . GLU A 1 100 ? -5.243  -12.150 -11.212 1.00 28.60 ? 80  GLU A OE1 1 
ATOM   607  O OE2 . GLU A 1 100 ? -3.762  -13.720 -11.628 1.00 28.97 ? 80  GLU A OE2 1 
ATOM   608  N N   . ILE A 1 101 ? -3.039  -7.433  -9.148  1.00 26.60 ? 81  ILE A N   1 
ATOM   609  C CA  . ILE A 1 101 ? -3.022  -5.981  -9.332  1.00 27.35 ? 81  ILE A CA  1 
ATOM   610  C C   . ILE A 1 101 ? -1.764  -5.421  -8.653  1.00 26.95 ? 81  ILE A C   1 
ATOM   611  O O   . ILE A 1 101 ? -1.041  -4.583  -9.208  1.00 26.40 ? 81  ILE A O   1 
ATOM   612  C CB  . ILE A 1 101 ? -4.262  -5.327  -8.690  1.00 27.79 ? 81  ILE A CB  1 
ATOM   613  C CG1 . ILE A 1 101 ? -5.510  -5.702  -9.487  1.00 28.77 ? 81  ILE A CG1 1 
ATOM   614  C CG2 . ILE A 1 101 ? -4.086  -3.803  -8.629  1.00 26.80 ? 81  ILE A CG2 1 
ATOM   615  C CD1 . ILE A 1 101 ? -5.441  -5.276  -10.945 1.00 33.62 ? 81  ILE A CD1 1 
ATOM   616  N N   . LEU A 1 102 ? -1.516  -5.897  -7.441  1.00 27.34 ? 82  LEU A N   1 
ATOM   617  C CA  . LEU A 1 102 ? -0.349  -5.480  -6.680  1.00 27.29 ? 82  LEU A CA  1 
ATOM   618  C C   . LEU A 1 102 ? 0.916   -5.764  -7.479  1.00 26.73 ? 82  LEU A C   1 
ATOM   619  O O   . LEU A 1 102 ? 1.789   -4.905  -7.603  1.00 26.08 ? 82  LEU A O   1 
ATOM   620  C CB  . LEU A 1 102 ? -0.286  -6.248  -5.365  1.00 29.43 ? 82  LEU A CB  1 
ATOM   621  C CG  . LEU A 1 102 ? -0.512  -5.521  -4.050  1.00 33.17 ? 82  LEU A CG  1 
ATOM   622  C CD1 . LEU A 1 102 ? -0.163  -6.481  -2.907  1.00 35.26 ? 82  LEU A CD1 1 
ATOM   623  C CD2 . LEU A 1 102 ? 0.367   -4.258  -3.990  1.00 34.37 ? 82  LEU A CD2 1 
ATOM   624  N N   . LYS A 1 103 ? 1.006   -6.988  -8.000  1.00 26.27 ? 83  LYS A N   1 
ATOM   625  C CA  . LYS A 1 103 ? 2.150   -7.425  -8.791  1.00 26.62 ? 83  LYS A CA  1 
ATOM   626  C C   . LYS A 1 103 ? 2.414   -6.442  -9.922  1.00 26.79 ? 83  LYS A C   1 
ATOM   627  O O   . LYS A 1 103 ? 3.556   -6.056  -10.174 1.00 27.98 ? 83  LYS A O   1 
ATOM   628  C CB  . LYS A 1 103 ? 1.875   -8.822  -9.361  1.00 27.58 ? 83  LYS A CB  1 
ATOM   629  C CG  . LYS A 1 103 ? 2.946   -9.343  -10.290 1.00 30.12 ? 83  LYS A CG  1 
ATOM   630  C CD  . LYS A 1 103 ? 2.461   -10.585 -11.005 1.00 33.34 ? 83  LYS A CD  1 
ATOM   631  C CE  . LYS A 1 103 ? 1.304   -10.245 -11.943 1.00 35.79 ? 83  LYS A CE  1 
ATOM   632  N NZ  . LYS A 1 103 ? 0.727   -11.467 -12.585 1.00 38.43 ? 83  LYS A NZ  1 
ATOM   633  N N   . GLU A 1 104 ? 1.350   -6.036  -10.602 1.00 28.24 ? 84  GLU A N   1 
ATOM   634  C CA  . GLU A 1 104 ? 1.458   -5.080  -11.692 1.00 29.09 ? 84  GLU A CA  1 
ATOM   635  C C   . GLU A 1 104 ? 1.980   -3.726  -11.195 1.00 28.64 ? 84  GLU A C   1 
ATOM   636  O O   . GLU A 1 104 ? 2.816   -3.098  -11.848 1.00 25.67 ? 84  GLU A O   1 
ATOM   637  C CB  . GLU A 1 104 ? 0.095   -4.911  -12.368 1.00 32.61 ? 84  GLU A CB  1 
ATOM   638  C CG  . GLU A 1 104 ? -0.210  -6.030  -13.347 1.00 37.75 ? 84  GLU A CG  1 
ATOM   639  C CD  . GLU A 1 104 ? -1.582  -5.911  -13.981 1.00 40.37 ? 84  GLU A CD  1 
ATOM   640  O OE1 . GLU A 1 104 ? -2.206  -4.832  -13.871 1.00 41.47 ? 84  GLU A OE1 1 
ATOM   641  O OE2 . GLU A 1 104 ? -2.022  -6.906  -14.598 1.00 42.68 ? 84  GLU A OE2 1 
ATOM   642  N N   . CYS A 1 105 ? 1.477   -3.284  -10.043 1.00 28.08 ? 85  CYS A N   1 
ATOM   643  C CA  . CYS A 1 105 ? 1.912   -2.017  -9.458  1.00 28.96 ? 85  CYS A CA  1 
ATOM   644  C C   . CYS A 1 105 ? 3.388   -2.090  -9.088  1.00 27.86 ? 85  CYS A C   1 
ATOM   645  O O   . CYS A 1 105 ? 4.150   -1.155  -9.344  1.00 29.78 ? 85  CYS A O   1 
ATOM   646  C CB  . CYS A 1 105 ? 1.075   -1.692  -8.219  1.00 27.25 ? 85  CYS A CB  1 
ATOM   647  S SG  . CYS A 1 105 ? -0.602  -1.188  -8.608  1.00 26.96 ? 85  CYS A SG  1 
ATOM   648  N N   . TYR A 1 106 ? 3.784   -3.203  -8.477  1.00 27.68 ? 86  TYR A N   1 
ATOM   649  C CA  . TYR A 1 106 ? 5.173   -3.427  -8.094  1.00 27.83 ? 86  TYR A CA  1 
ATOM   650  C C   . TYR A 1 106 ? 6.103   -3.299  -9.306  1.00 27.97 ? 86  TYR A C   1 
ATOM   651  O O   . TYR A 1 106 ? 7.148   -2.653  -9.235  1.00 25.59 ? 86  TYR A O   1 
ATOM   652  C CB  . TYR A 1 106 ? 5.342   -4.826  -7.498  1.00 28.49 ? 86  TYR A CB  1 
ATOM   653  C CG  . TYR A 1 106 ? 4.865   -5.005  -6.074  1.00 28.86 ? 86  TYR A CG  1 
ATOM   654  C CD1 . TYR A 1 106 ? 4.630   -6.284  -5.564  1.00 30.19 ? 86  TYR A CD1 1 
ATOM   655  C CD2 . TYR A 1 106 ? 4.690   -3.917  -5.223  1.00 30.17 ? 86  TYR A CD2 1 
ATOM   656  C CE1 . TYR A 1 106 ? 4.239   -6.478  -4.249  1.00 31.44 ? 86  TYR A CE1 1 
ATOM   657  C CE2 . TYR A 1 106 ? 4.297   -4.100  -3.895  1.00 31.44 ? 86  TYR A CE2 1 
ATOM   658  C CZ  . TYR A 1 106 ? 4.077   -5.388  -3.415  1.00 33.65 ? 86  TYR A CZ  1 
ATOM   659  O OH  . TYR A 1 106 ? 3.724   -5.597  -2.102  1.00 36.10 ? 86  TYR A OH  1 
ATOM   660  N N   . ALA A 1 107 ? 5.729   -3.933  -10.412 1.00 28.30 ? 87  ALA A N   1 
ATOM   661  C CA  . ALA A 1 107 ? 6.553   -3.882  -11.622 1.00 30.40 ? 87  ALA A CA  1 
ATOM   662  C C   . ALA A 1 107 ? 6.722   -2.458  -12.141 1.00 30.35 ? 87  ALA A C   1 
ATOM   663  O O   . ALA A 1 107 ? 7.819   -2.067  -12.530 1.00 30.70 ? 87  ALA A O   1 
ATOM   664  C CB  . ALA A 1 107 ? 5.956   -4.758  -12.712 1.00 28.29 ? 87  ALA A CB  1 
ATOM   665  N N   . GLU A 1 108 ? 5.638   -1.687  -12.145 1.00 32.09 ? 88  GLU A N   1 
ATOM   666  C CA  . GLU A 1 108 ? 5.694   -0.303  -12.620 1.00 33.58 ? 88  GLU A CA  1 
ATOM   667  C C   . GLU A 1 108 ? 6.697   0.511   -11.794 1.00 32.58 ? 88  GLU A C   1 
ATOM   668  O O   . GLU A 1 108 ? 7.517   1.238   -12.349 1.00 31.52 ? 88  GLU A O   1 
ATOM   669  C CB  . GLU A 1 108 ? 4.308   0.347   -12.542 1.00 36.48 ? 88  GLU A CB  1 
ATOM   670  C CG  . GLU A 1 108 ? 4.235   1.730   -13.167 1.00 39.98 ? 88  GLU A CG  1 
ATOM   671  C CD  . GLU A 1 108 ? 2.830   2.327   -13.146 1.00 44.44 ? 88  GLU A CD  1 
ATOM   672  O OE1 . GLU A 1 108 ? 1.854   1.576   -13.375 1.00 47.02 ? 88  GLU A OE1 1 
ATOM   673  O OE2 . GLU A 1 108 ? 2.698   3.552   -12.916 1.00 45.70 ? 88  GLU A OE2 1 
ATOM   674  N N   . ILE A 1 109 ? 6.631   0.379   -10.471 1.00 32.18 ? 89  ILE A N   1 
ATOM   675  C CA  . ILE A 1 109 ? 7.536   1.104   -9.581  1.00 32.33 ? 89  ILE A CA  1 
ATOM   676  C C   . ILE A 1 109 ? 8.989   0.668   -9.798  1.00 32.91 ? 89  ILE A C   1 
ATOM   677  O O   . ILE A 1 109 ? 9.893   1.499   -9.857  1.00 31.85 ? 89  ILE A O   1 
ATOM   678  C CB  . ILE A 1 109 ? 7.153   0.883   -8.090  1.00 32.19 ? 89  ILE A CB  1 
ATOM   679  C CG1 . ILE A 1 109 ? 5.765   1.476   -7.808  1.00 30.88 ? 89  ILE A CG1 1 
ATOM   680  C CG2 . ILE A 1 109 ? 8.192   1.523   -7.175  1.00 32.68 ? 89  ILE A CG2 1 
ATOM   681  C CD1 . ILE A 1 109 ? 5.679   2.995   -7.893  1.00 31.83 ? 89  ILE A CD1 1 
ATOM   682  N N   . ILE A 1 110 ? 9.209   -0.635  -9.924  1.00 32.50 ? 90  ILE A N   1 
ATOM   683  C CA  . ILE A 1 110 ? 10.553  -1.161  -10.141 1.00 34.01 ? 90  ILE A CA  1 
ATOM   684  C C   . ILE A 1 110 ? 11.139  -0.640  -11.451 1.00 34.75 ? 90  ILE A C   1 
ATOM   685  O O   . ILE A 1 110 ? 12.330  -0.317  -11.535 1.00 33.98 ? 90  ILE A O   1 
ATOM   686  C CB  . ILE A 1 110 ? 10.549  -2.715  -10.167 1.00 34.26 ? 90  ILE A CB  1 
ATOM   687  C CG1 . ILE A 1 110 ? 10.126  -3.261  -8.800  1.00 33.86 ? 90  ILE A CG1 1 
ATOM   688  C CG2 . ILE A 1 110 ? 11.937  -3.230  -10.496 1.00 35.97 ? 90  ILE A CG2 1 
ATOM   689  C CD1 . ILE A 1 110 ? 10.033  -4.772  -8.735  1.00 33.83 ? 90  ILE A CD1 1 
ATOM   690  N N   . LEU A 1 111 ? 10.297  -0.549  -12.475 1.00 34.98 ? 91  LEU A N   1 
ATOM   691  C CA  . LEU A 1 111 ? 10.755  -0.073  -13.767 1.00 35.16 ? 91  LEU A CA  1 
ATOM   692  C C   . LEU A 1 111 ? 11.043  1.429   -13.777 1.00 36.56 ? 91  LEU A C   1 
ATOM   693  O O   . LEU A 1 111 ? 11.845  1.899   -14.587 1.00 35.95 ? 91  LEU A O   1 
ATOM   694  C CB  . LEU A 1 111 ? 9.745   -0.455  -14.853 1.00 36.36 ? 91  LEU A CB  1 
ATOM   695  C CG  . LEU A 1 111 ? 9.720   -1.964  -15.159 1.00 35.99 ? 91  LEU A CG  1 
ATOM   696  C CD1 . LEU A 1 111 ? 8.562   -2.302  -16.090 1.00 37.85 ? 91  LEU A CD1 1 
ATOM   697  C CD2 . LEU A 1 111 ? 11.040  -2.381  -15.779 1.00 36.06 ? 91  LEU A CD2 1 
ATOM   698  N N   . ARG A 1 112 ? 10.407  2.185   -12.886 1.00 35.70 ? 92  ARG A N   1 
ATOM   699  C CA  . ARG A 1 112 ? 10.669  3.620   -12.826 1.00 36.37 ? 92  ARG A CA  1 
ATOM   700  C C   . ARG A 1 112 ? 12.025  3.842   -12.175 1.00 37.02 ? 92  ARG A C   1 
ATOM   701  O O   . ARG A 1 112 ? 12.797  4.705   -12.594 1.00 37.36 ? 92  ARG A O   1 
ATOM   702  C CB  . ARG A 1 112 ? 9.625   4.357   -11.983 1.00 35.85 ? 92  ARG A CB  1 
ATOM   703  C CG  . ARG A 1 112 ? 8.229   4.437   -12.560 1.00 35.25 ? 92  ARG A CG  1 
ATOM   704  C CD  . ARG A 1 112 ? 7.401   5.342   -11.664 1.00 36.25 ? 92  ARG A CD  1 
ATOM   705  N NE  . ARG A 1 112 ? 5.966   5.240   -11.889 1.00 35.90 ? 92  ARG A NE  1 
ATOM   706  C CZ  . ARG A 1 112 ? 5.055   5.808   -11.102 1.00 35.71 ? 92  ARG A CZ  1 
ATOM   707  N NH1 . ARG A 1 112 ? 5.440   6.516   -10.045 1.00 33.38 ? 92  ARG A NH1 1 
ATOM   708  N NH2 . ARG A 1 112 ? 3.762   5.661   -11.365 1.00 35.14 ? 92  ARG A NH2 1 
ATOM   709  N N   . LEU A 1 113 ? 12.295  3.056   -11.139 1.00 37.38 ? 93  LEU A N   1 
ATOM   710  C CA  . LEU A 1 113 ? 13.533  3.145   -10.375 1.00 38.08 ? 93  LEU A CA  1 
ATOM   711  C C   . LEU A 1 113 ? 14.729  2.431   -11.017 1.00 40.90 ? 93  LEU A C   1 
ATOM   712  O O   . LEU A 1 113 ? 15.875  2.876   -10.865 1.00 40.00 ? 93  LEU A O   1 
ATOM   713  C CB  . LEU A 1 113 ? 13.299  2.583   -8.973  1.00 36.78 ? 93  LEU A CB  1 
ATOM   714  C CG  . LEU A 1 113 ? 12.354  3.370   -8.058  1.00 35.49 ? 93  LEU A CG  1 
ATOM   715  C CD1 . LEU A 1 113 ? 12.032  2.568   -6.804  1.00 33.23 ? 93  LEU A CD1 1 
ATOM   716  C CD2 . LEU A 1 113 ? 13.009  4.690   -7.687  1.00 35.98 ? 93  LEU A CD2 1 
ATOM   717  N N   . LYS A 1 114 ? 14.459  1.333   -11.717 1.00 42.65 ? 94  LYS A N   1 
ATOM   718  C CA  . LYS A 1 114 ? 15.497  0.530   -12.369 1.00 44.77 ? 94  LYS A CA  1 
ATOM   719  C C   . LYS A 1 114 ? 16.716  0.293   -11.478 1.00 44.76 ? 94  LYS A C   1 
ATOM   720  O O   . LYS A 1 114 ? 17.845  0.630   -11.845 1.00 44.91 ? 94  LYS A O   1 
ATOM   721  C CB  . LYS A 1 114 ? 15.943  1.181   -13.685 1.00 46.53 ? 94  LYS A CB  1 
ATOM   722  C CG  . LYS A 1 114 ? 14.939  1.029   -14.814 1.00 49.33 ? 94  LYS A CG  1 
ATOM   723  C CD  . LYS A 1 114 ? 15.568  1.320   -16.171 1.00 51.69 ? 94  LYS A CD  1 
ATOM   724  C CE  . LYS A 1 114 ? 14.566  1.111   -17.308 1.00 52.70 ? 94  LYS A CE  1 
ATOM   725  N NZ  . LYS A 1 114 ? 15.210  1.204   -18.654 1.00 54.20 ? 94  LYS A NZ  1 
ATOM   726  N N   . PRO A 1 115 ? 16.502  -0.308  -10.295 1.00 45.48 ? 95  PRO A N   1 
ATOM   727  C CA  . PRO A 1 115 ? 17.577  -0.588  -9.340  1.00 46.28 ? 95  PRO A CA  1 
ATOM   728  C C   . PRO A 1 115 ? 18.441  -1.786  -9.707  1.00 47.61 ? 95  PRO A C   1 
ATOM   729  O O   . PRO A 1 115 ? 18.126  -2.544  -10.623 1.00 46.78 ? 95  PRO A O   1 
ATOM   730  C CB  . PRO A 1 115 ? 16.816  -0.835  -8.048  1.00 45.40 ? 95  PRO A CB  1 
ATOM   731  C CG  . PRO A 1 115 ? 15.624  -1.578  -8.539  1.00 45.34 ? 95  PRO A CG  1 
ATOM   732  C CD  . PRO A 1 115 ? 15.205  -0.758  -9.756  1.00 45.36 ? 95  PRO A CD  1 
ATOM   733  N N   . GLU A 1 116 ? 19.535  -1.939  -8.970  1.00 49.75 ? 96  GLU A N   1 
ATOM   734  C CA  . GLU A 1 116 ? 20.457  -3.048  -9.163  1.00 51.93 ? 96  GLU A CA  1 
ATOM   735  C C   . GLU A 1 116 ? 19.699  -4.313  -8.778  1.00 50.80 ? 96  GLU A C   1 
ATOM   736  O O   . GLU A 1 116 ? 19.735  -5.329  -9.473  1.00 50.88 ? 96  GLU A O   1 
ATOM   737  C CB  . GLU A 1 116 ? 21.686  -2.848  -8.263  1.00 54.63 ? 96  GLU A CB  1 
ATOM   738  C CG  . GLU A 1 116 ? 22.518  -4.106  -7.997  1.00 58.32 ? 96  GLU A CG  1 
ATOM   739  C CD  . GLU A 1 116 ? 23.797  -3.807  -7.217  1.00 60.40 ? 96  GLU A CD  1 
ATOM   740  O OE1 . GLU A 1 116 ? 23.739  -3.020  -6.242  1.00 60.67 ? 96  GLU A OE1 1 
ATOM   741  O OE2 . GLU A 1 116 ? 24.859  -4.363  -7.577  1.00 61.08 ? 96  GLU A OE2 1 
ATOM   742  N N   . ILE A 1 117 ? 19.000  -4.221  -7.657  1.00 50.03 ? 97  ILE A N   1 
ATOM   743  C CA  . ILE A 1 117 ? 18.205  -5.319  -7.130  1.00 48.63 ? 97  ILE A CA  1 
ATOM   744  C C   . ILE A 1 117 ? 17.056  -4.689  -6.339  1.00 47.40 ? 97  ILE A C   1 
ATOM   745  O O   . ILE A 1 117 ? 17.231  -3.650  -5.705  1.00 47.41 ? 97  ILE A O   1 
ATOM   746  C CB  . ILE A 1 117 ? 19.065  -6.216  -6.214  1.00 49.44 ? 97  ILE A CB  1 
ATOM   747  C CG1 . ILE A 1 117 ? 18.200  -7.301  -5.573  1.00 49.75 ? 97  ILE A CG1 1 
ATOM   748  C CG2 . ILE A 1 117 ? 19.765  -5.363  -5.160  1.00 50.38 ? 97  ILE A CG2 1 
ATOM   749  C CD1 . ILE A 1 117 ? 18.981  -8.272  -4.697  1.00 51.19 ? 97  ILE A CD1 1 
ATOM   750  N N   . ALA A 1 118 ? 15.879  -5.304  -6.392  1.00 45.41 ? 98  ALA A N   1 
ATOM   751  C CA  . ALA A 1 118 ? 14.719  -4.778  -5.680  1.00 43.23 ? 98  ALA A CA  1 
ATOM   752  C C   . ALA A 1 118 ? 14.143  -5.772  -4.682  1.00 42.10 ? 98  ALA A C   1 
ATOM   753  O O   . ALA A 1 118 ? 13.886  -6.931  -5.016  1.00 41.60 ? 98  ALA A O   1 
ATOM   754  C CB  . ALA A 1 118 ? 13.642  -4.362  -6.682  1.00 42.74 ? 98  ALA A CB  1 
ATOM   755  N N   . TYR A 1 119 ? 13.945  -5.312  -3.452  1.00 41.55 ? 99  TYR A N   1 
ATOM   756  C CA  . TYR A 1 119 ? 13.387  -6.148  -2.393  1.00 40.72 ? 99  TYR A CA  1 
ATOM   757  C C   . TYR A 1 119 ? 11.916  -5.783  -2.213  1.00 39.58 ? 99  TYR A C   1 
ATOM   758  O O   . TYR A 1 119 ? 11.582  -4.623  -1.986  1.00 37.69 ? 99  TYR A O   1 
ATOM   759  C CB  . TYR A 1 119 ? 14.157  -5.931  -1.081  1.00 42.21 ? 99  TYR A CB  1 
ATOM   760  C CG  . TYR A 1 119 ? 15.650  -6.162  -1.218  1.00 45.34 ? 99  TYR A CG  1 
ATOM   761  C CD1 . TYR A 1 119 ? 16.480  -5.173  -1.751  1.00 46.47 ? 99  TYR A CD1 1 
ATOM   762  C CD2 . TYR A 1 119 ? 16.227  -7.381  -0.859  1.00 46.73 ? 99  TYR A CD2 1 
ATOM   763  C CE1 . TYR A 1 119 ? 17.851  -5.393  -1.928  1.00 48.22 ? 99  TYR A CE1 1 
ATOM   764  C CE2 . TYR A 1 119 ? 17.600  -7.613  -1.033  1.00 47.83 ? 99  TYR A CE2 1 
ATOM   765  C CZ  . TYR A 1 119 ? 18.402  -6.611  -1.570  1.00 48.49 ? 99  TYR A CZ  1 
ATOM   766  O OH  . TYR A 1 119 ? 19.748  -6.831  -1.762  1.00 49.37 ? 99  TYR A OH  1 
ATOM   767  N N   . VAL A 1 120 ? 11.047  -6.785  -2.317  1.00 40.07 ? 100 VAL A N   1 
ATOM   768  C CA  . VAL A 1 120 ? 9.601   -6.592  -2.205  1.00 40.93 ? 100 VAL A CA  1 
ATOM   769  C C   . VAL A 1 120 ? 8.981   -7.422  -1.083  1.00 43.03 ? 100 VAL A C   1 
ATOM   770  O O   . VAL A 1 120 ? 9.491   -8.484  -0.728  1.00 42.95 ? 100 VAL A O   1 
ATOM   771  C CB  . VAL A 1 120 ? 8.907   -6.996  -3.520  1.00 38.65 ? 100 VAL A CB  1 
ATOM   772  C CG1 . VAL A 1 120 ? 7.444   -6.621  -3.478  1.00 39.53 ? 100 VAL A CG1 1 
ATOM   773  C CG2 . VAL A 1 120 ? 9.592   -6.329  -4.687  1.00 40.08 ? 100 VAL A CG2 1 
ATOM   774  N N   . ASP A 1 121 ? 7.869   -6.937  -0.538  1.00 45.77 ? 101 ASP A N   1 
ATOM   775  C CA  . ASP A 1 121 ? 7.153   -7.634  0.535   1.00 48.50 ? 101 ASP A CA  1 
ATOM   776  C C   . ASP A 1 121 ? 6.091   -8.554  -0.096  1.00 49.42 ? 101 ASP A C   1 
ATOM   777  O O   . ASP A 1 121 ? 5.239   -8.098  -0.867  1.00 50.00 ? 101 ASP A O   1 
ATOM   778  C CB  . ASP A 1 121 ? 6.487   -6.609  1.461   1.00 49.45 ? 101 ASP A CB  1 
ATOM   779  C CG  . ASP A 1 121 ? 6.247   -7.155  2.853   1.00 50.97 ? 101 ASP A CG  1 
ATOM   780  O OD1 . ASP A 1 121 ? 5.503   -8.151  2.984   1.00 51.62 ? 101 ASP A OD1 1 
ATOM   781  O OD2 . ASP A 1 121 ? 6.804   -6.588  3.817   1.00 51.48 ? 101 ASP A OD2 1 
ATOM   782  N N   . SER A 1 122 ? 6.132   -9.841  0.244   1.00 50.91 ? 102 SER A N   1 
ATOM   783  C CA  . SER A 1 122 ? 5.207   -10.826 -0.326  1.00 51.29 ? 102 SER A CA  1 
ATOM   784  C C   . SER A 1 122 ? 3.877   -11.045 0.413   1.00 52.36 ? 102 SER A C   1 
ATOM   785  O O   . SER A 1 122 ? 3.866   -11.368 1.604   1.00 52.20 ? 102 SER A O   1 
ATOM   786  C CB  . SER A 1 122 ? 5.931   -12.171 -0.471  1.00 50.03 ? 102 SER A CB  1 
ATOM   787  O OG  . SER A 1 122 ? 5.108   -13.130 -1.109  1.00 48.10 ? 102 SER A OG  1 
ATOM   788  N N   . PRO A 1 123 ? 2.738   -10.889 -0.302  1.00 53.15 ? 103 PRO A N   1 
ATOM   789  C CA  . PRO A 1 123 ? 1.378   -11.061 0.232   1.00 53.84 ? 103 PRO A CA  1 
ATOM   790  C C   . PRO A 1 123 ? 1.068   -12.523 0.566   1.00 54.72 ? 103 PRO A C   1 
ATOM   791  O O   . PRO A 1 123 ? 0.409   -12.819 1.563   1.00 54.94 ? 103 PRO A O   1 
ATOM   792  C CB  . PRO A 1 123 ? 0.485   -10.544 -0.901  1.00 53.57 ? 103 PRO A CB  1 
ATOM   793  C CG  . PRO A 1 123 ? 1.380   -9.608  -1.667  1.00 53.61 ? 103 PRO A CG  1 
ATOM   794  C CD  . PRO A 1 123 ? 2.683   -10.359 -1.676  1.00 53.44 ? 103 PRO A CD  1 
ATOM   795  N N   . ASP A 1 124 ? 1.532   -13.427 -0.290  1.00 55.91 ? 104 ASP A N   1 
ATOM   796  C CA  . ASP A 1 124 ? 1.314   -14.852 -0.089  1.00 56.79 ? 104 ASP A CA  1 
ATOM   797  C C   . ASP A 1 124 ? 2.503   -15.444 0.659   1.00 57.27 ? 104 ASP A C   1 
ATOM   798  O O   . ASP A 1 124 ? 3.573   -14.833 0.730   1.00 57.63 ? 104 ASP A O   1 
ATOM   799  C CB  . ASP A 1 124 ? 1.135   -15.558 -1.437  1.00 57.31 ? 104 ASP A CB  1 
ATOM   800  C CG  . ASP A 1 124 ? 2.342   -15.404 -2.341  1.00 57.85 ? 104 ASP A CG  1 
ATOM   801  O OD1 . ASP A 1 124 ? 3.435   -15.861 -1.948  1.00 58.67 ? 104 ASP A OD1 1 
ATOM   802  O OD2 . ASP A 1 124 ? 2.197   -14.827 -3.442  1.00 59.02 ? 104 ASP A OD2 1 
ATOM   803  N N   . VAL A 1 125 ? 2.308   -16.636 1.212   1.00 57.37 ? 105 VAL A N   1 
ATOM   804  C CA  . VAL A 1 125 ? 3.349   -17.318 1.966   1.00 57.38 ? 105 VAL A CA  1 
ATOM   805  C C   . VAL A 1 125 ? 4.554   -17.755 1.128   1.00 57.16 ? 105 VAL A C   1 
ATOM   806  O O   . VAL A 1 125 ? 5.678   -17.774 1.629   1.00 57.22 ? 105 VAL A O   1 
ATOM   807  C CB  . VAL A 1 125 ? 2.761   -18.540 2.702   1.00 57.40 ? 105 VAL A CB  1 
ATOM   808  C CG1 . VAL A 1 125 ? 1.889   -18.069 3.851   1.00 57.22 ? 105 VAL A CG1 1 
ATOM   809  C CG2 . VAL A 1 125 ? 1.934   -19.383 1.735   1.00 57.65 ? 105 VAL A CG2 1 
ATOM   810  N N   . ILE A 1 126 ? 4.315   -18.092 -0.144  1.00 57.44 ? 106 ILE A N   1 
ATOM   811  C CA  . ILE A 1 126 ? 5.371   -18.530 -1.071  1.00 56.25 ? 106 ILE A CA  1 
ATOM   812  C C   . ILE A 1 126 ? 5.892   -17.403 -1.973  1.00 55.08 ? 106 ILE A C   1 
ATOM   813  O O   . ILE A 1 126 ? 5.275   -17.065 -2.979  1.00 55.28 ? 106 ILE A O   1 
ATOM   814  C CB  . ILE A 1 126 ? 4.871   -19.706 -1.957  1.00 56.69 ? 106 ILE A CB  1 
ATOM   815  C CG1 . ILE A 1 126 ? 4.927   -21.013 -1.162  1.00 56.50 ? 106 ILE A CG1 1 
ATOM   816  C CG2 . ILE A 1 126 ? 5.716   -19.828 -3.224  1.00 56.15 ? 106 ILE A CG2 1 
ATOM   817  C CD1 . ILE A 1 126 ? 6.348   -21.506 -0.893  1.00 56.20 ? 106 ILE A CD1 1 
ATOM   818  N N   . PRO A 1 127 ? 7.056   -16.825 -1.622  1.00 54.39 ? 107 PRO A N   1 
ATOM   819  C CA  . PRO A 1 127 ? 7.721   -15.734 -2.346  1.00 53.55 ? 107 PRO A CA  1 
ATOM   820  C C   . PRO A 1 127 ? 8.239   -16.039 -3.751  1.00 53.42 ? 107 PRO A C   1 
ATOM   821  O O   . PRO A 1 127 ? 8.017   -15.259 -4.682  1.00 53.47 ? 107 PRO A O   1 
ATOM   822  C CB  . PRO A 1 127 ? 8.869   -15.351 -1.410  1.00 53.32 ? 107 PRO A CB  1 
ATOM   823  C CG  . PRO A 1 127 ? 8.348   -15.701 -0.064  1.00 53.33 ? 107 PRO A CG  1 
ATOM   824  C CD  . PRO A 1 127 ? 7.711   -17.040 -0.319  1.00 53.39 ? 107 PRO A CD  1 
ATOM   825  N N   . GLU A 1 128 ? 8.938   -17.162 -3.894  1.00 52.71 ? 108 GLU A N   1 
ATOM   826  C CA  . GLU A 1 128 ? 9.539   -17.562 -5.169  1.00 51.23 ? 108 GLU A CA  1 
ATOM   827  C C   . GLU A 1 128 ? 8.731   -17.277 -6.423  1.00 48.79 ? 108 GLU A C   1 
ATOM   828  O O   . GLU A 1 128 ? 9.270   -16.747 -7.393  1.00 48.45 ? 108 GLU A O   1 
ATOM   829  C CB  . GLU A 1 128 ? 9.925   -19.049 -5.150  1.00 53.66 ? 108 GLU A CB  1 
ATOM   830  C CG  . GLU A 1 128 ? 9.260   -19.884 -4.074  1.00 56.25 ? 108 GLU A CG  1 
ATOM   831  C CD  . GLU A 1 128 ? 9.672   -19.456 -2.682  1.00 57.78 ? 108 GLU A CD  1 
ATOM   832  O OE1 . GLU A 1 128 ? 10.881  -19.203 -2.471  1.00 57.96 ? 108 GLU A OE1 1 
ATOM   833  O OE2 . GLU A 1 128 ? 8.789   -19.378 -1.801  1.00 59.57 ? 108 GLU A OE2 1 
ATOM   834  N N   . ARG A 1 129 ? 7.449   -17.630 -6.411  1.00 46.22 ? 109 ARG A N   1 
ATOM   835  C CA  . ARG A 1 129 ? 6.601   -17.402 -7.569  1.00 44.74 ? 109 ARG A CA  1 
ATOM   836  C C   . ARG A 1 129 ? 6.479   -15.910 -7.904  1.00 44.32 ? 109 ARG A C   1 
ATOM   837  O O   . ARG A 1 129 ? 6.460   -15.535 -9.076  1.00 44.00 ? 109 ARG A O   1 
ATOM   838  C CB  . ARG A 1 129 ? 5.218   -18.009 -7.335  1.00 44.91 ? 109 ARG A CB  1 
ATOM   839  C CG  . ARG A 1 129 ? 4.253   -17.757 -8.466  1.00 45.92 ? 109 ARG A CG  1 
ATOM   840  C CD  . ARG A 1 129 ? 2.943   -18.501 -8.289  1.00 47.68 ? 109 ARG A CD  1 
ATOM   841  N NE  . ARG A 1 129 ? 1.965   -18.044 -9.270  1.00 49.22 ? 109 ARG A NE  1 
ATOM   842  C CZ  . ARG A 1 129 ? 0.785   -18.616 -9.485  1.00 51.01 ? 109 ARG A CZ  1 
ATOM   843  N NH1 . ARG A 1 129 ? 0.423   -19.684 -8.789  1.00 51.58 ? 109 ARG A NH1 1 
ATOM   844  N NH2 . ARG A 1 129 ? -0.036  -18.114 -10.399 1.00 51.17 ? 109 ARG A NH2 1 
ATOM   845  N N   . LEU A 1 130 ? 6.403   -15.062 -6.879  1.00 43.82 ? 110 LEU A N   1 
ATOM   846  C CA  . LEU A 1 130 ? 6.294   -13.620 -7.090  1.00 42.42 ? 110 LEU A CA  1 
ATOM   847  C C   . LEU A 1 130 ? 7.604   -13.083 -7.666  1.00 42.13 ? 110 LEU A C   1 
ATOM   848  O O   . LEU A 1 130 ? 7.593   -12.254 -8.580  1.00 41.78 ? 110 LEU A O   1 
ATOM   849  C CB  . LEU A 1 130 ? 5.969   -12.900 -5.773  1.00 42.63 ? 110 LEU A CB  1 
ATOM   850  C CG  . LEU A 1 130 ? 5.777   -11.375 -5.829  1.00 41.88 ? 110 LEU A CG  1 
ATOM   851  C CD1 . LEU A 1 130 ? 4.610   -11.025 -6.747  1.00 40.84 ? 110 LEU A CD1 1 
ATOM   852  C CD2 . LEU A 1 130 ? 5.521   -10.842 -4.424  1.00 40.85 ? 110 LEU A CD2 1 
ATOM   853  N N   . SER A 1 131 ? 8.727   -13.558 -7.128  1.00 41.99 ? 111 SER A N   1 
ATOM   854  C CA  . SER A 1 131 ? 10.044  -13.136 -7.600  1.00 42.25 ? 111 SER A CA  1 
ATOM   855  C C   . SER A 1 131 ? 10.197  -13.475 -9.080  1.00 42.18 ? 111 SER A C   1 
ATOM   856  O O   . SER A 1 131 ? 10.677  -12.655 -9.858  1.00 42.79 ? 111 SER A O   1 
ATOM   857  C CB  . SER A 1 131 ? 11.155  -13.828 -6.803  1.00 42.41 ? 111 SER A CB  1 
ATOM   858  O OG  . SER A 1 131 ? 11.063  -13.521 -5.424  1.00 42.62 ? 111 SER A OG  1 
ATOM   859  N N   . ARG A 1 132 ? 9.787   -14.686 -9.456  1.00 42.20 ? 112 ARG A N   1 
ATOM   860  C CA  . ARG A 1 132 ? 9.860   -15.143 -10.845 1.00 41.93 ? 112 ARG A CA  1 
ATOM   861  C C   . ARG A 1 132 ? 9.086   -14.232 -11.789 1.00 41.78 ? 112 ARG A C   1 
ATOM   862  O O   . ARG A 1 132 ? 9.649   -13.671 -12.731 1.00 40.98 ? 112 ARG A O   1 
ATOM   863  C CB  . ARG A 1 132 ? 9.291   -16.565 -10.992 1.00 41.60 ? 112 ARG A CB  1 
ATOM   864  C CG  . ARG A 1 132 ? 10.257  -17.687 -10.685 1.00 42.56 ? 112 ARG A CG  1 
ATOM   865  C CD  . ARG A 1 132 ? 9.779   -19.002 -11.318 1.00 42.04 ? 112 ARG A CD  1 
ATOM   866  N NE  . ARG A 1 132 ? 8.639   -19.595 -10.625 1.00 42.37 ? 112 ARG A NE  1 
ATOM   867  C CZ  . ARG A 1 132 ? 8.703   -20.145 -9.413  1.00 43.85 ? 112 ARG A CZ  1 
ATOM   868  N NH1 . ARG A 1 132 ? 9.856   -20.180 -8.752  1.00 44.75 ? 112 ARG A NH1 1 
ATOM   869  N NH2 . ARG A 1 132 ? 7.617   -20.673 -8.863  1.00 44.94 ? 112 ARG A NH2 1 
ATOM   870  N N   . GLU A 1 133 ? 7.787   -14.109 -11.538 1.00 41.63 ? 113 GLU A N   1 
ATOM   871  C CA  . GLU A 1 133 ? 6.911   -13.287 -12.369 1.00 42.62 ? 113 GLU A CA  1 
ATOM   872  C C   . GLU A 1 133 ? 7.381   -11.842 -12.477 1.00 41.60 ? 113 GLU A C   1 
ATOM   873  O O   . GLU A 1 133 ? 7.262   -11.223 -13.534 1.00 41.18 ? 113 GLU A O   1 
ATOM   874  C CB  . GLU A 1 133 ? 5.478   -13.349 -11.829 1.00 43.62 ? 113 GLU A CB  1 
ATOM   875  C CG  . GLU A 1 133 ? 4.865   -14.745 -11.965 1.00 47.04 ? 113 GLU A CG  1 
ATOM   876  C CD  . GLU A 1 133 ? 3.555   -14.917 -11.214 1.00 48.12 ? 113 GLU A CD  1 
ATOM   877  O OE1 . GLU A 1 133 ? 2.965   -16.015 -11.303 1.00 48.31 ? 113 GLU A OE1 1 
ATOM   878  O OE2 . GLU A 1 133 ? 3.115   -13.967 -10.535 1.00 50.53 ? 113 GLU A OE2 1 
ATOM   879  N N   . LEU A 1 134 ? 7.925   -11.314 -11.385 1.00 40.68 ? 114 LEU A N   1 
ATOM   880  C CA  . LEU A 1 134 ? 8.419   -9.943  -11.359 1.00 40.52 ? 114 LEU A CA  1 
ATOM   881  C C   . LEU A 1 134 ? 9.691   -9.791  -12.187 1.00 40.92 ? 114 LEU A C   1 
ATOM   882  O O   . LEU A 1 134 ? 9.814   -8.854  -12.983 1.00 39.94 ? 114 LEU A O   1 
ATOM   883  C CB  . LEU A 1 134 ? 8.683   -9.513  -9.914  1.00 39.43 ? 114 LEU A CB  1 
ATOM   884  C CG  . LEU A 1 134 ? 7.879   -8.337  -9.342  1.00 39.63 ? 114 LEU A CG  1 
ATOM   885  C CD1 . LEU A 1 134 ? 6.520   -8.234  -10.003 1.00 38.47 ? 114 LEU A CD1 1 
ATOM   886  C CD2 . LEU A 1 134 ? 7.745   -8.511  -7.832  1.00 37.73 ? 114 LEU A CD2 1 
ATOM   887  N N   . GLU A 1 135 ? 10.636  -10.709 -12.003 1.00 41.81 ? 115 GLU A N   1 
ATOM   888  C CA  . GLU A 1 135 ? 11.887  -10.659 -12.748 1.00 43.59 ? 115 GLU A CA  1 
ATOM   889  C C   . GLU A 1 135 ? 11.618  -10.824 -14.242 1.00 43.19 ? 115 GLU A C   1 
ATOM   890  O O   . GLU A 1 135 ? 12.372  -10.330 -15.074 1.00 43.92 ? 115 GLU A O   1 
ATOM   891  C CB  . GLU A 1 135 ? 12.857  -11.746 -12.256 1.00 44.59 ? 115 GLU A CB  1 
ATOM   892  C CG  . GLU A 1 135 ? 13.246  -11.595 -10.783 1.00 47.90 ? 115 GLU A CG  1 
ATOM   893  C CD  . GLU A 1 135 ? 14.433  -12.460 -10.369 1.00 49.22 ? 115 GLU A CD  1 
ATOM   894  O OE1 . GLU A 1 135 ? 15.561  -12.193 -10.833 1.00 50.45 ? 115 GLU A OE1 1 
ATOM   895  O OE2 . GLU A 1 135 ? 14.242  -13.408 -9.576  1.00 50.73 ? 115 GLU A OE2 1 
ATOM   896  N N   . GLU A 1 136 ? 10.528  -11.500 -14.578 1.00 43.94 ? 116 GLU A N   1 
ATOM   897  C CA  . GLU A 1 136 ? 10.180  -11.724 -15.974 1.00 44.81 ? 116 GLU A CA  1 
ATOM   898  C C   . GLU A 1 136 ? 9.554   -10.473 -16.587 1.00 43.61 ? 116 GLU A C   1 
ATOM   899  O O   . GLU A 1 136 ? 9.851   -10.106 -17.726 1.00 42.49 ? 116 GLU A O   1 
ATOM   900  C CB  . GLU A 1 136 ? 9.210   -12.901 -16.084 1.00 47.71 ? 116 GLU A CB  1 
ATOM   901  C CG  . GLU A 1 136 ? 8.893   -13.324 -17.507 1.00 51.73 ? 116 GLU A CG  1 
ATOM   902  C CD  . GLU A 1 136 ? 7.467   -13.023 -17.889 1.00 53.74 ? 116 GLU A CD  1 
ATOM   903  O OE1 . GLU A 1 136 ? 7.121   -11.829 -18.006 1.00 56.25 ? 116 GLU A OE1 1 
ATOM   904  O OE2 . GLU A 1 136 ? 6.684   -13.985 -18.069 1.00 56.44 ? 116 GLU A OE2 1 
ATOM   905  N N   . ILE A 1 137 ? 8.695   -9.813  -15.822 1.00 42.48 ? 117 ILE A N   1 
ATOM   906  C CA  . ILE A 1 137 ? 8.039   -8.605  -16.299 1.00 42.87 ? 117 ILE A CA  1 
ATOM   907  C C   . ILE A 1 137 ? 9.033   -7.455  -16.432 1.00 42.65 ? 117 ILE A C   1 
ATOM   908  O O   . ILE A 1 137 ? 9.032   -6.728  -17.428 1.00 42.50 ? 117 ILE A O   1 
ATOM   909  C CB  . ILE A 1 137 ? 6.927   -8.159  -15.334 1.00 43.08 ? 117 ILE A CB  1 
ATOM   910  C CG1 . ILE A 1 137 ? 5.928   -9.299  -15.132 1.00 43.34 ? 117 ILE A CG1 1 
ATOM   911  C CG2 . ILE A 1 137 ? 6.226   -6.926  -15.884 1.00 42.95 ? 117 ILE A CG2 1 
ATOM   912  C CD1 . ILE A 1 137 ? 4.942   -9.065  -14.001 1.00 43.41 ? 117 ILE A CD1 1 
ATOM   913  N N   . THR A 1 138 ? 9.891   -7.313  -15.427 1.00 42.65 ? 118 THR A N   1 
ATOM   914  C CA  . THR A 1 138 ? 10.870  -6.230  -15.386 1.00 43.85 ? 118 THR A CA  1 
ATOM   915  C C   . THR A 1 138 ? 12.185  -6.494  -16.110 1.00 44.36 ? 118 THR A C   1 
ATOM   916  O O   . THR A 1 138 ? 12.745  -5.596  -16.731 1.00 44.33 ? 118 THR A O   1 
ATOM   917  C CB  . THR A 1 138 ? 11.212  -5.853  -13.928 1.00 43.03 ? 118 THR A CB  1 
ATOM   918  O OG1 . THR A 1 138 ? 11.918  -6.936  -13.307 1.00 42.17 ? 118 THR A OG1 1 
ATOM   919  C CG2 . THR A 1 138 ? 9.940   -5.560  -13.138 1.00 42.53 ? 118 THR A CG2 1 
ATOM   920  N N   . GLY A 1 139 ? 12.681  -7.722  -16.020 1.00 45.57 ? 119 GLY A N   1 
ATOM   921  C CA  . GLY A 1 139 ? 13.949  -8.038  -16.648 1.00 45.85 ? 119 GLY A CA  1 
ATOM   922  C C   . GLY A 1 139 ? 15.063  -7.656  -15.689 1.00 46.85 ? 119 GLY A C   1 
ATOM   923  O O   . GLY A 1 139 ? 16.237  -7.634  -16.060 1.00 47.32 ? 119 GLY A O   1 
ATOM   924  N N   . LEU A 1 140 ? 14.687  -7.347  -14.448 1.00 46.49 ? 120 LEU A N   1 
ATOM   925  C CA  . LEU A 1 140 ? 15.646  -6.963  -13.413 1.00 47.28 ? 120 LEU A CA  1 
ATOM   926  C C   . LEU A 1 140 ? 15.699  -8.011  -12.308 1.00 46.74 ? 120 LEU A C   1 
ATOM   927  O O   . LEU A 1 140 ? 14.880  -8.930  -12.267 1.00 47.17 ? 120 LEU A O   1 
ATOM   928  C CB  . LEU A 1 140 ? 15.272  -5.604  -12.800 1.00 48.53 ? 120 LEU A CB  1 
ATOM   929  C CG  . LEU A 1 140 ? 15.403  -4.331  -13.647 1.00 49.71 ? 120 LEU A CG  1 
ATOM   930  C CD1 . LEU A 1 140 ? 14.417  -4.364  -14.794 1.00 50.12 ? 120 LEU A CD1 1 
ATOM   931  C CD2 . LEU A 1 140 ? 15.148  -3.108  -12.783 1.00 49.15 ? 120 LEU A CD2 1 
ATOM   932  N N   . ARG A 1 141 ? 16.669  -7.863  -11.413 1.00 46.73 ? 121 ARG A N   1 
ATOM   933  C CA  . ARG A 1 141 ? 16.833  -8.784  -10.293 1.00 47.03 ? 121 ARG A CA  1 
ATOM   934  C C   . ARG A 1 141 ? 15.857  -8.374  -9.188  1.00 46.63 ? 121 ARG A C   1 
ATOM   935  O O   . ARG A 1 141 ? 15.860  -7.225  -8.749  1.00 45.82 ? 121 ARG A O   1 
ATOM   936  C CB  . ARG A 1 141 ? 18.277  -8.723  -9.775  1.00 47.91 ? 121 ARG A CB  1 
ATOM   937  C CG  . ARG A 1 141 ? 18.567  -9.651  -8.608  1.00 49.41 ? 121 ARG A CG  1 
ATOM   938  C CD  . ARG A 1 141 ? 18.460  -11.109 -9.012  1.00 50.27 ? 121 ARG A CD  1 
ATOM   939  N NE  . ARG A 1 141 ? 18.345  -11.983 -7.849  1.00 51.26 ? 121 ARG A NE  1 
ATOM   940  C CZ  . ARG A 1 141 ? 18.189  -13.302 -7.916  1.00 52.33 ? 121 ARG A CZ  1 
ATOM   941  N NH1 . ARG A 1 141 ? 18.134  -13.910 -9.097  1.00 51.48 ? 121 ARG A NH1 1 
ATOM   942  N NH2 . ARG A 1 141 ? 18.068  -14.012 -6.799  1.00 52.99 ? 121 ARG A NH2 1 
ATOM   943  N N   . VAL A 1 142 ? 15.021  -9.312  -8.748  1.00 46.29 ? 122 VAL A N   1 
ATOM   944  C CA  . VAL A 1 142 ? 14.032  -9.033  -7.711  1.00 46.23 ? 122 VAL A CA  1 
ATOM   945  C C   . VAL A 1 142 ? 14.006  -10.119 -6.644  1.00 46.37 ? 122 VAL A C   1 
ATOM   946  O O   . VAL A 1 142 ? 14.117  -11.301 -6.952  1.00 46.52 ? 122 VAL A O   1 
ATOM   947  C CB  . VAL A 1 142 ? 12.605  -8.914  -8.314  1.00 45.72 ? 122 VAL A CB  1 
ATOM   948  C CG1 . VAL A 1 142 ? 11.605  -8.564  -7.226  1.00 45.45 ? 122 VAL A CG1 1 
ATOM   949  C CG2 . VAL A 1 142 ? 12.587  -7.862  -9.407  1.00 44.85 ? 122 VAL A CG2 1 
ATOM   950  N N   . VAL A 1 143 ? 13.855  -9.700  -5.391  1.00 46.89 ? 123 VAL A N   1 
ATOM   951  C CA  . VAL A 1 143 ? 13.799  -10.612 -4.253  1.00 47.77 ? 123 VAL A CA  1 
ATOM   952  C C   . VAL A 1 143 ? 12.593  -10.298 -3.372  1.00 48.94 ? 123 VAL A C   1 
ATOM   953  O O   . VAL A 1 143 ? 12.624  -9.343  -2.596  1.00 49.05 ? 123 VAL A O   1 
ATOM   954  C CB  . VAL A 1 143 ? 15.062  -10.496 -3.370  1.00 48.38 ? 123 VAL A CB  1 
ATOM   955  C CG1 . VAL A 1 143 ? 14.909  -11.366 -2.131  1.00 47.60 ? 123 VAL A CG1 1 
ATOM   956  C CG2 . VAL A 1 143 ? 16.292  -10.903 -4.161  1.00 48.55 ? 123 VAL A CG2 1 
ATOM   957  N N   . ALA A 1 144 ? 11.533  -11.093 -3.498  1.00 49.78 ? 124 ALA A N   1 
ATOM   958  C CA  . ALA A 1 144 ? 10.324  -10.908 -2.695  1.00 50.99 ? 124 ALA A CA  1 
ATOM   959  C C   . ALA A 1 144 ? 10.450  -11.819 -1.482  1.00 52.35 ? 124 ALA A C   1 
ATOM   960  O O   . ALA A 1 144 ? 10.861  -12.972 -1.617  1.00 52.43 ? 124 ALA A O   1 
ATOM   961  C CB  . ALA A 1 144 ? 9.088   -11.278 -3.507  1.00 49.93 ? 124 ALA A CB  1 
ATOM   962  N N   . GLU A 1 145 ? 10.099  -11.321 -0.299  1.00 53.52 ? 125 GLU A N   1 
ATOM   963  C CA  . GLU A 1 145 ? 10.229  -12.149 0.891   1.00 55.81 ? 125 GLU A CA  1 
ATOM   964  C C   . GLU A 1 145 ? 9.151   -12.091 1.964   1.00 56.37 ? 125 GLU A C   1 
ATOM   965  O O   . GLU A 1 145 ? 8.134   -11.405 1.837   1.00 57.14 ? 125 GLU A O   1 
ATOM   966  C CB  . GLU A 1 145 ? 11.588  -11.900 1.555   1.00 56.34 ? 125 GLU A CB  1 
ATOM   967  C CG  . GLU A 1 145 ? 12.774  -12.401 0.752   1.00 59.30 ? 125 GLU A CG  1 
ATOM   968  C CD  . GLU A 1 145 ? 14.008  -12.617 1.610   1.00 61.23 ? 125 GLU A CD  1 
ATOM   969  O OE1 . GLU A 1 145 ? 14.441  -11.656 2.281   1.00 62.28 ? 125 GLU A OE1 1 
ATOM   970  O OE2 . GLU A 1 145 ? 14.543  -13.749 1.614   1.00 62.42 ? 125 GLU A OE2 1 
ATOM   971  N N   . HIS A 1 146 ? 9.420   -12.849 3.025   1.00 57.56 ? 126 HIS A N   1 
ATOM   972  C CA  . HIS A 1 146 ? 8.568   -12.999 4.199   1.00 58.42 ? 126 HIS A CA  1 
ATOM   973  C C   . HIS A 1 146 ? 8.438   -11.694 4.973   1.00 58.29 ? 126 HIS A C   1 
ATOM   974  O O   . HIS A 1 146 ? 9.331   -11.338 5.744   1.00 58.46 ? 126 HIS A O   1 
ATOM   975  C CB  . HIS A 1 146 ? 9.162   -14.103 5.089   1.00 58.81 ? 126 HIS A CB  1 
ATOM   976  C CG  . HIS A 1 146 ? 8.617   -14.146 6.485   1.00 60.23 ? 126 HIS A CG  1 
ATOM   977  N ND1 . HIS A 1 146 ? 7.263   -14.257 6.758   1.00 60.86 ? 126 HIS A ND1 1 
ATOM   978  C CD2 . HIS A 1 146 ? 9.240   -14.142 7.685   1.00 60.66 ? 126 HIS A CD2 1 
ATOM   979  C CE1 . HIS A 1 146 ? 7.091   -14.322 8.068   1.00 60.22 ? 126 HIS A CE1 1 
ATOM   980  N NE2 . HIS A 1 146 ? 8.268   -14.256 8.652   1.00 60.33 ? 126 HIS A NE2 1 
ATOM   981  N N   . LYS A 1 147 ? 7.319   -10.994 4.771   1.00 59.15 ? 127 LYS A N   1 
ATOM   982  C CA  . LYS A 1 147 ? 7.077   -9.714  5.444   1.00 59.00 ? 127 LYS A CA  1 
ATOM   983  C C   . LYS A 1 147 ? 8.415   -8.984  5.531   1.00 57.69 ? 127 LYS A C   1 
ATOM   984  O O   . LYS A 1 147 ? 8.932   -8.742  6.622   1.00 57.57 ? 127 LYS A O   1 
ATOM   985  C CB  . LYS A 1 147 ? 6.519   -9.950  6.852   1.00 60.64 ? 127 LYS A CB  1 
ATOM   986  C CG  . LYS A 1 147 ? 5.263   -10.811 6.892   1.00 63.10 ? 127 LYS A CG  1 
ATOM   987  C CD  . LYS A 1 147 ? 4.103   -10.159 6.149   1.00 64.99 ? 127 LYS A CD  1 
ATOM   988  C CE  . LYS A 1 147 ? 2.856   -11.038 6.190   1.00 65.56 ? 127 LYS A CE  1 
ATOM   989  N NZ  . LYS A 1 147 ? 1.672   -10.363 5.590   1.00 66.57 ? 127 LYS A NZ  1 
ATOM   990  N N   . ALA A 1 148 ? 8.960   -8.645  4.363   1.00 56.11 ? 128 ALA A N   1 
ATOM   991  C CA  . ALA A 1 148 ? 10.259  -7.983  4.231   1.00 54.37 ? 128 ALA A CA  1 
ATOM   992  C C   . ALA A 1 148 ? 10.427  -6.592  4.844   1.00 53.27 ? 128 ALA A C   1 
ATOM   993  O O   . ALA A 1 148 ? 11.542  -6.070  4.881   1.00 51.99 ? 128 ALA A O   1 
ATOM   994  C CB  . ALA A 1 148 ? 10.644  -7.937  2.754   1.00 54.59 ? 128 ALA A CB  1 
ATOM   995  N N   . ASP A 1 149 ? 9.341   -5.990  5.318   1.00 53.68 ? 129 ASP A N   1 
ATOM   996  C CA  . ASP A 1 149 ? 9.418   -4.655  5.913   1.00 54.09 ? 129 ASP A CA  1 
ATOM   997  C C   . ASP A 1 149 ? 10.226  -4.666  7.204   1.00 54.64 ? 129 ASP A C   1 
ATOM   998  O O   . ASP A 1 149 ? 10.727  -3.631  7.642   1.00 54.90 ? 129 ASP A O   1 
ATOM   999  C CB  . ASP A 1 149 ? 8.009   -4.101  6.168   1.00 54.31 ? 129 ASP A CB  1 
ATOM   1000 C CG  . ASP A 1 149 ? 7.212   -4.945  7.144   1.00 55.17 ? 129 ASP A CG  1 
ATOM   1001 O OD1 . ASP A 1 149 ? 7.381   -6.182  7.141   1.00 55.51 ? 129 ASP A OD1 1 
ATOM   1002 O OD2 . ASP A 1 149 ? 6.404   -4.370  7.906   1.00 55.14 ? 129 ASP A OD2 1 
ATOM   1003 N N   . GLU A 1 150 ? 10.367  -5.840  7.806   1.00 55.10 ? 130 GLU A N   1 
ATOM   1004 C CA  . GLU A 1 150 ? 11.131  -5.962  9.037   1.00 55.60 ? 130 GLU A CA  1 
ATOM   1005 C C   . GLU A 1 150 ? 12.377  -6.822  8.850   1.00 55.09 ? 130 GLU A C   1 
ATOM   1006 O O   . GLU A 1 150 ? 12.705  -7.654  9.694   1.00 55.22 ? 130 GLU A O   1 
ATOM   1007 C CB  . GLU A 1 150 ? 10.248  -6.534  10.141  1.00 56.45 ? 130 GLU A CB  1 
ATOM   1008 C CG  . GLU A 1 150 ? 9.460   -7.746  9.719   1.00 58.75 ? 130 GLU A CG  1 
ATOM   1009 C CD  . GLU A 1 150 ? 8.358   -8.072  10.700  1.00 59.96 ? 130 GLU A CD  1 
ATOM   1010 O OE1 . GLU A 1 150 ? 8.676   -8.350  11.877  1.00 60.85 ? 130 GLU A OE1 1 
ATOM   1011 O OE2 . GLU A 1 150 ? 7.175   -8.043  10.296  1.00 60.49 ? 130 GLU A OE2 1 
ATOM   1012 N N   . LYS A 1 151 ? 13.061  -6.612  7.729   1.00 54.62 ? 131 LYS A N   1 
ATOM   1013 C CA  . LYS A 1 151 ? 14.287  -7.333  7.411   1.00 53.91 ? 131 LYS A CA  1 
ATOM   1014 C C   . LYS A 1 151 ? 15.209  -6.399  6.642   1.00 53.05 ? 131 LYS A C   1 
ATOM   1015 O O   . LYS A 1 151 ? 16.423  -6.412  6.838   1.00 53.77 ? 131 LYS A O   1 
ATOM   1016 C CB  . LYS A 1 151 ? 13.995  -8.576  6.566   1.00 54.88 ? 131 LYS A CB  1 
ATOM   1017 C CG  . LYS A 1 151 ? 15.218  -9.466  6.352   1.00 56.20 ? 131 LYS A CG  1 
ATOM   1018 C CD  . LYS A 1 151 ? 14.895  -10.699 5.515   1.00 56.75 ? 131 LYS A CD  1 
ATOM   1019 C CE  . LYS A 1 151 ? 16.099  -11.633 5.414   1.00 56.89 ? 131 LYS A CE  1 
ATOM   1020 N NZ  . LYS A 1 151 ? 17.297  -10.959 4.835   1.00 57.39 ? 131 LYS A NZ  1 
ATOM   1021 N N   . TYR A 1 152 ? 14.626  -5.589  5.762   1.00 51.62 ? 132 TYR A N   1 
ATOM   1022 C CA  . TYR A 1 152 ? 15.401  -4.636  4.973   1.00 50.33 ? 132 TYR A CA  1 
ATOM   1023 C C   . TYR A 1 152 ? 14.957  -3.207  5.243   1.00 48.25 ? 132 TYR A C   1 
ATOM   1024 O O   . TYR A 1 152 ? 13.792  -2.856  5.042   1.00 48.33 ? 132 TYR A O   1 
ATOM   1025 C CB  . TYR A 1 152 ? 15.259  -4.913  3.474   1.00 51.12 ? 132 TYR A CB  1 
ATOM   1026 C CG  . TYR A 1 152 ? 15.612  -6.322  3.067   1.00 52.90 ? 132 TYR A CG  1 
ATOM   1027 C CD1 . TYR A 1 152 ? 14.669  -7.346  3.142   1.00 52.46 ? 132 TYR A CD1 1 
ATOM   1028 C CD2 . TYR A 1 152 ? 16.895  -6.634  2.617   1.00 53.12 ? 132 TYR A CD2 1 
ATOM   1029 C CE1 . TYR A 1 152 ? 14.991  -8.643  2.768   1.00 54.11 ? 132 TYR A CE1 1 
ATOM   1030 C CE2 . TYR A 1 152 ? 17.229  -7.926  2.244   1.00 54.21 ? 132 TYR A CE2 1 
ATOM   1031 C CZ  . TYR A 1 152 ? 16.273  -8.928  2.323   1.00 54.56 ? 132 TYR A CZ  1 
ATOM   1032 O OH  . TYR A 1 152 ? 16.600  -10.208 1.937   1.00 55.27 ? 132 TYR A OH  1 
ATOM   1033 N N   . PRO A 1 153 ? 15.887  -2.359  5.707   1.00 46.78 ? 133 PRO A N   1 
ATOM   1034 C CA  . PRO A 1 153 ? 15.590  -0.957  6.004   1.00 43.85 ? 133 PRO A CA  1 
ATOM   1035 C C   . PRO A 1 153 ? 14.893  -0.291  4.824   1.00 41.55 ? 133 PRO A C   1 
ATOM   1036 O O   . PRO A 1 153 ? 13.980  0.514   5.007   1.00 39.79 ? 133 PRO A O   1 
ATOM   1037 C CB  . PRO A 1 153 ? 16.970  -0.370  6.271   1.00 45.30 ? 133 PRO A CB  1 
ATOM   1038 C CG  . PRO A 1 153 ? 17.689  -1.521  6.910   1.00 45.78 ? 133 PRO A CG  1 
ATOM   1039 C CD  . PRO A 1 153 ? 17.289  -2.681  6.031   1.00 46.35 ? 133 PRO A CD  1 
ATOM   1040 N N   . LEU A 1 154 ? 15.333  -0.633  3.615   1.00 39.29 ? 134 LEU A N   1 
ATOM   1041 C CA  . LEU A 1 154 ? 14.756  -0.086  2.391   1.00 37.79 ? 134 LEU A CA  1 
ATOM   1042 C C   . LEU A 1 154 ? 13.260  -0.373  2.259   1.00 36.15 ? 134 LEU A C   1 
ATOM   1043 O O   . LEU A 1 154 ? 12.496  0.500   1.848   1.00 35.24 ? 134 LEU A O   1 
ATOM   1044 C CB  . LEU A 1 154 ? 15.496  -0.642  1.167   1.00 38.79 ? 134 LEU A CB  1 
ATOM   1045 C CG  . LEU A 1 154 ? 16.522  0.233   0.434   1.00 39.14 ? 134 LEU A CG  1 
ATOM   1046 C CD1 . LEU A 1 154 ? 17.296  1.092   1.406   1.00 40.85 ? 134 LEU A CD1 1 
ATOM   1047 C CD2 . LEU A 1 154 ? 17.469  -0.667  -0.357  1.00 40.35 ? 134 LEU A CD2 1 
ATOM   1048 N N   . VAL A 1 155 ? 12.843  -1.592  2.595   1.00 34.49 ? 135 VAL A N   1 
ATOM   1049 C CA  . VAL A 1 155 ? 11.433  -1.956  2.500   1.00 34.54 ? 135 VAL A CA  1 
ATOM   1050 C C   . VAL A 1 155 ? 10.640  -1.273  3.611   1.00 33.94 ? 135 VAL A C   1 
ATOM   1051 O O   . VAL A 1 155 ? 9.524   -0.813  3.382   1.00 33.45 ? 135 VAL A O   1 
ATOM   1052 C CB  . VAL A 1 155 ? 11.220  -3.493  2.582   1.00 34.71 ? 135 VAL A CB  1 
ATOM   1053 C CG1 . VAL A 1 155 ? 9.734   -3.828  2.450   1.00 32.63 ? 135 VAL A CG1 1 
ATOM   1054 C CG2 . VAL A 1 155 ? 12.002  -4.182  1.477   1.00 34.81 ? 135 VAL A CG2 1 
ATOM   1055 N N   . ALA A 1 156 ? 11.214  -1.203  4.809   1.00 33.31 ? 136 ALA A N   1 
ATOM   1056 C CA  . ALA A 1 156 ? 10.542  -0.535  5.923   1.00 32.75 ? 136 ALA A CA  1 
ATOM   1057 C C   . ALA A 1 156 ? 10.300  0.927   5.542   1.00 31.46 ? 136 ALA A C   1 
ATOM   1058 O O   . ALA A 1 156 ? 9.255   1.494   5.855   1.00 32.11 ? 136 ALA A O   1 
ATOM   1059 C CB  . ALA A 1 156 ? 11.388  -0.618  7.191   1.00 33.16 ? 136 ALA A CB  1 
ATOM   1060 N N   . ALA A 1 157 ? 11.271  1.532   4.863   1.00 31.68 ? 137 ALA A N   1 
ATOM   1061 C CA  . ALA A 1 157 ? 11.152  2.924   4.427   1.00 31.39 ? 137 ALA A CA  1 
ATOM   1062 C C   . ALA A 1 157 ? 10.012  3.047   3.410   1.00 30.33 ? 137 ALA A C   1 
ATOM   1063 O O   . ALA A 1 157 ? 9.243   4.012   3.421   1.00 29.28 ? 137 ALA A O   1 
ATOM   1064 C CB  . ALA A 1 157 ? 12.465  3.392   3.809   1.00 32.51 ? 137 ALA A CB  1 
ATOM   1065 N N   . ALA A 1 158 ? 9.918   2.057   2.534   1.00 28.88 ? 138 ALA A N   1 
ATOM   1066 C CA  . ALA A 1 158 ? 8.874   2.019   1.518   1.00 28.18 ? 138 ALA A CA  1 
ATOM   1067 C C   . ALA A 1 158 ? 7.515   1.948   2.211   1.00 27.17 ? 138 ALA A C   1 
ATOM   1068 O O   . ALA A 1 158 ? 6.562   2.610   1.800   1.00 24.05 ? 138 ALA A O   1 
ATOM   1069 C CB  . ALA A 1 158 ? 9.074   0.803   0.617   1.00 28.01 ? 138 ALA A CB  1 
ATOM   1070 N N   . SER A 1 159 ? 7.443   1.147   3.272   1.00 26.55 ? 139 SER A N   1 
ATOM   1071 C CA  . SER A 1 159 ? 6.208   0.981   4.035   1.00 27.09 ? 139 SER A CA  1 
ATOM   1072 C C   . SER A 1 159 ? 5.768   2.316   4.645   1.00 25.66 ? 139 SER A C   1 
ATOM   1073 O O   . SER A 1 159 ? 4.586   2.678   4.614   1.00 24.54 ? 139 SER A O   1 
ATOM   1074 C CB  . SER A 1 159 ? 6.416   -0.063  5.144   1.00 26.73 ? 139 SER A CB  1 
ATOM   1075 O OG  . SER A 1 159 ? 5.196   -0.397  5.783   1.00 29.39 ? 139 SER A OG  1 
ATOM   1076 N N   . ILE A 1 160 ? 6.723   3.051   5.200   1.00 25.69 ? 140 ILE A N   1 
ATOM   1077 C CA  . ILE A 1 160 ? 6.415   4.345   5.803   1.00 24.74 ? 140 ILE A CA  1 
ATOM   1078 C C   . ILE A 1 160 ? 5.832   5.309   4.764   1.00 24.02 ? 140 ILE A C   1 
ATOM   1079 O O   . ILE A 1 160 ? 4.806   5.941   5.005   1.00 24.82 ? 140 ILE A O   1 
ATOM   1080 C CB  . ILE A 1 160 ? 7.677   4.952   6.447   1.00 26.84 ? 140 ILE A CB  1 
ATOM   1081 C CG1 . ILE A 1 160 ? 8.114   4.070   7.619   1.00 25.69 ? 140 ILE A CG1 1 
ATOM   1082 C CG2 . ILE A 1 160 ? 7.392   6.385   6.912   1.00 26.34 ? 140 ILE A CG2 1 
ATOM   1083 C CD1 . ILE A 1 160 ? 9.602   4.156   7.943   1.00 28.97 ? 140 ILE A CD1 1 
ATOM   1084 N N   . ILE A 1 161 ? 6.480   5.408   3.605   1.00 24.50 ? 141 ILE A N   1 
ATOM   1085 C CA  . ILE A 1 161 ? 6.007   6.287   2.543   1.00 23.12 ? 141 ILE A CA  1 
ATOM   1086 C C   . ILE A 1 161 ? 4.581   5.909   2.108   1.00 23.55 ? 141 ILE A C   1 
ATOM   1087 O O   . ILE A 1 161 ? 3.710   6.768   2.021   1.00 23.38 ? 141 ILE A O   1 
ATOM   1088 C CB  . ILE A 1 161 ? 6.956   6.235   1.327   1.00 23.67 ? 141 ILE A CB  1 
ATOM   1089 C CG1 . ILE A 1 161 ? 8.362   6.691   1.755   1.00 25.42 ? 141 ILE A CG1 1 
ATOM   1090 C CG2 . ILE A 1 161 ? 6.432   7.144   0.196   1.00 23.00 ? 141 ILE A CG2 1 
ATOM   1091 C CD1 . ILE A 1 161 ? 8.441   8.156   2.195   1.00 25.76 ? 141 ILE A CD1 1 
ATOM   1092 N N   . ALA A 1 162 ? 4.343   4.625   1.846   1.00 22.48 ? 142 ALA A N   1 
ATOM   1093 C CA  . ALA A 1 162 ? 3.012   4.172   1.424   1.00 22.64 ? 142 ALA A CA  1 
ATOM   1094 C C   . ALA A 1 162 ? 1.938   4.473   2.475   1.00 22.62 ? 142 ALA A C   1 
ATOM   1095 O O   . ALA A 1 162 ? 0.867   5.008   2.137   1.00 21.42 ? 142 ALA A O   1 
ATOM   1096 C CB  . ALA A 1 162 ? 3.034   2.666   1.102   1.00 21.44 ? 142 ALA A CB  1 
ATOM   1097 N N   . LYS A 1 163 ? 2.212   4.131   3.737   1.00 21.85 ? 143 LYS A N   1 
ATOM   1098 C CA  . LYS A 1 163 ? 1.259   4.389   4.833   1.00 23.59 ? 143 LYS A CA  1 
ATOM   1099 C C   . LYS A 1 163 ? 0.904   5.880   4.994   1.00 23.34 ? 143 LYS A C   1 
ATOM   1100 O O   . LYS A 1 163 ? -0.262  6.232   5.178   1.00 21.30 ? 143 LYS A O   1 
ATOM   1101 C CB  . LYS A 1 163 ? 1.815   3.893   6.181   1.00 25.59 ? 143 LYS A CB  1 
ATOM   1102 C CG  . LYS A 1 163 ? 1.830   2.390   6.377   1.00 30.69 ? 143 LYS A CG  1 
ATOM   1103 C CD  . LYS A 1 163 ? 2.385   2.036   7.755   1.00 34.37 ? 143 LYS A CD  1 
ATOM   1104 C CE  . LYS A 1 163 ? 2.377   0.524   7.996   1.00 36.77 ? 143 LYS A CE  1 
ATOM   1105 N NZ  . LYS A 1 163 ? 2.997   0.153   9.311   1.00 41.28 ? 143 LYS A NZ  1 
ATOM   1106 N N   . VAL A 1 164 ? 1.909   6.751   4.962   1.00 22.28 ? 144 VAL A N   1 
ATOM   1107 C CA  . VAL A 1 164 ? 1.652   8.186   5.116   1.00 22.50 ? 144 VAL A CA  1 
ATOM   1108 C C   . VAL A 1 164 ? 0.766   8.712   3.971   1.00 22.13 ? 144 VAL A C   1 
ATOM   1109 O O   . VAL A 1 164 ? -0.191  9.442   4.209   1.00 23.14 ? 144 VAL A O   1 
ATOM   1110 C CB  . VAL A 1 164 ? 2.982   9.001   5.196   1.00 22.25 ? 144 VAL A CB  1 
ATOM   1111 C CG1 . VAL A 1 164 ? 2.702   10.487  5.033   1.00 22.97 ? 144 VAL A CG1 1 
ATOM   1112 C CG2 . VAL A 1 164 ? 3.666   8.744   6.538   1.00 23.53 ? 144 VAL A CG2 1 
ATOM   1113 N N   . GLU A 1 165 ? 1.070   8.323   2.736   1.00 23.62 ? 145 GLU A N   1 
ATOM   1114 C CA  . GLU A 1 165 ? 0.266   8.764   1.598   1.00 24.29 ? 145 GLU A CA  1 
ATOM   1115 C C   . GLU A 1 165 ? -1.170  8.280   1.737   1.00 22.88 ? 145 GLU A C   1 
ATOM   1116 O O   . GLU A 1 165 ? -2.123  9.035   1.498   1.00 23.33 ? 145 GLU A O   1 
ATOM   1117 C CB  . GLU A 1 165 ? 0.865   8.262   0.283   1.00 28.61 ? 145 GLU A CB  1 
ATOM   1118 C CG  . GLU A 1 165 ? 1.853   9.229   -0.328  1.00 34.76 ? 145 GLU A CG  1 
ATOM   1119 C CD  . GLU A 1 165 ? 1.209   10.579  -0.613  1.00 37.67 ? 145 GLU A CD  1 
ATOM   1120 O OE1 . GLU A 1 165 ? 0.424   10.687  -1.581  1.00 40.64 ? 145 GLU A OE1 1 
ATOM   1121 O OE2 . GLU A 1 165 ? 1.474   11.532  0.148   1.00 41.11 ? 145 GLU A OE2 1 
ATOM   1122 N N   . ARG A 1 166 ? -1.339  7.025   2.130   1.00 22.36 ? 146 ARG A N   1 
ATOM   1123 C CA  . ARG A 1 166 ? -2.687  6.491   2.299   1.00 23.40 ? 146 ARG A CA  1 
ATOM   1124 C C   . ARG A 1 166 ? -3.440  7.286   3.368   1.00 24.79 ? 146 ARG A C   1 
ATOM   1125 O O   . ARG A 1 166 ? -4.581  7.715   3.157   1.00 24.43 ? 146 ARG A O   1 
ATOM   1126 C CB  . ARG A 1 166 ? -2.647  5.008   2.694   1.00 23.65 ? 146 ARG A CB  1 
ATOM   1127 C CG  . ARG A 1 166 ? -4.042  4.440   2.975   1.00 26.11 ? 146 ARG A CG  1 
ATOM   1128 C CD  . ARG A 1 166 ? -4.044  2.945   3.271   1.00 27.75 ? 146 ARG A CD  1 
ATOM   1129 N NE  . ARG A 1 166 ? -5.355  2.507   3.759   1.00 33.31 ? 146 ARG A NE  1 
ATOM   1130 C CZ  . ARG A 1 166 ? -5.790  2.692   5.002   1.00 33.39 ? 146 ARG A CZ  1 
ATOM   1131 N NH1 . ARG A 1 166 ? -5.023  3.299   5.901   1.00 35.39 ? 146 ARG A NH1 1 
ATOM   1132 N NH2 . ARG A 1 166 ? -7.000  2.281   5.349   1.00 35.77 ? 146 ARG A NH2 1 
ATOM   1133 N N   . GLU A 1 167 ? -2.792  7.471   4.514   1.00 25.34 ? 147 GLU A N   1 
ATOM   1134 C CA  . GLU A 1 167 ? -3.366  8.207   5.643   1.00 27.18 ? 147 GLU A CA  1 
ATOM   1135 C C   . GLU A 1 167 ? -3.879  9.600   5.300   1.00 26.54 ? 147 GLU A C   1 
ATOM   1136 O O   . GLU A 1 167 ? -4.926  10.018  5.799   1.00 24.97 ? 147 GLU A O   1 
ATOM   1137 C CB  . GLU A 1 167 ? -2.332  8.349   6.759   1.00 30.40 ? 147 GLU A CB  1 
ATOM   1138 C CG  . GLU A 1 167 ? -2.634  7.567   8.005   1.00 37.46 ? 147 GLU A CG  1 
ATOM   1139 C CD  . GLU A 1 167 ? -2.013  6.192   7.990   1.00 40.12 ? 147 GLU A CD  1 
ATOM   1140 O OE1 . GLU A 1 167 ? -2.354  5.392   7.095   1.00 44.10 ? 147 GLU A OE1 1 
ATOM   1141 O OE2 . GLU A 1 167 ? -1.178  5.918   8.874   1.00 41.71 ? 147 GLU A OE2 1 
ATOM   1142 N N   . ARG A 1 168 ? -3.129  10.331  4.474   1.00 26.26 ? 148 ARG A N   1 
ATOM   1143 C CA  . ARG A 1 168 ? -3.529  11.680  4.098   1.00 27.93 ? 148 ARG A CA  1 
ATOM   1144 C C   . ARG A 1 168 ? -4.839  11.630  3.327   1.00 27.95 ? 148 ARG A C   1 
ATOM   1145 O O   . ARG A 1 168 ? -5.718  12.466  3.528   1.00 27.17 ? 148 ARG A O   1 
ATOM   1146 C CB  . ARG A 1 168 ? -2.468  12.342  3.229   1.00 32.20 ? 148 ARG A CB  1 
ATOM   1147 C CG  . ARG A 1 168 ? -1.097  12.393  3.861   1.00 40.25 ? 148 ARG A CG  1 
ATOM   1148 C CD  . ARG A 1 168 ? -0.221  13.444  3.183   1.00 45.12 ? 148 ARG A CD  1 
ATOM   1149 N NE  . ARG A 1 168 ? 1.179   13.292  3.565   1.00 49.72 ? 148 ARG A NE  1 
ATOM   1150 C CZ  . ARG A 1 168 ? 2.165   14.073  3.138   1.00 51.97 ? 148 ARG A CZ  1 
ATOM   1151 N NH1 . ARG A 1 168 ? 1.913   15.080  2.309   1.00 54.19 ? 148 ARG A NH1 1 
ATOM   1152 N NH2 . ARG A 1 168 ? 3.409   13.837  3.528   1.00 53.21 ? 148 ARG A NH2 1 
ATOM   1153 N N   . GLU A 1 169 ? -4.964  10.647  2.441   1.00 27.09 ? 149 GLU A N   1 
ATOM   1154 C CA  . GLU A 1 169 ? -6.191  10.512  1.661   1.00 28.73 ? 149 GLU A CA  1 
ATOM   1155 C C   . GLU A 1 169 ? -7.361  10.150  2.581   1.00 27.44 ? 149 GLU A C   1 
ATOM   1156 O O   . GLU A 1 169 ? -8.459  10.690  2.450   1.00 26.07 ? 149 GLU A O   1 
ATOM   1157 C CB  . GLU A 1 169 ? -6.021  9.431   0.586   1.00 29.15 ? 149 GLU A CB  1 
ATOM   1158 C CG  . GLU A 1 169 ? -7.304  9.101   -0.182  1.00 31.91 ? 149 GLU A CG  1 
ATOM   1159 C CD  . GLU A 1 169 ? -7.851  10.271  -0.984  1.00 34.52 ? 149 GLU A CD  1 
ATOM   1160 O OE1 . GLU A 1 169 ? -8.971  10.146  -1.521  1.00 35.03 ? 149 GLU A OE1 1 
ATOM   1161 O OE2 . GLU A 1 169 ? -7.164  11.308  -1.084  1.00 36.32 ? 149 GLU A OE2 1 
ATOM   1162 N N   . ILE A 1 170 ? -7.119  9.233   3.516   1.00 27.58 ? 150 ILE A N   1 
ATOM   1163 C CA  . ILE A 1 170 ? -8.162  8.813   4.447   1.00 26.42 ? 150 ILE A CA  1 
ATOM   1164 C C   . ILE A 1 170 ? -8.685  10.021  5.220   1.00 28.12 ? 150 ILE A C   1 
ATOM   1165 O O   . ILE A 1 170 ? -9.899  10.195  5.384   1.00 27.33 ? 150 ILE A O   1 
ATOM   1166 C CB  . ILE A 1 170 ? -7.631  7.749   5.437   1.00 26.83 ? 150 ILE A CB  1 
ATOM   1167 C CG1 . ILE A 1 170 ? -7.331  6.448   4.680   1.00 26.95 ? 150 ILE A CG1 1 
ATOM   1168 C CG2 . ILE A 1 170 ? -8.649  7.488   6.547   1.00 26.52 ? 150 ILE A CG2 1 
ATOM   1169 C CD1 . ILE A 1 170 ? -8.554  5.814   4.008   1.00 29.71 ? 150 ILE A CD1 1 
ATOM   1170 N N   . GLU A 1 171 ? -7.769  10.871  5.668   1.00 28.58 ? 151 GLU A N   1 
ATOM   1171 C CA  . GLU A 1 171 ? -8.142  12.055  6.428   1.00 31.00 ? 151 GLU A CA  1 
ATOM   1172 C C   . GLU A 1 171 ? -8.993  12.989  5.573   1.00 30.87 ? 151 GLU A C   1 
ATOM   1173 O O   . GLU A 1 171 ? -10.009 13.514  6.032   1.00 30.46 ? 151 GLU A O   1 
ATOM   1174 C CB  . GLU A 1 171 ? -6.888  12.773  6.917   1.00 33.58 ? 151 GLU A CB  1 
ATOM   1175 C CG  . GLU A 1 171 ? -7.033  13.397  8.292   1.00 39.50 ? 151 GLU A CG  1 
ATOM   1176 C CD  . GLU A 1 171 ? -7.454  12.392  9.349   1.00 39.68 ? 151 GLU A CD  1 
ATOM   1177 O OE1 . GLU A 1 171 ? -6.751  11.378  9.538   1.00 42.28 ? 151 GLU A OE1 1 
ATOM   1178 O OE2 . GLU A 1 171 ? -8.496  12.617  9.992   1.00 42.95 ? 151 GLU A OE2 1 
ATOM   1179 N N   . ARG A 1 172 ? -8.571  13.184  4.327   1.00 30.14 ? 152 ARG A N   1 
ATOM   1180 C CA  . ARG A 1 172 ? -9.291  14.027  3.387   1.00 32.38 ? 152 ARG A CA  1 
ATOM   1181 C C   . ARG A 1 172 ? -10.729 13.496  3.243   1.00 30.87 ? 152 ARG A C   1 
ATOM   1182 O O   . ARG A 1 172 ? -11.687 14.267  3.249   1.00 31.42 ? 152 ARG A O   1 
ATOM   1183 C CB  . ARG A 1 172 ? -8.569  14.009  2.031   1.00 34.64 ? 152 ARG A CB  1 
ATOM   1184 C CG  . ARG A 1 172 ? -9.057  15.037  1.028   1.00 39.77 ? 152 ARG A CG  1 
ATOM   1185 C CD  . ARG A 1 172 ? -8.384  14.840  -0.331  1.00 44.33 ? 152 ARG A CD  1 
ATOM   1186 N NE  . ARG A 1 172 ? -8.856  13.635  -1.013  1.00 47.72 ? 152 ARG A NE  1 
ATOM   1187 C CZ  . ARG A 1 172 ? -10.076 13.496  -1.531  1.00 49.93 ? 152 ARG A CZ  1 
ATOM   1188 N NH1 . ARG A 1 172 ? -10.425 12.363  -2.129  1.00 49.89 ? 152 ARG A NH1 1 
ATOM   1189 N NH2 . ARG A 1 172 ? -10.950 14.494  -1.464  1.00 51.83 ? 152 ARG A NH2 1 
ATOM   1190 N N   . LEU A 1 173 ? -10.862 12.174  3.134   1.00 29.39 ? 153 LEU A N   1 
ATOM   1191 C CA  . LEU A 1 173 ? -12.162 11.521  2.988   1.00 28.44 ? 153 LEU A CA  1 
ATOM   1192 C C   . LEU A 1 173 ? -13.067 11.698  4.204   1.00 30.22 ? 153 LEU A C   1 
ATOM   1193 O O   . LEU A 1 173 ? -14.266 11.936  4.060   1.00 28.43 ? 153 LEU A O   1 
ATOM   1194 C CB  . LEU A 1 173 ? -11.978 10.026  2.707   1.00 27.87 ? 153 LEU A CB  1 
ATOM   1195 C CG  . LEU A 1 173 ? -11.450 9.659   1.318   1.00 25.91 ? 153 LEU A CG  1 
ATOM   1196 C CD1 . LEU A 1 173 ? -11.120 8.171   1.251   1.00 22.43 ? 153 LEU A CD1 1 
ATOM   1197 C CD2 . LEU A 1 173 ? -12.505 10.040  0.273   1.00 25.19 ? 153 LEU A CD2 1 
ATOM   1198 N N   . LYS A 1 174 ? -12.497 11.561  5.398   1.00 30.35 ? 154 LYS A N   1 
ATOM   1199 C CA  . LYS A 1 174 ? -13.272 11.726  6.622   1.00 32.54 ? 154 LYS A CA  1 
ATOM   1200 C C   . LYS A 1 174 ? -13.755 13.166  6.715   1.00 33.54 ? 154 LYS A C   1 
ATOM   1201 O O   . LYS A 1 174 ? -14.836 13.440  7.225   1.00 34.63 ? 154 LYS A O   1 
ATOM   1202 C CB  . LYS A 1 174 ? -12.431 11.376  7.847   1.00 32.02 ? 154 LYS A CB  1 
ATOM   1203 C CG  . LYS A 1 174 ? -12.106 9.906   7.948   1.00 33.34 ? 154 LYS A CG  1 
ATOM   1204 C CD  . LYS A 1 174 ? -11.604 9.545   9.332   1.00 36.36 ? 154 LYS A CD  1 
ATOM   1205 C CE  . LYS A 1 174 ? -11.400 8.047   9.457   1.00 37.46 ? 154 LYS A CE  1 
ATOM   1206 N NZ  . LYS A 1 174 ? -10.983 7.658   10.834  1.00 38.98 ? 154 LYS A NZ  1 
ATOM   1207 N N   . GLU A 1 175 ? -12.941 14.083  6.216   1.00 34.29 ? 155 GLU A N   1 
ATOM   1208 C CA  . GLU A 1 175 ? -13.290 15.494  6.221   1.00 36.99 ? 155 GLU A CA  1 
ATOM   1209 C C   . GLU A 1 175 ? -14.560 15.685  5.385   1.00 37.60 ? 155 GLU A C   1 
ATOM   1210 O O   . GLU A 1 175 ? -15.445 16.471  5.737   1.00 37.88 ? 155 GLU A O   1 
ATOM   1211 C CB  . GLU A 1 175 ? -12.135 16.285  5.616   1.00 40.14 ? 155 GLU A CB  1 
ATOM   1212 C CG  . GLU A 1 175 ? -12.178 17.777  5.813   1.00 44.58 ? 155 GLU A CG  1 
ATOM   1213 C CD  . GLU A 1 175 ? -10.947 18.439  5.218   1.00 49.39 ? 155 GLU A CD  1 
ATOM   1214 O OE1 . GLU A 1 175 ? -9.826  17.954  5.501   1.00 50.74 ? 155 GLU A OE1 1 
ATOM   1215 O OE2 . GLU A 1 175 ? -11.095 19.432  4.468   1.00 51.85 ? 155 GLU A OE2 1 
ATOM   1216 N N   . LYS A 1 176 ? -14.647 14.944  4.285   1.00 36.50 ? 156 LYS A N   1 
ATOM   1217 C CA  . LYS A 1 176 ? -15.793 15.024  3.383   1.00 36.95 ? 156 LYS A CA  1 
ATOM   1218 C C   . LYS A 1 176 ? -17.006 14.166  3.761   1.00 36.33 ? 156 LYS A C   1 
ATOM   1219 O O   . LYS A 1 176 ? -18.138 14.655  3.754   1.00 36.67 ? 156 LYS A O   1 
ATOM   1220 C CB  . LYS A 1 176 ? -15.348 14.667  1.953   1.00 37.63 ? 156 LYS A CB  1 
ATOM   1221 C CG  . LYS A 1 176 ? -16.482 14.602  0.911   1.00 39.56 ? 156 LYS A CG  1 
ATOM   1222 C CD  . LYS A 1 176 ? -17.313 15.882  0.910   1.00 43.11 ? 156 LYS A CD  1 
ATOM   1223 C CE  . LYS A 1 176 ? -18.365 15.898  -0.200  1.00 44.84 ? 156 LYS A CE  1 
ATOM   1224 N NZ  . LYS A 1 176 ? -17.748 15.867  -1.556  1.00 45.51 ? 156 LYS A NZ  1 
ATOM   1225 N N   . PHE A 1 177 ? -16.774 12.900  4.105   1.00 34.63 ? 157 PHE A N   1 
ATOM   1226 C CA  . PHE A 1 177 ? -17.865 11.975  4.421   1.00 34.23 ? 157 PHE A CA  1 
ATOM   1227 C C   . PHE A 1 177 ? -18.116 11.614  5.888   1.00 35.34 ? 157 PHE A C   1 
ATOM   1228 O O   . PHE A 1 177 ? -19.004 10.808  6.178   1.00 35.99 ? 157 PHE A O   1 
ATOM   1229 C CB  . PHE A 1 177 ? -17.664 10.676  3.632   1.00 32.14 ? 157 PHE A CB  1 
ATOM   1230 C CG  . PHE A 1 177 ? -17.558 10.876  2.143   1.00 31.46 ? 157 PHE A CG  1 
ATOM   1231 C CD1 . PHE A 1 177 ? -16.342 10.712  1.485   1.00 31.09 ? 157 PHE A CD1 1 
ATOM   1232 C CD2 . PHE A 1 177 ? -18.681 11.210  1.393   1.00 31.93 ? 157 PHE A CD2 1 
ATOM   1233 C CE1 . PHE A 1 177 ? -16.245 10.879  0.092   1.00 29.35 ? 157 PHE A CE1 1 
ATOM   1234 C CE2 . PHE A 1 177 ? -18.597 11.380  0.010   1.00 30.75 ? 157 PHE A CE2 1 
ATOM   1235 C CZ  . PHE A 1 177 ? -17.376 11.212  -0.641  1.00 30.78 ? 157 PHE A CZ  1 
ATOM   1236 N N   . GLY A 1 178 ? -17.352 12.202  6.807   1.00 35.50 ? 158 GLY A N   1 
ATOM   1237 C CA  . GLY A 1 178 ? -17.525 11.898  8.218   1.00 35.43 ? 158 GLY A CA  1 
ATOM   1238 C C   . GLY A 1 178 ? -16.578 10.799  8.678   1.00 35.53 ? 158 GLY A C   1 
ATOM   1239 O O   . GLY A 1 178 ? -15.865 10.204  7.868   1.00 34.88 ? 158 GLY A O   1 
ATOM   1240 N N   . ASP A 1 179 ? -16.560 10.517  9.976   1.00 35.45 ? 159 ASP A N   1 
ATOM   1241 C CA  . ASP A 1 179 ? -15.676 9.480   10.493  1.00 34.76 ? 159 ASP A CA  1 
ATOM   1242 C C   . ASP A 1 179 ? -16.248 8.087   10.249  1.00 33.99 ? 159 ASP A C   1 
ATOM   1243 O O   . ASP A 1 179 ? -17.195 7.672   10.915  1.00 33.91 ? 159 ASP A O   1 
ATOM   1244 C CB  . ASP A 1 179 ? -15.434 9.681   11.990  1.00 36.57 ? 159 ASP A CB  1 
ATOM   1245 C CG  . ASP A 1 179 ? -14.434 8.685   12.557  1.00 38.23 ? 159 ASP A CG  1 
ATOM   1246 O OD1 . ASP A 1 179 ? -14.120 8.781   13.766  1.00 39.39 ? 159 ASP A OD1 1 
ATOM   1247 O OD2 . ASP A 1 179 ? -13.964 7.808   11.800  1.00 36.99 ? 159 ASP A OD2 1 
ATOM   1248 N N   . PHE A 1 180 ? -15.660 7.368   9.295   1.00 31.94 ? 160 PHE A N   1 
ATOM   1249 C CA  . PHE A 1 180 ? -16.099 6.017   8.961   1.00 31.15 ? 160 PHE A CA  1 
ATOM   1250 C C   . PHE A 1 180 ? -15.180 4.971   9.594   1.00 31.03 ? 160 PHE A C   1 
ATOM   1251 O O   . PHE A 1 180 ? -15.184 3.808   9.197   1.00 29.73 ? 160 PHE A O   1 
ATOM   1252 C CB  . PHE A 1 180 ? -16.115 5.826   7.436   1.00 30.71 ? 160 PHE A CB  1 
ATOM   1253 C CG  . PHE A 1 180 ? -14.882 6.348   6.740   1.00 30.14 ? 160 PHE A CG  1 
ATOM   1254 C CD1 . PHE A 1 180 ? -14.902 7.585   6.101   1.00 31.35 ? 160 PHE A CD1 1 
ATOM   1255 C CD2 . PHE A 1 180 ? -13.698 5.617   6.745   1.00 29.18 ? 160 PHE A CD2 1 
ATOM   1256 C CE1 . PHE A 1 180 ? -13.760 8.090   5.469   1.00 29.75 ? 160 PHE A CE1 1 
ATOM   1257 C CE2 . PHE A 1 180 ? -12.551 6.110   6.119   1.00 29.77 ? 160 PHE A CE2 1 
ATOM   1258 C CZ  . PHE A 1 180 ? -12.582 7.348   5.483   1.00 31.05 ? 160 PHE A CZ  1 
ATOM   1259 N N   . GLY A 1 181 ? -14.390 5.390   10.579  1.00 31.63 ? 161 GLY A N   1 
ATOM   1260 C CA  . GLY A 1 181 ? -13.483 4.465   11.223  1.00 32.95 ? 161 GLY A CA  1 
ATOM   1261 C C   . GLY A 1 181 ? -12.207 4.264   10.426  1.00 33.61 ? 161 GLY A C   1 
ATOM   1262 O O   . GLY A 1 181 ? -11.793 5.148   9.676   1.00 34.85 ? 161 GLY A O   1 
ATOM   1263 N N   . SER A 1 182 ? -11.593 3.095   10.573  1.00 34.08 ? 162 SER A N   1 
ATOM   1264 C CA  . SER A 1 182 ? -10.341 2.793   9.885   1.00 35.88 ? 162 SER A CA  1 
ATOM   1265 C C   . SER A 1 182 ? -10.503 2.528   8.398   1.00 36.00 ? 162 SER A C   1 
ATOM   1266 O O   . SER A 1 182 ? -9.634  2.887   7.606   1.00 35.89 ? 162 SER A O   1 
ATOM   1267 C CB  . SER A 1 182 ? -9.646  1.587   10.535  1.00 34.40 ? 162 SER A CB  1 
ATOM   1268 O OG  . SER A 1 182 ? -10.415 0.404   10.393  1.00 35.74 ? 162 SER A OG  1 
ATOM   1269 N N   . GLY A 1 183 ? -11.613 1.900   8.023   1.00 37.05 ? 163 GLY A N   1 
ATOM   1270 C CA  . GLY A 1 183 ? -11.841 1.589   6.624   1.00 38.24 ? 163 GLY A CA  1 
ATOM   1271 C C   . GLY A 1 183 ? -11.664 0.103   6.377   1.00 39.09 ? 163 GLY A C   1 
ATOM   1272 O O   . GLY A 1 183 ? -11.740 -0.364  5.241   1.00 38.82 ? 163 GLY A O   1 
ATOM   1273 N N   . TYR A 1 184 ? -11.410 -0.642  7.451   1.00 39.96 ? 164 TYR A N   1 
ATOM   1274 C CA  . TYR A 1 184 ? -11.246 -2.089  7.361   1.00 40.54 ? 164 TYR A CA  1 
ATOM   1275 C C   . TYR A 1 184 ? -12.519 -2.777  7.840   1.00 41.37 ? 164 TYR A C   1 
ATOM   1276 O O   . TYR A 1 184 ? -13.171 -2.312  8.776   1.00 41.52 ? 164 TYR A O   1 
ATOM   1277 C CB  . TYR A 1 184 ? -10.047 -2.560  8.199   1.00 40.75 ? 164 TYR A CB  1 
ATOM   1278 C CG  . TYR A 1 184 ? -8.706  -2.292  7.551   1.00 40.53 ? 164 TYR A CG  1 
ATOM   1279 C CD1 . TYR A 1 184 ? -8.109  -1.032  7.615   1.00 41.40 ? 164 TYR A CD1 1 
ATOM   1280 C CD2 . TYR A 1 184 ? -8.054  -3.293  6.830   1.00 39.25 ? 164 TYR A CD2 1 
ATOM   1281 C CE1 . TYR A 1 184 ? -6.896  -0.774  6.968   1.00 41.72 ? 164 TYR A CE1 1 
ATOM   1282 C CE2 . TYR A 1 184 ? -6.852  -3.051  6.181   1.00 40.57 ? 164 TYR A CE2 1 
ATOM   1283 C CZ  . TYR A 1 184 ? -6.276  -1.792  6.250   1.00 40.76 ? 164 TYR A CZ  1 
ATOM   1284 O OH  . TYR A 1 184 ? -5.109  -1.546  5.570   1.00 41.37 ? 164 TYR A OH  1 
ATOM   1285 N N   . ALA A 1 185 ? -12.862 -3.889  7.195   1.00 43.11 ? 165 ALA A N   1 
ATOM   1286 C CA  . ALA A 1 185 ? -14.067 -4.643  7.528   1.00 45.57 ? 165 ALA A CA  1 
ATOM   1287 C C   . ALA A 1 185 ? -14.149 -5.044  8.999   1.00 48.22 ? 165 ALA A C   1 
ATOM   1288 O O   . ALA A 1 185 ? -15.234 -5.294  9.528   1.00 49.04 ? 165 ALA A O   1 
ATOM   1289 C CB  . ALA A 1 185 ? -14.158 -5.879  6.649   1.00 43.78 ? 165 ALA A CB  1 
ATOM   1290 N N   . SER A 1 186 ? -13.002 -5.099  9.663   1.00 50.27 ? 166 SER A N   1 
ATOM   1291 C CA  . SER A 1 186 ? -12.962 -5.486  11.061  1.00 51.48 ? 166 SER A CA  1 
ATOM   1292 C C   . SER A 1 186 ? -13.475 -4.388  11.981  1.00 51.80 ? 166 SER A C   1 
ATOM   1293 O O   . SER A 1 186 ? -14.233 -4.660  12.917  1.00 52.90 ? 166 SER A O   1 
ATOM   1294 C CB  . SER A 1 186 ? -11.537 -5.875  11.443  1.00 52.48 ? 166 SER A CB  1 
ATOM   1295 O OG  . SER A 1 186 ? -11.101 -6.979  10.664  1.00 55.11 ? 166 SER A OG  1 
ATOM   1296 N N   . ASP A 1 187 ? -13.068 -3.151  11.717  1.00 50.65 ? 167 ASP A N   1 
ATOM   1297 C CA  . ASP A 1 187 ? -13.500 -2.024  12.533  1.00 50.14 ? 167 ASP A CA  1 
ATOM   1298 C C   . ASP A 1 187 ? -15.031 -1.968  12.600  1.00 49.91 ? 167 ASP A C   1 
ATOM   1299 O O   . ASP A 1 187 ? -15.705 -1.816  11.578  1.00 50.16 ? 167 ASP A O   1 
ATOM   1300 C CB  . ASP A 1 187 ? -12.933 -0.723  11.955  1.00 50.96 ? 167 ASP A CB  1 
ATOM   1301 C CG  . ASP A 1 187 ? -13.260 0.486   12.808  1.00 52.27 ? 167 ASP A CG  1 
ATOM   1302 O OD1 . ASP A 1 187 ? -12.627 1.539   12.602  1.00 52.87 ? 167 ASP A OD1 1 
ATOM   1303 O OD2 . ASP A 1 187 ? -14.155 0.391   13.677  1.00 54.60 ? 167 ASP A OD2 1 
ATOM   1304 N N   . PRO A 1 188 ? -15.599 -2.101  13.810  1.00 49.12 ? 168 PRO A N   1 
ATOM   1305 C CA  . PRO A 1 188 ? -17.050 -2.072  14.025  1.00 47.67 ? 168 PRO A CA  1 
ATOM   1306 C C   . PRO A 1 188 ? -17.682 -0.813  13.444  1.00 46.36 ? 168 PRO A C   1 
ATOM   1307 O O   . PRO A 1 188 ? -18.743 -0.865  12.829  1.00 45.36 ? 168 PRO A O   1 
ATOM   1308 C CB  . PRO A 1 188 ? -17.177 -2.122  15.548  1.00 48.51 ? 168 PRO A CB  1 
ATOM   1309 C CG  . PRO A 1 188 ? -15.957 -2.883  15.963  1.00 49.16 ? 168 PRO A CG  1 
ATOM   1310 C CD  . PRO A 1 188 ? -14.890 -2.268  15.090  1.00 49.30 ? 168 PRO A CD  1 
ATOM   1311 N N   . ARG A 1 189 ? -17.015 0.315   13.660  1.00 45.30 ? 169 ARG A N   1 
ATOM   1312 C CA  . ARG A 1 189 ? -17.474 1.605   13.162  1.00 45.52 ? 169 ARG A CA  1 
ATOM   1313 C C   . ARG A 1 189 ? -17.606 1.571   11.635  1.00 43.69 ? 169 ARG A C   1 
ATOM   1314 O O   . ARG A 1 189 ? -18.539 2.139   11.065  1.00 42.89 ? 169 ARG A O   1 
ATOM   1315 C CB  . ARG A 1 189 ? -16.480 2.696   13.589  1.00 47.34 ? 169 ARG A CB  1 
ATOM   1316 C CG  . ARG A 1 189 ? -16.772 4.102   13.064  1.00 50.45 ? 169 ARG A CG  1 
ATOM   1317 C CD  . ARG A 1 189 ? -17.885 4.813   13.808  1.00 53.34 ? 169 ARG A CD  1 
ATOM   1318 N NE  . ARG A 1 189 ? -19.228 4.426   13.374  1.00 57.08 ? 169 ARG A NE  1 
ATOM   1319 C CZ  . ARG A 1 189 ? -20.345 4.843   13.952  1.00 58.97 ? 169 ARG A CZ  1 
ATOM   1320 N NH1 . ARG A 1 189 ? -20.278 5.671   14.998  1.00 60.60 ? 169 ARG A NH1 1 
ATOM   1321 N NH2 . ARG A 1 189 ? -21.528 4.424   13.525  1.00 59.29 ? 169 ARG A NH2 1 
ATOM   1322 N N   . THR A 1 190 ? -16.671 0.895   10.980  1.00 41.87 ? 170 THR A N   1 
ATOM   1323 C CA  . THR A 1 190 ? -16.693 0.791   9.529   1.00 40.70 ? 170 THR A CA  1 
ATOM   1324 C C   . THR A 1 190 ? -17.893 -0.023  9.030   1.00 41.21 ? 170 THR A C   1 
ATOM   1325 O O   . THR A 1 190 ? -18.570 0.367   8.085   1.00 39.23 ? 170 THR A O   1 
ATOM   1326 C CB  . THR A 1 190 ? -15.374 0.159   9.008   1.00 39.66 ? 170 THR A CB  1 
ATOM   1327 O OG1 . THR A 1 190 ? -14.265 0.966   9.425   1.00 40.46 ? 170 THR A OG1 1 
ATOM   1328 C CG2 . THR A 1 190 ? -15.377 0.082   7.493   1.00 38.26 ? 170 THR A CG2 1 
ATOM   1329 N N   . ARG A 1 191 ? -18.156 -1.150  9.679   1.00 41.66 ? 171 ARG A N   1 
ATOM   1330 C CA  . ARG A 1 191 ? -19.268 -2.012  9.299   1.00 42.86 ? 171 ARG A CA  1 
ATOM   1331 C C   . ARG A 1 191 ? -20.578 -1.269  9.426   1.00 42.67 ? 171 ARG A C   1 
ATOM   1332 O O   . ARG A 1 191 ? -21.409 -1.315  8.527   1.00 42.67 ? 171 ARG A O   1 
ATOM   1333 C CB  . ARG A 1 191 ? -19.278 -3.257  10.177  1.00 45.55 ? 171 ARG A CB  1 
ATOM   1334 C CG  . ARG A 1 191 ? -18.031 -4.103  10.000  1.00 49.73 ? 171 ARG A CG  1 
ATOM   1335 C CD  . ARG A 1 191 ? -17.981 -5.216  11.032  1.00 52.09 ? 171 ARG A CD  1 
ATOM   1336 N NE  . ARG A 1 191 ? -17.965 -4.701  12.401  1.00 55.04 ? 171 ARG A NE  1 
ATOM   1337 C CZ  . ARG A 1 191 ? -17.931 -5.462  13.497  1.00 56.14 ? 171 ARG A CZ  1 
ATOM   1338 N NH1 . ARG A 1 191 ? -17.915 -6.777  13.389  1.00 56.81 ? 171 ARG A NH1 1 
ATOM   1339 N NH2 . ARG A 1 191 ? -17.910 -4.888  14.712  1.00 56.73 ? 171 ARG A NH2 1 
ATOM   1340 N N   . GLU A 1 192 ? -20.762 -0.585  10.549  1.00 42.53 ? 172 GLU A N   1 
ATOM   1341 C CA  . GLU A 1 192 ? -21.990 0.168   10.772  1.00 43.45 ? 172 GLU A CA  1 
ATOM   1342 C C   . GLU A 1 192 ? -22.191 1.224   9.700   1.00 41.46 ? 172 GLU A C   1 
ATOM   1343 O O   . GLU A 1 192 ? -23.229 1.263   9.045   1.00 41.61 ? 172 GLU A O   1 
ATOM   1344 C CB  . GLU A 1 192 ? -21.966 0.869   12.133  1.00 45.99 ? 172 GLU A CB  1 
ATOM   1345 C CG  . GLU A 1 192 ? -21.975 -0.060  13.336  1.00 51.88 ? 172 GLU A CG  1 
ATOM   1346 C CD  . GLU A 1 192 ? -21.842 0.694   14.657  1.00 54.36 ? 172 GLU A CD  1 
ATOM   1347 O OE1 . GLU A 1 192 ? -22.693 1.574   14.930  1.00 56.72 ? 172 GLU A OE1 1 
ATOM   1348 O OE2 . GLU A 1 192 ? -20.889 0.411   15.421  1.00 55.68 ? 172 GLU A OE2 1 
ATOM   1349 N N   . VAL A 1 193 ? -21.200 2.098   9.549   1.00 39.90 ? 173 VAL A N   1 
ATOM   1350 C CA  . VAL A 1 193 ? -21.277 3.165   8.568   1.00 37.91 ? 173 VAL A CA  1 
ATOM   1351 C C   . VAL A 1 193 ? -21.560 2.586   7.182   1.00 37.25 ? 173 VAL A C   1 
ATOM   1352 O O   . VAL A 1 193 ? -22.433 3.078   6.475   1.00 36.78 ? 173 VAL A O   1 
ATOM   1353 C CB  . VAL A 1 193 ? -19.976 3.994   8.549   1.00 38.23 ? 173 VAL A CB  1 
ATOM   1354 C CG1 . VAL A 1 193 ? -20.101 5.125   7.548   1.00 37.83 ? 173 VAL A CG1 1 
ATOM   1355 C CG2 . VAL A 1 193 ? -19.688 4.564   9.951   1.00 36.97 ? 173 VAL A CG2 1 
ATOM   1356 N N   . LEU A 1 194 ? -20.845 1.529   6.804   1.00 36.88 ? 174 LEU A N   1 
ATOM   1357 C CA  . LEU A 1 194 ? -21.058 0.893   5.506   1.00 37.26 ? 174 LEU A CA  1 
ATOM   1358 C C   . LEU A 1 194 ? -22.497 0.429   5.345   1.00 38.18 ? 174 LEU A C   1 
ATOM   1359 O O   . LEU A 1 194 ? -23.087 0.538   4.268   1.00 35.35 ? 174 LEU A O   1 
ATOM   1360 C CB  . LEU A 1 194 ? -20.148 -0.320  5.338   1.00 37.86 ? 174 LEU A CB  1 
ATOM   1361 C CG  . LEU A 1 194 ? -18.742 -0.099  4.793   1.00 37.99 ? 174 LEU A CG  1 
ATOM   1362 C CD1 . LEU A 1 194 ? -18.000 -1.415  4.824   1.00 38.64 ? 174 LEU A CD1 1 
ATOM   1363 C CD2 . LEU A 1 194 ? -18.809 0.438   3.366   1.00 38.71 ? 174 LEU A CD2 1 
ATOM   1364 N N   . LYS A 1 195 ? -23.051 -0.105  6.426   1.00 39.78 ? 175 LYS A N   1 
ATOM   1365 C CA  . LYS A 1 195 ? -24.417 -0.595  6.413   1.00 40.89 ? 175 LYS A CA  1 
ATOM   1366 C C   . LYS A 1 195 ? -25.405 0.527   6.101   1.00 39.80 ? 175 LYS A C   1 
ATOM   1367 O O   . LYS A 1 195 ? -26.252 0.383   5.226   1.00 39.87 ? 175 LYS A O   1 
ATOM   1368 C CB  . LYS A 1 195 ? -24.759 -1.242  7.760   1.00 43.32 ? 175 LYS A CB  1 
ATOM   1369 C CG  . LYS A 1 195 ? -26.135 -1.889  7.792   1.00 47.51 ? 175 LYS A CG  1 
ATOM   1370 C CD  . LYS A 1 195 ? -26.466 -2.501  9.155   1.00 50.37 ? 175 LYS A CD  1 
ATOM   1371 C CE  . LYS A 1 195 ? -27.871 -3.115  9.145   1.00 52.43 ? 175 LYS A CE  1 
ATOM   1372 N NZ  . LYS A 1 195 ? -28.256 -3.760  10.439  1.00 53.79 ? 175 LYS A NZ  1 
ATOM   1373 N N   . GLU A 1 196 ? -25.296 1.654   6.793   1.00 38.84 ? 176 GLU A N   1 
ATOM   1374 C CA  . GLU A 1 196 ? -26.233 2.730   6.523   1.00 39.45 ? 176 GLU A CA  1 
ATOM   1375 C C   . GLU A 1 196 ? -26.038 3.361   5.148   1.00 37.12 ? 176 GLU A C   1 
ATOM   1376 O O   . GLU A 1 196 ? -27.012 3.752   4.510   1.00 35.81 ? 176 GLU A O   1 
ATOM   1377 C CB  . GLU A 1 196 ? -26.195 3.792   7.624   1.00 41.77 ? 176 GLU A CB  1 
ATOM   1378 C CG  . GLU A 1 196 ? -24.867 4.441   7.871   1.00 47.16 ? 176 GLU A CG  1 
ATOM   1379 C CD  . GLU A 1 196 ? -24.981 5.547   8.900   1.00 50.41 ? 176 GLU A CD  1 
ATOM   1380 O OE1 . GLU A 1 196 ? -25.696 6.538   8.628   1.00 51.39 ? 176 GLU A OE1 1 
ATOM   1381 O OE2 . GLU A 1 196 ? -24.367 5.420   9.984   1.00 52.02 ? 176 GLU A OE2 1 
ATOM   1382 N N   . TRP A 1 197 ? -24.798 3.461   4.677   1.00 34.50 ? 177 TRP A N   1 
ATOM   1383 C CA  . TRP A 1 197 ? -24.575 4.030   3.348   1.00 32.75 ? 177 TRP A CA  1 
ATOM   1384 C C   . TRP A 1 197 ? -25.264 3.142   2.308   1.00 32.01 ? 177 TRP A C   1 
ATOM   1385 O O   . TRP A 1 197 ? -25.893 3.631   1.369   1.00 31.91 ? 177 TRP A O   1 
ATOM   1386 C CB  . TRP A 1 197 ? -23.080 4.118   3.024   1.00 31.03 ? 177 TRP A CB  1 
ATOM   1387 C CG  . TRP A 1 197 ? -22.333 5.192   3.758   1.00 29.62 ? 177 TRP A CG  1 
ATOM   1388 C CD1 . TRP A 1 197 ? -22.864 6.283   4.400   1.00 30.60 ? 177 TRP A CD1 1 
ATOM   1389 C CD2 . TRP A 1 197 ? -20.912 5.337   3.841   1.00 29.68 ? 177 TRP A CD2 1 
ATOM   1390 N NE1 . TRP A 1 197 ? -21.858 7.095   4.868   1.00 29.45 ? 177 TRP A NE1 1 
ATOM   1391 C CE2 . TRP A 1 197 ? -20.652 6.539   4.536   1.00 30.57 ? 177 TRP A CE2 1 
ATOM   1392 C CE3 . TRP A 1 197 ? -19.832 4.568   3.386   1.00 29.63 ? 177 TRP A CE3 1 
ATOM   1393 C CZ2 . TRP A 1 197 ? -19.353 6.988   4.791   1.00 29.81 ? 177 TRP A CZ2 1 
ATOM   1394 C CZ3 . TRP A 1 197 ? -18.538 5.018   3.642   1.00 31.06 ? 177 TRP A CZ3 1 
ATOM   1395 C CH2 . TRP A 1 197 ? -18.314 6.216   4.336   1.00 30.15 ? 177 TRP A CH2 1 
ATOM   1396 N N   . ILE A 1 198 ? -25.151 1.830   2.484   1.00 32.11 ? 178 ILE A N   1 
ATOM   1397 C CA  . ILE A 1 198 ? -25.771 0.885   1.560   1.00 32.77 ? 178 ILE A CA  1 
ATOM   1398 C C   . ILE A 1 198 ? -27.293 1.020   1.581   1.00 35.07 ? 178 ILE A C   1 
ATOM   1399 O O   . ILE A 1 198 ? -27.941 1.032   0.529   1.00 34.27 ? 178 ILE A O   1 
ATOM   1400 C CB  . ILE A 1 198 ? -25.368 -0.570  1.900   1.00 34.76 ? 178 ILE A CB  1 
ATOM   1401 C CG1 . ILE A 1 198 ? -23.902 -0.805  1.515   1.00 34.55 ? 178 ILE A CG1 1 
ATOM   1402 C CG2 . ILE A 1 198 ? -26.272 -1.553  1.172   1.00 33.66 ? 178 ILE A CG2 1 
ATOM   1403 C CD1 . ILE A 1 198 ? -23.425 -2.234  1.699   1.00 33.61 ? 178 ILE A CD1 1 
ATOM   1404 N N   . ALA A 1 199 ? -27.852 1.141   2.782   1.00 34.42 ? 179 ALA A N   1 
ATOM   1405 C CA  . ALA A 1 199 ? -29.292 1.286   2.947   1.00 35.48 ? 179 ALA A CA  1 
ATOM   1406 C C   . ALA A 1 199 ? -29.806 2.601   2.355   1.00 35.41 ? 179 ALA A C   1 
ATOM   1407 O O   . ALA A 1 199 ? -30.962 2.688   1.949   1.00 36.64 ? 179 ALA A O   1 
ATOM   1408 C CB  . ALA A 1 199 ? -29.660 1.206   4.431   1.00 35.23 ? 179 ALA A CB  1 
ATOM   1409 N N   . SER A 1 200 ? -28.954 3.622   2.302   1.00 33.94 ? 180 SER A N   1 
ATOM   1410 C CA  . SER A 1 200 ? -29.374 4.913   1.761   1.00 32.32 ? 180 SER A CA  1 
ATOM   1411 C C   . SER A 1 200 ? -29.461 4.881   0.236   1.00 31.19 ? 180 SER A C   1 
ATOM   1412 O O   . SER A 1 200 ? -30.097 5.735   -0.373  1.00 31.67 ? 180 SER A O   1 
ATOM   1413 C CB  . SER A 1 200 ? -28.411 6.030   2.185   1.00 31.97 ? 180 SER A CB  1 
ATOM   1414 O OG  . SER A 1 200 ? -27.247 6.036   1.379   1.00 30.85 ? 180 SER A OG  1 
ATOM   1415 N N   . GLY A 1 201 ? -28.821 3.894   -0.376  1.00 29.82 ? 181 GLY A N   1 
ATOM   1416 C CA  . GLY A 1 201 ? -28.853 3.804   -1.822  1.00 29.54 ? 181 GLY A CA  1 
ATOM   1417 C C   . GLY A 1 201 ? -27.919 4.808   -2.474  1.00 29.45 ? 181 GLY A C   1 
ATOM   1418 O O   . GLY A 1 201 ? -27.835 4.881   -3.705  1.00 29.18 ? 181 GLY A O   1 
ATOM   1419 N N   . ARG A 1 202 ? -27.220 5.582   -1.642  1.00 28.85 ? 182 ARG A N   1 
ATOM   1420 C CA  . ARG A 1 202 ? -26.264 6.592   -2.105  1.00 29.07 ? 182 ARG A CA  1 
ATOM   1421 C C   . ARG A 1 202 ? -24.910 6.361   -1.418  1.00 28.04 ? 182 ARG A C   1 
ATOM   1422 O O   . ARG A 1 202 ? -24.599 6.965   -0.391  1.00 27.31 ? 182 ARG A O   1 
ATOM   1423 C CB  . ARG A 1 202 ? -26.779 8.000   -1.790  1.00 28.44 ? 182 ARG A CB  1 
ATOM   1424 C CG  . ARG A 1 202 ? -28.115 8.332   -2.464  1.00 27.80 ? 182 ARG A CG  1 
ATOM   1425 C CD  . ARG A 1 202 ? -28.586 9.734   -2.131  1.00 27.61 ? 182 ARG A CD  1 
ATOM   1426 N NE  . ARG A 1 202 ? -27.633 10.736  -2.593  1.00 31.17 ? 182 ARG A NE  1 
ATOM   1427 C CZ  . ARG A 1 202 ? -27.850 12.048  -2.570  1.00 31.26 ? 182 ARG A CZ  1 
ATOM   1428 N NH1 . ARG A 1 202 ? -29.000 12.526  -2.111  1.00 31.59 ? 182 ARG A NH1 1 
ATOM   1429 N NH2 . ARG A 1 202 ? -26.910 12.881  -2.992  1.00 31.52 ? 182 ARG A NH2 1 
ATOM   1430 N N   . ILE A 1 203 ? -24.109 5.488   -2.014  1.00 28.11 ? 183 ILE A N   1 
ATOM   1431 C CA  . ILE A 1 203 ? -22.814 5.130   -1.458  1.00 28.19 ? 183 ILE A CA  1 
ATOM   1432 C C   . ILE A 1 203 ? -21.666 6.011   -1.934  1.00 28.24 ? 183 ILE A C   1 
ATOM   1433 O O   . ILE A 1 203 ? -21.489 6.222   -3.132  1.00 26.98 ? 183 ILE A O   1 
ATOM   1434 C CB  . ILE A 1 203 ? -22.486 3.669   -1.791  1.00 28.34 ? 183 ILE A CB  1 
ATOM   1435 C CG1 . ILE A 1 203 ? -23.698 2.782   -1.465  1.00 28.44 ? 183 ILE A CG1 1 
ATOM   1436 C CG2 . ILE A 1 203 ? -21.251 3.217   -1.006  1.00 28.45 ? 183 ILE A CG2 1 
ATOM   1437 C CD1 . ILE A 1 203 ? -23.534 1.322   -1.853  1.00 26.75 ? 183 ILE A CD1 1 
ATOM   1438 N N   . PRO A 1 204 ? -20.867 6.543   -0.990  1.00 28.89 ? 184 PRO A N   1 
ATOM   1439 C CA  . PRO A 1 204 ? -19.743 7.391   -1.402  1.00 28.18 ? 184 PRO A CA  1 
ATOM   1440 C C   . PRO A 1 204 ? -18.789 6.700   -2.381  1.00 27.41 ? 184 PRO A C   1 
ATOM   1441 O O   . PRO A 1 204 ? -18.635 5.472   -2.383  1.00 25.61 ? 184 PRO A O   1 
ATOM   1442 C CB  . PRO A 1 204 ? -19.082 7.775   -0.072  1.00 28.78 ? 184 PRO A CB  1 
ATOM   1443 C CG  . PRO A 1 204 ? -19.544 6.729   0.882   1.00 31.27 ? 184 PRO A CG  1 
ATOM   1444 C CD  . PRO A 1 204 ? -20.962 6.470   0.476   1.00 27.79 ? 184 PRO A CD  1 
ATOM   1445 N N   . SER A 1 205 ? -18.150 7.509   -3.212  1.00 27.00 ? 185 SER A N   1 
ATOM   1446 C CA  . SER A 1 205 ? -17.235 7.022   -4.230  1.00 27.76 ? 185 SER A CA  1 
ATOM   1447 C C   . SER A 1 205 ? -15.995 6.304   -3.705  1.00 27.34 ? 185 SER A C   1 
ATOM   1448 O O   . SER A 1 205 ? -15.373 5.525   -4.431  1.00 27.61 ? 185 SER A O   1 
ATOM   1449 C CB  . SER A 1 205 ? -16.811 8.192   -5.125  1.00 29.05 ? 185 SER A CB  1 
ATOM   1450 O OG  . SER A 1 205 ? -16.446 9.323   -4.344  1.00 31.69 ? 185 SER A OG  1 
ATOM   1451 N N   . CYS A 1 206 ? -15.650 6.551   -2.448  1.00 26.49 ? 186 CYS A N   1 
ATOM   1452 C CA  . CYS A 1 206 ? -14.461 5.947   -1.859  1.00 27.26 ? 186 CYS A CA  1 
ATOM   1453 C C   . CYS A 1 206 ? -14.614 4.495   -1.422  1.00 26.32 ? 186 CYS A C   1 
ATOM   1454 O O   . CYS A 1 206 ? -13.666 3.898   -0.921  1.00 26.27 ? 186 CYS A O   1 
ATOM   1455 C CB  . CYS A 1 206 ? -13.978 6.798   -0.678  1.00 26.37 ? 186 CYS A CB  1 
ATOM   1456 S SG  . CYS A 1 206 ? -15.182 7.033   0.654   1.00 28.90 ? 186 CYS A SG  1 
ATOM   1457 N N   . VAL A 1 207 ? -15.803 3.930   -1.609  1.00 27.11 ? 187 VAL A N   1 
ATOM   1458 C CA  . VAL A 1 207 ? -16.056 2.537   -1.239  1.00 26.56 ? 187 VAL A CA  1 
ATOM   1459 C C   . VAL A 1 207 ? -15.751 1.587   -2.408  1.00 27.19 ? 187 VAL A C   1 
ATOM   1460 O O   . VAL A 1 207 ? -16.180 1.831   -3.539  1.00 26.05 ? 187 VAL A O   1 
ATOM   1461 C CB  . VAL A 1 207 ? -17.529 2.342   -0.795  1.00 26.89 ? 187 VAL A CB  1 
ATOM   1462 C CG1 . VAL A 1 207 ? -17.812 0.865   -0.541  1.00 27.97 ? 187 VAL A CG1 1 
ATOM   1463 C CG2 . VAL A 1 207 ? -17.798 3.150   0.475   1.00 28.59 ? 187 VAL A CG2 1 
ATOM   1464 N N   . ARG A 1 208 ? -14.991 0.524   -2.138  1.00 25.83 ? 188 ARG A N   1 
ATOM   1465 C CA  . ARG A 1 208 ? -14.653 -0.455  -3.165  1.00 29.12 ? 188 ARG A CA  1 
ATOM   1466 C C   . ARG A 1 208 ? -15.860 -1.388  -3.325  1.00 30.96 ? 188 ARG A C   1 
ATOM   1467 O O   . ARG A 1 208 ? -16.064 -2.301  -2.524  1.00 32.22 ? 188 ARG A O   1 
ATOM   1468 C CB  . ARG A 1 208 ? -13.406 -1.256  -2.754  1.00 27.69 ? 188 ARG A CB  1 
ATOM   1469 C CG  . ARG A 1 208 ? -12.184 -0.390  -2.440  1.00 25.70 ? 188 ARG A CG  1 
ATOM   1470 C CD  . ARG A 1 208 ? -10.977 -1.235  -2.018  1.00 25.63 ? 188 ARG A CD  1 
ATOM   1471 N NE  . ARG A 1 208 ? -9.824  -0.416  -1.640  1.00 25.14 ? 188 ARG A NE  1 
ATOM   1472 C CZ  . ARG A 1 208 ? -8.659  -0.912  -1.224  1.00 26.54 ? 188 ARG A CZ  1 
ATOM   1473 N NH1 . ARG A 1 208 ? -8.493  -2.222  -1.133  1.00 24.59 ? 188 ARG A NH1 1 
ATOM   1474 N NH2 . ARG A 1 208 ? -7.657  -0.099  -0.897  1.00 26.69 ? 188 ARG A NH2 1 
ATOM   1475 N N   . MET A 1 209 ? -16.652 -1.148  -4.364  1.00 32.78 ? 189 MET A N   1 
ATOM   1476 C CA  . MET A 1 209 ? -17.857 -1.932  -4.619  1.00 35.29 ? 189 MET A CA  1 
ATOM   1477 C C   . MET A 1 209 ? -17.652 -3.417  -4.906  1.00 36.72 ? 189 MET A C   1 
ATOM   1478 O O   . MET A 1 209 ? -18.492 -4.244  -4.536  1.00 37.81 ? 189 MET A O   1 
ATOM   1479 C CB  . MET A 1 209 ? -18.650 -1.313  -5.776  1.00 34.77 ? 189 MET A CB  1 
ATOM   1480 C CG  . MET A 1 209 ? -19.150 0.101   -5.514  1.00 33.96 ? 189 MET A CG  1 
ATOM   1481 S SD  . MET A 1 209 ? -20.049 0.246   -3.955  1.00 35.66 ? 189 MET A SD  1 
ATOM   1482 C CE  . MET A 1 209 ? -21.543 -0.705  -4.322  1.00 35.67 ? 189 MET A CE  1 
ATOM   1483 N N   . ARG A 1 210 ? -16.551 -3.757  -5.563  1.00 37.92 ? 190 ARG A N   1 
ATOM   1484 C CA  . ARG A 1 210 ? -16.280 -5.145  -5.905  1.00 40.40 ? 190 ARG A CA  1 
ATOM   1485 C C   . ARG A 1 210 ? -15.718 -5.947  -4.748  1.00 41.15 ? 190 ARG A C   1 
ATOM   1486 O O   . ARG A 1 210 ? -15.348 -7.111  -4.909  1.00 41.21 ? 190 ARG A O   1 
ATOM   1487 C CB  . ARG A 1 210 ? -15.320 -5.217  -7.094  1.00 42.09 ? 190 ARG A CB  1 
ATOM   1488 C CG  . ARG A 1 210 ? -15.843 -6.080  -8.223  1.00 44.89 ? 190 ARG A CG  1 
ATOM   1489 C CD  . ARG A 1 210 ? -15.480 -5.508  -9.586  1.00 47.28 ? 190 ARG A CD  1 
ATOM   1490 N NE  . ARG A 1 210 ? -16.321 -6.085  -10.628 1.00 50.22 ? 190 ARG A NE  1 
ATOM   1491 C CZ  . ARG A 1 210 ? -16.513 -5.540  -11.823 1.00 51.72 ? 190 ARG A CZ  1 
ATOM   1492 N NH1 . ARG A 1 210 ? -17.298 -6.142  -12.706 1.00 53.19 ? 190 ARG A NH1 1 
ATOM   1493 N NH2 . ARG A 1 210 ? -15.927 -4.391  -12.133 1.00 53.04 ? 190 ARG A NH2 1 
ATOM   1494 N N   . TRP A 1 211 ? -15.667 -5.333  -3.575  1.00 41.59 ? 191 TRP A N   1 
ATOM   1495 C CA  . TRP A 1 211 ? -15.137 -6.019  -2.413  1.00 42.61 ? 191 TRP A CA  1 
ATOM   1496 C C   . TRP A 1 211 ? -16.124 -7.054  -1.884  1.00 43.84 ? 191 TRP A C   1 
ATOM   1497 O O   . TRP A 1 211 ? -17.333 -6.827  -1.885  1.00 43.46 ? 191 TRP A O   1 
ATOM   1498 C CB  . TRP A 1 211 ? -14.790 -5.011  -1.319  1.00 42.07 ? 191 TRP A CB  1 
ATOM   1499 C CG  . TRP A 1 211 ? -13.558 -5.394  -0.603  1.00 40.63 ? 191 TRP A CG  1 
ATOM   1500 C CD1 . TRP A 1 211 ? -13.466 -5.949  0.638   1.00 41.49 ? 191 TRP A CD1 1 
ATOM   1501 C CD2 . TRP A 1 211 ? -12.220 -5.321  -1.114  1.00 40.70 ? 191 TRP A CD2 1 
ATOM   1502 N NE1 . TRP A 1 211 ? -12.150 -6.231  0.932   1.00 42.07 ? 191 TRP A NE1 1 
ATOM   1503 C CE2 . TRP A 1 211 ? -11.365 -5.854  -0.127  1.00 40.33 ? 191 TRP A CE2 1 
ATOM   1504 C CE3 . TRP A 1 211 ? -11.663 -4.856  -2.317  1.00 37.50 ? 191 TRP A CE3 1 
ATOM   1505 C CZ2 . TRP A 1 211 ? -9.978  -5.941  -0.304  1.00 39.31 ? 191 TRP A CZ2 1 
ATOM   1506 C CZ3 . TRP A 1 211 ? -10.283 -4.942  -2.492  1.00 38.46 ? 191 TRP A CZ3 1 
ATOM   1507 C CH2 . TRP A 1 211 ? -9.458  -5.479  -1.489  1.00 38.23 ? 191 TRP A CH2 1 
ATOM   1508 N N   . LYS A 1 212 ? -15.596 -8.190  -1.440  1.00 45.54 ? 192 LYS A N   1 
ATOM   1509 C CA  . LYS A 1 212 ? -16.417 -9.273  -0.912  1.00 47.64 ? 192 LYS A CA  1 
ATOM   1510 C C   . LYS A 1 212 ? -17.361 -8.781  0.177   1.00 47.66 ? 192 LYS A C   1 
ATOM   1511 O O   . LYS A 1 212 ? -18.535 -9.141  0.200   1.00 48.44 ? 192 LYS A O   1 
ATOM   1512 C CB  . LYS A 1 212 ? -15.529 -10.383 -0.350  1.00 49.90 ? 192 LYS A CB  1 
ATOM   1513 C CG  . LYS A 1 212 ? -16.315 -11.528 0.268   1.00 54.07 ? 192 LYS A CG  1 
ATOM   1514 C CD  . LYS A 1 212 ? -15.416 -12.492 1.028   1.00 56.45 ? 192 LYS A CD  1 
ATOM   1515 C CE  . LYS A 1 212 ? -16.244 -13.577 1.715   1.00 57.97 ? 192 LYS A CE  1 
ATOM   1516 N NZ  . LYS A 1 212 ? -15.409 -14.527 2.502   1.00 58.85 ? 192 LYS A NZ  1 
ATOM   1517 N N   . THR A 1 213 ? -16.835 -7.959  1.079   1.00 48.05 ? 193 THR A N   1 
ATOM   1518 C CA  . THR A 1 213 ? -17.619 -7.409  2.179   1.00 47.98 ? 193 THR A CA  1 
ATOM   1519 C C   . THR A 1 213 ? -18.856 -6.645  1.694   1.00 47.94 ? 193 THR A C   1 
ATOM   1520 O O   . THR A 1 213 ? -19.955 -6.821  2.225   1.00 48.20 ? 193 THR A O   1 
ATOM   1521 C CB  . THR A 1 213 ? -16.763 -6.450  3.037   1.00 48.01 ? 193 THR A CB  1 
ATOM   1522 O OG1 . THR A 1 213 ? -15.607 -7.142  3.521   1.00 48.16 ? 193 THR A OG1 1 
ATOM   1523 C CG2 . THR A 1 213 ? -17.564 -5.928  4.218   1.00 47.72 ? 193 THR A CG2 1 
ATOM   1524 N N   . VAL A 1 214 ? -18.670 -5.799  0.686   1.00 46.75 ? 194 VAL A N   1 
ATOM   1525 C CA  . VAL A 1 214 ? -19.763 -5.003  0.138   1.00 45.89 ? 194 VAL A CA  1 
ATOM   1526 C C   . VAL A 1 214 ? -20.842 -5.880  -0.496  1.00 46.02 ? 194 VAL A C   1 
ATOM   1527 O O   . VAL A 1 214 ? -22.033 -5.698  -0.233  1.00 45.03 ? 194 VAL A O   1 
ATOM   1528 C CB  . VAL A 1 214 ? -19.237 -3.996  -0.917  1.00 45.68 ? 194 VAL A CB  1 
ATOM   1529 C CG1 . VAL A 1 214 ? -20.378 -3.147  -1.450  1.00 44.95 ? 194 VAL A CG1 1 
ATOM   1530 C CG2 . VAL A 1 214 ? -18.167 -3.119  -0.302  1.00 45.23 ? 194 VAL A CG2 1 
ATOM   1531 N N   . SER A 1 215 ? -20.429 -6.827  -1.330  1.00 46.90 ? 195 SER A N   1 
ATOM   1532 C CA  . SER A 1 215 ? -21.378 -7.728  -1.979  1.00 49.01 ? 195 SER A CA  1 
ATOM   1533 C C   . SER A 1 215 ? -22.244 -8.443  -0.943  1.00 48.98 ? 195 SER A C   1 
ATOM   1534 O O   . SER A 1 215 ? -23.476 -8.435  -1.032  1.00 49.18 ? 195 SER A O   1 
ATOM   1535 C CB  . SER A 1 215 ? -20.638 -8.767  -2.822  1.00 49.70 ? 195 SER A CB  1 
ATOM   1536 O OG  . SER A 1 215 ? -19.974 -8.160  -3.917  1.00 53.36 ? 195 SER A OG  1 
ATOM   1537 N N   . ASN A 1 216 ? -21.594 -9.055  0.045   1.00 49.10 ? 196 ASN A N   1 
ATOM   1538 C CA  . ASN A 1 216 ? -22.305 -9.776  1.092   1.00 48.47 ? 196 ASN A CA  1 
ATOM   1539 C C   . ASN A 1 216 ? -23.266 -8.881  1.867   1.00 48.49 ? 196 ASN A C   1 
ATOM   1540 O O   . ASN A 1 216 ? -24.288 -9.348  2.359   1.00 48.72 ? 196 ASN A O   1 
ATOM   1541 C CB  . ASN A 1 216 ? -21.313 -10.438 2.057   1.00 48.42 ? 196 ASN A CB  1 
ATOM   1542 C CG  . ASN A 1 216 ? -20.482 -11.526 1.391   1.00 48.36 ? 196 ASN A CG  1 
ATOM   1543 O OD1 . ASN A 1 216 ? -20.836 -12.030 0.322   1.00 47.56 ? 196 ASN A OD1 1 
ATOM   1544 N ND2 . ASN A 1 216 ? -19.376 -11.904 2.031   1.00 48.98 ? 196 ASN A ND2 1 
ATOM   1545 N N   . LEU A 1 217 ? -22.949 -7.597  1.978   1.00 49.16 ? 197 LEU A N   1 
ATOM   1546 C CA  . LEU A 1 217 ? -23.827 -6.678  2.690   1.00 50.08 ? 197 LEU A CA  1 
ATOM   1547 C C   . LEU A 1 217 ? -24.983 -6.222  1.808   1.00 51.93 ? 197 LEU A C   1 
ATOM   1548 O O   . LEU A 1 217 ? -26.066 -5.900  2.305   1.00 52.51 ? 197 LEU A O   1 
ATOM   1549 C CB  . LEU A 1 217 ? -23.053 -5.453  3.175   1.00 49.64 ? 197 LEU A CB  1 
ATOM   1550 C CG  . LEU A 1 217 ? -22.111 -5.676  4.352   1.00 48.19 ? 197 LEU A CG  1 
ATOM   1551 C CD1 . LEU A 1 217 ? -21.507 -4.345  4.767   1.00 48.24 ? 197 LEU A CD1 1 
ATOM   1552 C CD2 . LEU A 1 217 ? -22.886 -6.292  5.508   1.00 48.70 ? 197 LEU A CD2 1 
ATOM   1553 N N   . ARG A 1 218 ? -24.752 -6.186  0.500   1.00 53.36 ? 198 ARG A N   1 
ATOM   1554 C CA  . ARG A 1 218 ? -25.793 -5.772  -0.432  1.00 55.35 ? 198 ARG A CA  1 
ATOM   1555 C C   . ARG A 1 218 ? -26.742 -6.938  -0.659  1.00 57.47 ? 198 ARG A C   1 
ATOM   1556 O O   . ARG A 1 218 ? -27.907 -6.746  -1.002  1.00 58.29 ? 198 ARG A O   1 
ATOM   1557 C CB  . ARG A 1 218 ? -25.181 -5.326  -1.761  1.00 54.37 ? 198 ARG A CB  1 
ATOM   1558 C CG  . ARG A 1 218 ? -24.182 -4.192  -1.620  1.00 53.98 ? 198 ARG A CG  1 
ATOM   1559 C CD  . ARG A 1 218 ? -23.665 -3.758  -2.976  1.00 53.50 ? 198 ARG A CD  1 
ATOM   1560 N NE  . ARG A 1 218 ? -24.653 -2.974  -3.707  1.00 52.45 ? 198 ARG A NE  1 
ATOM   1561 C CZ  . ARG A 1 218 ? -24.671 -2.848  -5.030  1.00 52.92 ? 198 ARG A CZ  1 
ATOM   1562 N NH1 . ARG A 1 218 ? -23.758 -3.464  -5.773  1.00 52.15 ? 198 ARG A NH1 1 
ATOM   1563 N NH2 . ARG A 1 218 ? -25.595 -2.094  -5.608  1.00 52.45 ? 198 ARG A NH2 1 
ATOM   1564 N N   . GLN A 1 219 ? -26.232 -8.150  -0.471  1.00 59.59 ? 199 GLN A N   1 
ATOM   1565 C CA  . GLN A 1 219 ? -27.045 -9.346  -0.624  1.00 61.93 ? 199 GLN A CA  1 
ATOM   1566 C C   . GLN A 1 219 ? -27.862 -9.545  0.654   1.00 63.03 ? 199 GLN A C   1 
ATOM   1567 O O   . GLN A 1 219 ? -28.741 -10.406 0.717   1.00 63.01 ? 199 GLN A O   1 
ATOM   1568 C CB  . GLN A 1 219 ? -26.153 -10.562 -0.912  1.00 62.35 ? 199 GLN A CB  1 
ATOM   1569 C CG  . GLN A 1 219 ? -25.732 -10.666 -2.378  1.00 64.39 ? 199 GLN A CG  1 
ATOM   1570 C CD  . GLN A 1 219 ? -24.713 -11.761 -2.639  1.00 65.79 ? 199 GLN A CD  1 
ATOM   1571 O OE1 . GLN A 1 219 ? -24.894 -12.909 -2.225  1.00 66.28 ? 199 GLN A OE1 1 
ATOM   1572 N NE2 . GLN A 1 219 ? -23.639 -11.414 -3.345  1.00 66.08 ? 199 GLN A NE2 1 
ATOM   1573 N N   . LYS A 1 220 ? -27.553 -8.734  1.666   1.00 64.29 ? 200 LYS A N   1 
ATOM   1574 C CA  . LYS A 1 220 ? -28.261 -8.753  2.947   1.00 64.99 ? 200 LYS A CA  1 
ATOM   1575 C C   . LYS A 1 220 ? -29.281 -7.613  2.968   1.00 65.75 ? 200 LYS A C   1 
ATOM   1576 O O   . LYS A 1 220 ? -30.432 -7.854  3.386   1.00 66.65 ? 200 LYS A O   1 
ATOM   1577 C CB  . LYS A 1 220 ? -27.291 -8.596  4.127   1.00 64.36 ? 200 LYS A CB  1 
ATOM   1578 C CG  . LYS A 1 220 ? -26.575 -9.876  4.534   1.00 63.41 ? 200 LYS A CG  1 
ATOM   1579 C CD  . LYS A 1 220 ? -26.645 -10.139 6.046   1.00 64.11 ? 200 LYS A CD  1 
ATOM   1580 C CE  . LYS A 1 220 ? -25.510 -9.482  6.845   1.00 63.08 ? 200 LYS A CE  1 
ATOM   1581 N NZ  . LYS A 1 220 ? -25.701 -8.030  7.104   1.00 62.81 ? 200 LYS A NZ  1 
HETATM 1582 O O   . HOH B 2 .   ? -4.214  -3.573  4.149   1.00 27.56 ? 206 HOH A O   1 
HETATM 1583 O O   . HOH B 2 .   ? -1.607  -2.965  3.818   1.00 37.44 ? 207 HOH A O   1 
HETATM 1584 O O   . HOH B 2 .   ? 1.215   -4.758  5.792   1.00 61.12 ? 208 HOH A O   1 
HETATM 1585 O O   . HOH B 2 .   ? -7.207  2.696   1.821   1.00 28.93 ? 209 HOH A O   1 
HETATM 1586 O O   . HOH B 2 .   ? -1.922  3.238   6.017   1.00 36.49 ? 210 HOH A O   1 
HETATM 1587 O O   . HOH B 2 .   ? 1.075   9.472   8.731   1.00 30.24 ? 211 HOH A O   1 
HETATM 1588 O O   . HOH B 2 .   ? -1.320  7.000   15.654  1.00 37.94 ? 212 HOH A O   1 
HETATM 1589 O O   . HOH B 2 .   ? -4.923  14.984  4.633   1.00 43.11 ? 213 HOH A O   1 
HETATM 1590 O O   . HOH B 2 .   ? 6.066   9.472   -7.160  1.00 35.22 ? 214 HOH A O   1 
HETATM 1591 O O   . HOH B 2 .   ? 1.647   7.835   -10.243 1.00 45.87 ? 215 HOH A O   1 
HETATM 1592 O O   . HOH B 2 .   ? 5.114   4.204   -14.545 1.00 40.10 ? 216 HOH A O   1 
HETATM 1593 O O   . HOH B 2 .   ? 15.402  12.025  -5.366  1.00 27.19 ? 217 HOH A O   1 
HETATM 1594 O O   . HOH B 2 .   ? 12.245  11.448  -2.745  1.00 33.54 ? 218 HOH A O   1 
HETATM 1595 O O   . HOH B 2 .   ? 12.465  11.280  -5.602  1.00 27.59 ? 219 HOH A O   1 
HETATM 1596 O O   . HOH B 2 .   ? 18.847  9.149   -4.573  1.00 39.75 ? 220 HOH A O   1 
HETATM 1597 O O   . HOH B 2 .   ? 20.492  8.816   -1.969  1.00 38.61 ? 221 HOH A O   1 
HETATM 1598 O O   . HOH B 2 .   ? 9.348   13.305  -3.220  1.00 27.53 ? 222 HOH A O   1 
HETATM 1599 O O   . HOH B 2 .   ? 14.912  4.679   16.560  1.00 53.12 ? 223 HOH A O   1 
HETATM 1600 O O   . HOH B 2 .   ? -17.159 0.706   -8.582  1.00 41.46 ? 224 HOH A O   1 
HETATM 1601 O O   . HOH B 2 .   ? -15.333 1.201   -11.072 1.00 38.66 ? 225 HOH A O   1 
HETATM 1602 O O   . HOH B 2 .   ? -16.868 4.308   -13.965 1.00 57.90 ? 226 HOH A O   1 
HETATM 1603 O O   . HOH B 2 .   ? -12.240 7.726   -3.809  1.00 29.42 ? 227 HOH A O   1 
HETATM 1604 O O   . HOH B 2 .   ? -7.575  7.682   -4.510  1.00 29.63 ? 228 HOH A O   1 
HETATM 1605 O O   . HOH B 2 .   ? -6.454  5.531   -9.899  1.00 30.26 ? 229 HOH A O   1 
HETATM 1606 O O   . HOH B 2 .   ? -27.404 -0.099  -1.963  1.00 44.01 ? 230 HOH A O   1 
HETATM 1607 O O   . HOH B 2 .   ? -12.137 -10.785 -4.612  1.00 43.38 ? 231 HOH A O   1 
HETATM 1608 O O   . HOH B 2 .   ? -9.152  -10.427 -5.270  1.00 27.36 ? 232 HOH A O   1 
HETATM 1609 O O   . HOH B 2 .   ? -4.168  -14.126 -7.100  1.00 34.53 ? 233 HOH A O   1 
HETATM 1610 O O   . HOH B 2 .   ? -1.996  -15.351 -10.483 1.00 52.54 ? 234 HOH A O   1 
HETATM 1611 O O   . HOH B 2 .   ? 24.585  2.335   0.670   1.00 45.92 ? 235 HOH A O   1 
HETATM 1612 O O   . HOH B 2 .   ? 4.518   9.806   1.711   1.00 38.70 ? 236 HOH A O   1 
HETATM 1613 O O   . HOH B 2 .   ? 10.101  13.414  14.016  1.00 45.78 ? 237 HOH A O   1 
HETATM 1614 O O   . HOH B 2 .   ? 9.654   11.036  13.192  1.00 30.34 ? 238 HOH A O   1 
HETATM 1615 O O   . HOH B 2 .   ? 10.462  15.706  9.281   1.00 34.44 ? 239 HOH A O   1 
HETATM 1616 O O   . HOH B 2 .   ? -0.248  10.824  6.920   1.00 40.05 ? 240 HOH A O   1 
HETATM 1617 O O   . HOH B 2 .   ? 16.501  13.393  6.167   1.00 34.67 ? 241 HOH A O   1 
HETATM 1618 O O   . HOH B 2 .   ? -5.670  -11.803 -4.396  1.00 28.73 ? 242 HOH A O   1 
HETATM 1619 O O   . HOH B 2 .   ? -8.828  -12.965 -4.961  1.00 39.71 ? 243 HOH A O   1 
HETATM 1620 O O   . HOH B 2 .   ? 3.376   -6.560  2.606   1.00 44.23 ? 244 HOH A O   1 
HETATM 1621 O O   . HOH B 2 .   ? 2.402   -4.244  3.657   1.00 44.87 ? 245 HOH A O   1 
HETATM 1622 O O   . HOH B 2 .   ? -7.471  -5.718  -14.815 1.00 37.39 ? 246 HOH A O   1 
HETATM 1623 O O   . HOH B 2 .   ? -5.239  -4.187  -14.545 1.00 45.86 ? 247 HOH A O   1 
HETATM 1624 O O   . HOH B 2 .   ? -0.739  7.749   -8.729  1.00 39.82 ? 248 HOH A O   1 
HETATM 1625 O O   . HOH B 2 .   ? -15.373 2.463   -6.161  1.00 31.88 ? 249 HOH A O   1 
HETATM 1626 O O   . HOH B 2 .   ? -14.202 9.436   -2.789  1.00 37.48 ? 250 HOH A O   1 
HETATM 1627 O O   . HOH B 2 .   ? -10.182 7.517   -2.211  1.00 31.82 ? 251 HOH A O   1 
HETATM 1628 O O   . HOH B 2 .   ? -18.061 3.527   -4.358  1.00 46.53 ? 252 HOH A O   1 
HETATM 1629 O O   . HOH B 2 .   ? -13.668 12.523  -3.047  1.00 40.54 ? 253 HOH A O   1 
HETATM 1630 O O   . HOH B 2 .   ? -9.532  14.609  8.792   1.00 40.22 ? 254 HOH A O   1 
HETATM 1631 O O   . HOH B 2 .   ? 6.207   -18.784 -11.732 1.00 34.73 ? 255 HOH A O   1 
HETATM 1632 O O   . HOH B 2 .   ? -10.235 9.668   12.814  1.00 48.97 ? 256 HOH A O   1 
HETATM 1633 O O   . HOH B 2 .   ? -15.207 10.224  15.567  1.00 35.16 ? 257 HOH A O   1 
HETATM 1634 O O   . HOH B 2 .   ? 14.597  -11.935 -16.701 1.00 58.37 ? 258 HOH A O   1 
HETATM 1635 O O   . HOH B 2 .   ? 5.173   -12.383 -15.322 1.00 44.94 ? 259 HOH A O   1 
HETATM 1636 O O   . HOH B 2 .   ? -17.763 12.383  11.969  1.00 51.57 ? 260 HOH A O   1 
HETATM 1637 O O   . HOH B 2 .   ? -8.178  8.590   10.060  1.00 50.15 ? 261 HOH A O   1 
HETATM 1638 O O   . HOH B 2 .   ? 11.232  10.595  -8.082  1.00 56.16 ? 262 HOH A O   1 
HETATM 1639 O O   . HOH B 2 .   ? -2.201  10.974  -0.484  1.00 38.41 ? 263 HOH A O   1 
HETATM 1640 O O   . HOH B 2 .   ? 3.331   11.307  -3.544  1.00 48.11 ? 264 HOH A O   1 
HETATM 1641 O O   . HOH B 2 .   ? 5.533   0.366   8.434   1.00 59.75 ? 265 HOH A O   1 
HETATM 1642 O O   . HOH B 2 .   ? -0.012  4.172   14.496  1.00 56.49 ? 266 HOH A O   1 
HETATM 1643 O O   . HOH B 2 .   ? 3.845   -4.033  5.682   1.00 46.96 ? 267 HOH A O   1 
HETATM 1644 O O   . HOH B 2 .   ? -0.039  -0.949  5.899   1.00 46.18 ? 268 HOH A O   1 
HETATM 1645 O O   . HOH B 2 .   ? 4.082   3.545   12.610  1.00 44.61 ? 269 HOH A O   1 
HETATM 1646 O O   . HOH B 2 .   ? 5.895   2.327   10.102  1.00 44.79 ? 270 HOH A O   1 
HETATM 1647 O O   . HOH B 2 .   ? 17.591  -2.535  2.978   1.00 44.39 ? 271 HOH A O   1 
HETATM 1648 O O   . HOH B 2 .   ? 21.993  14.546  0.371   1.00 43.19 ? 272 HOH A O   1 
HETATM 1649 O O   . HOH B 2 .   ? 11.509  -14.899 2.412   1.00 57.40 ? 273 HOH A O   1 
HETATM 1650 O O   . HOH B 2 .   ? -28.122 -2.213  4.525   1.00 47.78 ? 274 HOH A O   1 
HETATM 1651 O O   . HOH B 2 .   ? -11.528 -5.069  5.107   1.00 45.25 ? 275 HOH A O   1 
HETATM 1652 O O   . HOH B 2 .   ? -25.776 0.678   10.550  1.00 52.91 ? 276 HOH A O   1 
HETATM 1653 O O   . HOH B 2 .   ? -29.288 4.810   6.150   1.00 43.73 ? 277 HOH A O   1 
HETATM 1654 O O   . HOH B 2 .   ? -31.113 7.889   0.384   1.00 37.01 ? 278 HOH A O   1 
HETATM 1655 O O   . HOH B 2 .   ? -0.313  2.142   9.460   1.00 51.52 ? 279 HOH A O   1 
HETATM 1656 O O   . HOH B 2 .   ? -16.037 -1.208  -12.438 1.00 42.77 ? 280 HOH A O   1 
HETATM 1657 O O   . HOH B 2 .   ? -29.341 1.069   -3.994  1.00 45.90 ? 281 HOH A O   1 
HETATM 1658 O O   . HOH B 2 .   ? 15.969  5.961   -13.419 1.00 58.99 ? 282 HOH A O   1 
HETATM 1659 O O   . HOH B 2 .   ? -10.251 7.704   -9.946  1.00 42.23 ? 283 HOH A O   1 
HETATM 1660 O O   . HOH B 2 .   ? -6.489  -12.117 -1.392  1.00 47.36 ? 284 HOH A O   1 
HETATM 1661 O O   . HOH B 2 .   ? 20.974  8.006   1.313   1.00 36.62 ? 285 HOH A O   1 
HETATM 1662 O O   . HOH B 2 .   ? -2.981  -12.907 -0.295  1.00 47.87 ? 286 HOH A O   1 
HETATM 1663 O O   . HOH B 2 .   ? 15.198  -13.895 -6.891  1.00 46.61 ? 287 HOH A O   1 
HETATM 1664 O O   . HOH B 2 .   ? -14.491 18.011  2.699   1.00 46.22 ? 288 HOH A O   1 
HETATM 1665 O O   . HOH B 2 .   ? -21.182 -4.946  -4.826  1.00 46.09 ? 289 HOH A O   1 
HETATM 1666 O O   . HOH B 2 .   ? -10.200 -6.299  8.063   1.00 37.12 ? 290 HOH A O   1 
HETATM 1667 O O   . HOH B 2 .   ? -1.806  -10.773 -13.520 1.00 38.87 ? 291 HOH A O   1 
HETATM 1668 O O   . HOH B 2 .   ? 2.593   -0.592  4.779   1.00 37.85 ? 292 HOH A O   1 
HETATM 1669 O O   . HOH B 2 .   ? 3.104   -3.173  -14.431 1.00 48.24 ? 293 HOH A O   1 
HETATM 1670 O O   . HOH B 2 .   ? 8.287   0.816   8.505   1.00 39.78 ? 294 HOH A O   1 
HETATM 1671 O O   . HOH B 2 .   ? -3.720  -9.721  -0.248  1.00 46.92 ? 295 HOH A O   1 
HETATM 1672 O O   . HOH B 2 .   ? 11.674  11.907  11.646  1.00 40.14 ? 296 HOH A O   1 
HETATM 1673 O O   . HOH B 2 .   ? 11.678  -6.681  -19.806 1.00 42.28 ? 297 HOH A O   1 
HETATM 1674 O O   . HOH B 2 .   ? -2.634  11.955  7.845   1.00 41.61 ? 298 HOH A O   1 
HETATM 1675 O O   . HOH B 2 .   ? -12.560 -7.752  3.133   1.00 50.17 ? 299 HOH A O   1 
HETATM 1676 O O   . HOH B 2 .   ? 16.953  2.099   11.198  1.00 48.10 ? 300 HOH A O   1 
HETATM 1677 O O   . HOH B 2 .   ? 1.713   -10.933 -15.339 1.00 47.35 ? 301 HOH A O   1 
HETATM 1678 O O   . HOH B 2 .   ? 3.132   -9.808  3.301   1.00 49.55 ? 302 HOH A O   1 
HETATM 1679 O O   . HOH B 2 .   ? 3.181   -17.387 -13.559 1.00 50.44 ? 303 HOH A O   1 
HETATM 1680 O O   . HOH B 2 .   ? 14.455  -3.234  -18.648 1.00 51.27 ? 304 HOH A O   1 
HETATM 1681 O O   . HOH B 2 .   ? -4.597  13.213  -0.445  1.00 51.51 ? 305 HOH A O   1 
HETATM 1682 O O   . HOH B 2 .   ? -11.697 16.881  2.272   1.00 45.48 ? 306 HOH A O   1 
HETATM 1683 O O   . HOH B 2 .   ? -11.547 6.193   13.291  1.00 49.74 ? 307 HOH A O   1 
HETATM 1684 O O   . HOH B 2 .   ? -6.926  3.592   8.265   1.00 47.81 ? 308 HOH A O   1 
HETATM 1685 O O   . HOH B 2 .   ? -21.221 8.145   -5.275  1.00 32.94 ? 309 HOH A O   1 
HETATM 1686 O O   . HOH B 2 .   ? -13.560 8.095   -8.030  1.00 35.57 ? 310 HOH A O   1 
HETATM 1687 O O   . HOH B 2 .   ? 6.404   11.495  -5.109  1.00 55.34 ? 311 HOH A O   1 
HETATM 1688 O O   . HOH B 2 .   ? 4.106   -11.062 -18.202 1.00 56.65 ? 312 HOH A O   1 
HETATM 1689 O O   . HOH B 2 .   ? -0.073  -12.467 -7.872  1.00 47.90 ? 313 HOH A O   1 
HETATM 1690 O O   . HOH B 2 .   ? 7.144   2.355   -15.079 1.00 39.57 ? 314 HOH A O   1 
HETATM 1691 O O   . HOH B 2 .   ? -12.844 6.202   -6.269  1.00 30.09 ? 315 HOH A O   1 
HETATM 1692 O O   . HOH B 2 .   ? 4.094   -15.779 -4.899  1.00 47.63 ? 316 HOH A O   1 
HETATM 1693 O O   . HOH B 2 .   ? 2.411   -14.374 -8.147  1.00 54.15 ? 317 HOH A O   1 
HETATM 1694 O O   . HOH B 2 .   ? 3.112   -13.289 3.757   1.00 51.49 ? 318 HOH A O   1 
HETATM 1695 O O   . HOH B 2 .   ? 11.248  -8.748  6.948   1.00 45.48 ? 319 HOH A O   1 
HETATM 1696 O O   . HOH B 2 .   ? -10.468 -13.303 -2.407  1.00 39.48 ? 320 HOH A O   1 
HETATM 1697 O O   . HOH B 2 .   ? -26.043 -3.983  4.540   1.00 56.86 ? 321 HOH A O   1 
HETATM 1698 O O   . HOH B 2 .   ? 0.173   -0.665  -12.722 1.00 49.95 ? 322 HOH A O   1 
HETATM 1699 O O   . HOH B 2 .   ? 5.283   13.200  5.051   1.00 52.37 ? 323 HOH A O   1 
HETATM 1700 O O   . HOH B 2 .   ? -5.763  6.334   8.753   1.00 56.82 ? 324 HOH A O   1 
HETATM 1701 O O   . HOH B 2 .   ? 15.640  12.868  -2.857  0.50 28.52 ? 325 HOH A O   1 
HETATM 1702 O O   . HOH B 2 .   ? -26.808 11.450  0.963   0.50 41.37 ? 326 HOH A O   1 
HETATM 1703 O O   . HOH B 2 .   ? 1.688   -7.154  0.604   1.00 44.98 ? 327 HOH A O   1 
HETATM 1704 O O   . HOH B 2 .   ? 24.549  13.160  8.420   1.00 53.87 ? 328 HOH A O   1 
HETATM 1705 O O   . HOH B 2 .   ? 20.826  -10.014 1.980   1.00 46.46 ? 329 HOH A O   1 
HETATM 1706 O O   . HOH B 2 .   ? 2.487   -2.623  9.381   1.00 45.37 ? 330 HOH A O   1 
HETATM 1707 O O   . HOH B 2 .   ? -22.420 17.763  3.268   1.00 50.35 ? 331 HOH A O   1 
HETATM 1708 O O   . HOH B 2 .   ? -12.613 -9.450  6.341   1.00 46.98 ? 332 HOH A O   1 
HETATM 1709 O O   . HOH B 2 .   ? -31.711 -11.354 0.953   1.00 54.97 ? 333 HOH A O   1 
HETATM 1710 O O   . HOH B 2 .   ? -24.901 -12.059 2.372   1.00 49.78 ? 334 HOH A O   1 
HETATM 1711 O O   . HOH B 2 .   ? 22.744  1.569   -9.917  1.00 57.26 ? 335 HOH A O   1 
HETATM 1712 O O   . HOH B 2 .   ? 20.419  2.521   -10.780 1.00 51.44 ? 336 HOH A O   1 
HETATM 1713 O O   . HOH B 2 .   ? 9.124   -2.450  9.900   1.00 50.48 ? 337 HOH A O   1 
HETATM 1714 O O   . HOH B 2 .   ? 7.875   -4.032  -19.832 1.00 54.25 ? 338 HOH A O   1 
HETATM 1715 O O   . HOH B 2 .   ? 25.834  8.946   6.971   1.00 46.51 ? 339 HOH A O   1 
HETATM 1716 O O   . HOH B 2 .   ? 21.677  2.358   11.926  1.00 56.18 ? 340 HOH A O   1 
HETATM 1717 O O   . HOH B 2 .   ? -4.901  -1.032  -15.764 1.00 45.01 ? 341 HOH A O   1 
HETATM 1718 O O   . HOH B 2 .   ? 12.033  14.411  12.353  1.00 40.68 ? 342 HOH A O   1 
HETATM 1719 O O   . HOH B 2 .   ? 24.846  2.619   -9.199  1.00 49.21 ? 343 HOH A O   1 
HETATM 1720 O O   . HOH B 2 .   ? 28.046  -0.646  -3.739  1.00 52.58 ? 344 HOH A O   1 
HETATM 1721 O O   . HOH B 2 .   ? -18.502 -1.585  -10.199 1.00 42.79 ? 345 HOH A O   1 
HETATM 1722 O O   . HOH B 2 .   ? -12.614 -8.919  -2.761  1.00 43.35 ? 346 HOH A O   1 
HETATM 1723 O O   . HOH B 2 .   ? -25.801 -12.848 6.140   1.00 51.54 ? 347 HOH A O   1 
HETATM 1724 O O   . HOH B 2 .   ? -22.545 8.793   7.724   1.00 44.67 ? 348 HOH A O   1 
HETATM 1725 O O   . HOH B 2 .   ? -20.674 -6.425  13.420  1.00 51.16 ? 349 HOH A O   1 
HETATM 1726 O O   . HOH B 2 .   ? -15.761 6.048   15.176  1.00 56.47 ? 350 HOH A O   1 
# 
